data_8J60
#
_entry.id   8J60
#
_cell.length_a   1.00
_cell.length_b   1.00
_cell.length_c   1.00
_cell.angle_alpha   90.00
_cell.angle_beta   90.00
_cell.angle_gamma   90.00
#
_symmetry.space_group_name_H-M   'P 1'
#
loop_
_entity.id
_entity.type
_entity.pdbx_description
1 polymer "Polynucleotide 5'-hydroxyl-kinase GRC3"
2 polymer 'LAS1 protein'
#
loop_
_entity_poly.entity_id
_entity_poly.type
_entity_poly.pdbx_seq_one_letter_code
_entity_poly.pdbx_strand_id
1 'polypeptide(L)'
;MHKSAFQALQGDIPTYEVNSSDEQDSDQDEEDVEQPSEPMHRLVSAPAASIHIEESKYISSNFSFDDDNTIYGHDYVIFG
LKSNQNLIVKGQFVLEIQRGAIDINGVIYHSGVEPMKFINPSSSSIPLIQATQVLNSSLLENKESQENQHLFTPGYKSVI
KLTNLDTHLESIGRVCPLFKNLFWQFDNFFAEDSLRLLDQYELAFSDYTFYPITKPDNTVSVIKHKNWMDVIKSLTELYS
NDQSIKVIVIGGKNSGKSTFLRLLVQHMLSPTLQQLPINFMDLDPGQPEYSGTDCISLSKISEVQHGNHLSLTSTDSTQC
HYVGFNSPKDQPTRYNLLVEQLVRSYESDGELKHESLLINTPGWIKGYGLELTRTLIERVKPTHVIYLNSGTLGVDIDIP
KGTNLIPLQGSFNHSGSRYSSSQLRLLKTMAYFHKIDDFKFDFQPLLFSPPIQVSYGVSTGISALTHLKETGIGMDHLER
SIEATIVGIFKVKRDHLEECELFNKGQLPLLPYKEFIKLSTEFFRLALVHSIDQEKKIMNLYIPQFRTLDLTKEAIIMVR
GNTDLPIWEIASNEIVKRFKRQLPYITFEKGSSLEKKWKVRKNVQRRGQM
;
B,A
2 'polypeptide(L)'
;MNSHPRLTPWKSSDEVVYLKGLFFPADREQISRDELYRQYEEAISLVEMYSSRTRVSHILQSTAHLFSALMMLESFEGGL
DDTVRLTASMTIIRFVNGLLDPNQQSQFAIPLHLLAKKIDLPSLFVEFRHSATHDALPSLEMCKTCVDRAIDWVWDHYWD
GVLSIVEPQVETDDLEESLIKELKDLFKQYRRIRRQNITKLYKFGDSTPEGKEYWTCIAGIKDHADMANFYNVMIERIVS
NKLKWEHLRALFEPMMNHFIHLKGWDFPLGLIDSMLSKNYEYSKFRGIDDTERAYLNDQEFKCAQKWIRWLAIEQIDRYD
DVLVSKMIDTLGKTNHELNVELLEKLQSRFSADPVIKDKIQAKLTLIQRLSTDTKTKRMNNLEDIMSDLESLKKRAKVTP
TLHIKSFESHPNWTPKPFGVI
;
C,D
#
# COMPACT_ATOMS: atom_id res chain seq x y z
N SER A 60 -9.03 -30.70 33.79
CA SER A 60 -9.36 -31.45 35.00
C SER A 60 -8.55 -32.75 35.05
N SER A 61 -7.36 -32.74 34.47
CA SER A 61 -6.51 -33.91 34.47
C SER A 61 -5.99 -34.18 35.88
N ASN A 62 -5.99 -35.45 36.27
CA ASN A 62 -5.58 -35.84 37.61
C ASN A 62 -4.73 -37.11 37.53
N PHE A 63 -3.99 -37.37 38.62
CA PHE A 63 -3.14 -38.54 38.73
C PHE A 63 -3.61 -39.40 39.90
N SER A 64 -3.25 -40.68 39.86
CA SER A 64 -3.63 -41.59 40.92
C SER A 64 -2.97 -41.20 42.24
N PHE A 65 -3.75 -41.21 43.31
CA PHE A 65 -3.29 -40.84 44.65
C PHE A 65 -3.24 -42.07 45.52
N ASP A 66 -2.12 -42.28 46.21
CA ASP A 66 -1.92 -43.43 47.08
C ASP A 66 -1.69 -42.96 48.50
N ASP A 67 -2.32 -43.65 49.45
CA ASP A 67 -2.15 -43.37 50.88
C ASP A 67 -1.59 -44.61 51.56
N ASP A 68 -0.55 -44.38 52.38
CA ASP A 68 0.12 -45.44 53.14
C ASP A 68 0.84 -46.43 52.23
N ASN A 69 0.80 -46.18 50.92
CA ASN A 69 1.54 -47.03 49.98
C ASN A 69 2.83 -46.36 49.56
N THR A 70 2.76 -45.11 49.11
CA THR A 70 3.97 -44.37 48.78
C THR A 70 4.75 -44.04 50.03
N ILE A 71 6.08 -44.03 49.92
CA ILE A 71 6.97 -43.74 51.03
C ILE A 71 7.63 -42.39 50.80
N TYR A 72 7.61 -41.55 51.83
CA TYR A 72 8.23 -40.24 51.78
C TYR A 72 9.69 -40.38 52.23
N GLY A 73 10.61 -40.07 51.34
CA GLY A 73 12.02 -40.16 51.64
C GLY A 73 12.72 -38.82 51.44
N HIS A 74 13.92 -38.74 52.00
CA HIS A 74 14.72 -37.53 51.91
C HIS A 74 15.45 -37.53 50.57
N ASP A 75 15.24 -36.48 49.78
CA ASP A 75 15.85 -36.21 48.48
C ASP A 75 15.24 -37.11 47.40
N TYR A 76 14.41 -38.09 47.76
CA TYR A 76 13.78 -38.92 46.75
C TYR A 76 12.49 -39.51 47.30
N VAL A 77 11.55 -39.77 46.40
CA VAL A 77 10.25 -40.34 46.73
C VAL A 77 10.04 -41.56 45.85
N ILE A 78 9.50 -42.63 46.43
CA ILE A 78 9.20 -43.87 45.73
C ILE A 78 7.70 -44.08 45.71
N PHE A 79 7.14 -44.33 44.53
CA PHE A 79 5.72 -44.62 44.37
C PHE A 79 5.55 -46.04 43.86
N GLY A 80 4.64 -46.77 44.48
CA GLY A 80 4.22 -48.08 44.01
C GLY A 80 2.84 -47.98 43.37
N LEU A 81 2.82 -47.95 42.05
CA LEU A 81 1.59 -47.75 41.28
C LEU A 81 0.93 -49.08 41.02
N LYS A 82 -0.38 -49.14 41.24
CA LYS A 82 -1.14 -50.32 40.87
C LYS A 82 -1.24 -50.43 39.36
N SER A 83 -1.75 -51.57 38.89
CA SER A 83 -1.84 -51.80 37.45
C SER A 83 -2.71 -50.75 36.77
N ASN A 84 -3.85 -50.41 37.37
CA ASN A 84 -4.74 -49.38 36.83
C ASN A 84 -4.47 -48.03 37.52
N GLN A 85 -3.26 -47.51 37.28
CA GLN A 85 -2.84 -46.25 37.87
C GLN A 85 -2.03 -45.45 36.87
N ASN A 86 -2.15 -44.12 36.96
CA ASN A 86 -1.40 -43.20 36.11
C ASN A 86 -0.89 -42.06 36.96
N LEU A 87 0.21 -41.45 36.51
CA LEU A 87 0.86 -40.37 37.24
C LEU A 87 1.22 -39.24 36.29
N ILE A 88 0.92 -38.01 36.70
CA ILE A 88 1.41 -36.80 36.05
C ILE A 88 2.20 -36.02 37.10
N VAL A 89 3.44 -35.67 36.76
CA VAL A 89 4.34 -35.04 37.72
C VAL A 89 4.82 -33.72 37.15
N LYS A 90 4.62 -32.64 37.90
CA LYS A 90 5.07 -31.32 37.52
C LYS A 90 6.35 -30.96 38.25
N GLY A 91 7.29 -30.34 37.54
CA GLY A 91 8.54 -29.95 38.15
C GLY A 91 9.77 -30.46 37.42
N GLN A 92 10.81 -30.80 38.18
CA GLN A 92 12.07 -31.29 37.63
C GLN A 92 12.54 -32.44 38.51
N PHE A 93 12.70 -33.63 37.91
CA PHE A 93 12.99 -34.82 38.69
C PHE A 93 13.69 -35.86 37.83
N VAL A 94 14.65 -36.53 38.43
CA VAL A 94 15.31 -37.68 37.83
C VAL A 94 14.48 -38.92 38.16
N LEU A 95 14.16 -39.70 37.14
CA LEU A 95 13.18 -40.79 37.29
C LEU A 95 13.91 -42.11 37.11
N GLU A 96 14.07 -42.84 38.22
CA GLU A 96 14.54 -44.21 38.17
C GLU A 96 13.38 -45.17 38.43
N ILE A 97 13.52 -46.39 37.93
CA ILE A 97 12.50 -47.42 38.08
C ILE A 97 13.09 -48.55 38.93
N GLN A 98 12.42 -48.84 40.05
CA GLN A 98 12.89 -49.86 40.98
C GLN A 98 12.35 -51.24 40.60
N ARG A 99 11.03 -51.36 40.48
CA ARG A 99 10.39 -52.63 40.13
C ARG A 99 9.31 -52.37 39.10
N GLY A 100 9.27 -53.21 38.06
CA GLY A 100 8.23 -53.16 37.06
C GLY A 100 8.69 -52.42 35.83
N ALA A 101 7.74 -52.15 34.94
CA ALA A 101 7.99 -51.41 33.71
C ALA A 101 7.04 -50.23 33.65
N ILE A 102 7.58 -49.05 33.36
CA ILE A 102 6.79 -47.83 33.26
C ILE A 102 6.76 -47.38 31.81
N ASP A 103 5.58 -47.40 31.21
CA ASP A 103 5.40 -47.00 29.82
C ASP A 103 4.89 -45.56 29.81
N ILE A 104 5.74 -44.63 29.38
CA ILE A 104 5.44 -43.21 29.43
C ILE A 104 5.33 -42.68 28.01
N ASN A 105 4.30 -41.86 27.76
CA ASN A 105 4.15 -41.13 26.51
C ASN A 105 4.17 -42.06 25.30
N GLY A 106 3.58 -43.24 25.44
CA GLY A 106 3.43 -44.16 24.33
C GLY A 106 4.58 -45.10 24.08
N VAL A 107 5.66 -45.02 24.85
CA VAL A 107 6.79 -45.94 24.74
C VAL A 107 7.07 -46.52 26.12
N ILE A 108 7.58 -47.75 26.15
CA ILE A 108 7.74 -48.50 27.39
C ILE A 108 9.18 -48.37 27.89
N TYR A 109 9.31 -48.09 29.18
CA TYR A 109 10.60 -48.04 29.86
C TYR A 109 10.58 -49.01 31.03
N HIS A 110 11.61 -49.85 31.12
CA HIS A 110 11.61 -50.89 32.14
C HIS A 110 12.54 -50.51 33.28
N SER A 111 12.69 -51.44 34.24
CA SER A 111 13.51 -51.16 35.40
C SER A 111 14.99 -51.11 35.05
N GLY A 112 15.40 -51.84 34.01
CA GLY A 112 16.81 -51.97 33.73
C GLY A 112 17.44 -50.72 33.13
N VAL A 113 16.61 -49.84 32.56
CA VAL A 113 17.14 -48.67 31.87
C VAL A 113 17.77 -47.72 32.88
N GLU A 114 18.80 -47.01 32.45
CA GLU A 114 19.48 -46.04 33.30
C GLU A 114 18.54 -44.90 33.65
N PRO A 115 18.77 -44.23 34.79
CA PRO A 115 17.85 -43.17 35.21
C PRO A 115 17.81 -42.02 34.22
N MET A 116 16.62 -41.45 34.07
CA MET A 116 16.34 -40.42 33.07
C MET A 116 15.73 -39.20 33.73
N LYS A 117 16.14 -38.03 33.26
CA LYS A 117 15.89 -36.77 33.93
C LYS A 117 14.83 -35.96 33.19
N PHE A 118 13.83 -35.49 33.92
CA PHE A 118 12.66 -34.80 33.37
C PHE A 118 12.73 -33.32 33.69
N ILE A 119 12.52 -32.48 32.67
CA ILE A 119 12.30 -31.06 32.88
C ILE A 119 11.01 -30.68 32.17
N ASN A 120 9.89 -30.75 32.86
CA ASN A 120 8.61 -30.37 32.26
C ASN A 120 8.03 -29.14 32.94
N PRO A 121 7.90 -28.02 32.23
CA PRO A 121 7.37 -26.80 32.86
C PRO A 121 5.86 -26.70 32.79
N SER A 122 5.31 -25.64 33.38
CA SER A 122 3.85 -25.46 33.36
C SER A 122 3.37 -25.09 31.97
N SER A 123 4.23 -24.48 31.16
CA SER A 123 3.82 -24.06 29.82
C SER A 123 3.44 -25.24 28.95
N SER A 124 4.25 -26.30 28.97
CA SER A 124 3.99 -27.45 28.13
C SER A 124 3.12 -28.47 28.84
N SER A 125 2.62 -29.44 28.08
CA SER A 125 1.82 -30.51 28.64
C SER A 125 2.70 -31.53 29.36
N ILE A 126 2.17 -32.08 30.45
CA ILE A 126 2.95 -33.03 31.26
C ILE A 126 2.86 -34.42 30.64
N PRO A 127 4.00 -35.06 30.33
CA PRO A 127 3.94 -36.43 29.81
C PRO A 127 3.43 -37.44 30.83
N LEU A 128 2.42 -38.20 30.44
CA LEU A 128 1.85 -39.22 31.33
C LEU A 128 2.91 -40.26 31.69
N ILE A 129 2.92 -40.63 32.97
CA ILE A 129 3.78 -41.71 33.44
C ILE A 129 2.90 -42.88 33.87
N GLN A 130 2.64 -43.79 32.93
CA GLN A 130 1.73 -44.91 33.19
C GLN A 130 2.47 -46.08 33.80
N ALA A 131 1.78 -46.82 34.65
CA ALA A 131 2.29 -48.08 35.18
C ALA A 131 2.00 -49.26 34.27
N THR A 132 1.19 -49.07 33.23
CA THR A 132 0.85 -50.14 32.31
C THR A 132 2.00 -50.42 31.34
N VAL A 134 3.37 -54.18 30.78
CA VAL A 134 3.73 -54.28 32.19
C VAL A 134 4.87 -55.29 32.37
N LEU A 135 4.68 -56.48 31.81
CA LEU A 135 5.63 -57.57 31.96
C LEU A 135 6.42 -57.75 30.67
N ASN A 136 7.74 -57.86 30.81
CA ASN A 136 8.63 -58.09 29.68
C ASN A 136 9.80 -58.95 30.15
N SER A 137 10.52 -59.54 29.20
CA SER A 137 11.64 -60.41 29.52
C SER A 137 12.76 -59.62 30.17
N SER A 138 13.55 -60.29 31.00
CA SER A 138 14.70 -59.70 31.67
C SER A 138 15.97 -60.35 31.15
N LEU A 139 16.95 -59.56 30.66
CA LEU A 139 16.96 -58.09 30.51
C LEU A 139 16.75 -57.30 31.81
N LEU A 140 15.73 -56.45 31.81
CA LEU A 140 15.49 -55.51 32.90
C LEU A 140 15.37 -56.22 34.24
N GLU A 141 16.31 -55.91 35.14
CA GLU A 141 16.36 -56.52 36.47
C GLU A 141 15.80 -55.52 37.48
N ASN A 142 14.66 -55.85 38.05
CA ASN A 142 14.03 -54.99 39.05
C ASN A 142 14.85 -54.98 40.34
N LYS A 143 14.90 -53.82 40.98
CA LYS A 143 15.64 -53.66 42.24
C LYS A 143 15.05 -52.53 43.07
N LEU A 151 11.75 -50.37 49.09
CA LEU A 151 12.03 -51.72 48.64
C LEU A 151 11.66 -52.74 49.70
N PHE A 152 11.17 -52.24 50.85
CA PHE A 152 10.80 -53.15 51.94
C PHE A 152 9.63 -54.03 51.54
N THR A 153 8.64 -53.49 50.85
CA THR A 153 7.46 -54.22 50.44
C THR A 153 7.33 -54.21 48.92
N PRO A 154 7.13 -55.37 48.29
CA PRO A 154 6.91 -55.36 46.83
C PRO A 154 5.71 -54.54 46.41
N GLY A 155 4.64 -54.56 47.22
CA GLY A 155 3.47 -53.75 46.91
C GLY A 155 2.85 -54.15 45.59
N TYR A 156 2.53 -53.14 44.78
CA TYR A 156 1.93 -53.39 43.47
C TYR A 156 2.97 -53.87 42.48
N LYS A 157 2.55 -54.00 41.22
CA LYS A 157 3.43 -54.54 40.19
C LYS A 157 4.61 -53.62 39.93
N SER A 158 4.36 -52.31 39.80
CA SER A 158 5.40 -51.35 39.43
C SER A 158 5.70 -50.42 40.59
N VAL A 159 6.97 -50.08 40.75
CA VAL A 159 7.45 -49.21 41.83
C VAL A 159 8.39 -48.18 41.20
N ILE A 160 7.89 -46.97 41.00
CA ILE A 160 8.70 -45.90 40.42
C ILE A 160 9.43 -45.16 41.52
N LYS A 161 10.65 -44.72 41.24
CA LYS A 161 11.48 -44.01 42.19
C LYS A 161 11.81 -42.64 41.62
N LEU A 162 11.29 -41.58 42.24
CA LEU A 162 11.50 -40.22 41.79
C LEU A 162 12.62 -39.59 42.60
N THR A 163 13.64 -39.10 41.91
CA THR A 163 14.79 -38.49 42.55
C THR A 163 14.74 -36.99 42.36
N ASN A 164 14.92 -36.25 43.45
CA ASN A 164 14.97 -34.79 43.37
C ASN A 164 16.12 -34.36 42.47
N LEU A 165 15.81 -33.45 41.55
CA LEU A 165 16.79 -32.96 40.59
C LEU A 165 17.11 -31.51 40.93
N ASP A 166 18.28 -31.29 41.54
CA ASP A 166 18.73 -29.96 41.92
C ASP A 166 19.18 -29.24 40.66
N THR A 167 18.22 -28.86 39.82
CA THR A 167 18.51 -28.16 38.59
C THR A 167 18.64 -26.66 38.77
N HIS A 168 18.44 -26.16 39.99
CA HIS A 168 18.52 -24.74 40.33
C HIS A 168 17.55 -23.88 39.54
N LEU A 169 16.55 -24.49 38.89
CA LEU A 169 15.40 -23.73 38.46
C LEU A 169 14.54 -23.38 39.69
N GLU A 170 13.45 -22.68 39.44
CA GLU A 170 12.65 -21.94 40.41
C GLU A 170 13.38 -20.66 40.83
N SER A 171 14.63 -20.48 40.41
CA SER A 171 15.38 -19.25 40.65
C SER A 171 15.07 -18.18 39.62
N ILE A 172 14.30 -18.51 38.58
CA ILE A 172 13.83 -17.51 37.64
C ILE A 172 12.94 -16.49 38.32
N GLY A 173 12.31 -16.87 39.43
CA GLY A 173 11.48 -15.93 40.16
C GLY A 173 12.25 -14.75 40.70
N ARG A 174 13.56 -14.94 40.96
CA ARG A 174 14.36 -13.84 41.49
C ARG A 174 14.46 -12.70 40.47
N VAL A 175 14.61 -13.05 39.20
CA VAL A 175 14.71 -12.01 38.17
C VAL A 175 13.35 -11.71 37.55
N CYS A 176 12.49 -12.72 37.46
CA CYS A 176 11.21 -12.59 36.77
C CYS A 176 10.06 -12.84 37.72
N PRO A 177 9.02 -12.00 37.72
CA PRO A 177 7.90 -12.22 38.64
C PRO A 177 6.95 -13.33 38.20
N LEU A 178 6.62 -13.38 36.91
CA LEU A 178 5.59 -14.32 36.47
C LEU A 178 6.19 -15.69 36.13
N PHE A 179 7.44 -15.73 35.68
CA PHE A 179 8.05 -16.99 35.30
C PHE A 179 8.27 -17.92 36.47
N LYS A 180 8.14 -17.44 37.71
CA LYS A 180 8.36 -18.30 38.87
C LYS A 180 7.35 -19.45 38.90
N ASN A 181 6.15 -19.23 38.36
CA ASN A 181 5.11 -20.24 38.44
C ASN A 181 5.27 -21.34 37.39
N LEU A 182 6.11 -21.14 36.37
CA LEU A 182 6.29 -22.18 35.36
C LEU A 182 6.89 -23.44 35.97
N PHE A 183 7.98 -23.31 36.68
CA PHE A 183 8.74 -24.45 37.14
C PHE A 183 8.25 -24.87 38.52
N TRP A 184 8.96 -25.77 39.18
CA TRP A 184 8.51 -26.34 40.45
C TRP A 184 8.68 -25.28 41.53
N GLN A 185 7.57 -24.84 42.09
CA GLN A 185 7.58 -23.92 43.23
C GLN A 185 6.27 -24.07 43.96
N PHE A 186 6.34 -24.07 45.29
CA PHE A 186 5.17 -24.11 46.13
C PHE A 186 4.78 -22.69 46.50
N ASP A 187 3.82 -22.14 45.78
CA ASP A 187 3.43 -20.75 45.94
C ASP A 187 2.05 -20.49 45.35
N LEU A 203 -4.34 -32.42 52.63
CA LEU A 203 -3.37 -33.47 52.92
C LEU A 203 -2.00 -32.88 53.26
N ALA A 204 -1.08 -33.74 53.67
CA ALA A 204 0.29 -33.34 54.00
C ALA A 204 1.21 -33.74 52.86
N PHE A 205 1.92 -32.75 52.31
CA PHE A 205 2.83 -32.98 51.20
C PHE A 205 4.15 -32.26 51.47
N SER A 206 5.25 -32.98 51.31
CA SER A 206 6.57 -32.36 51.46
C SER A 206 6.90 -31.52 50.23
N ASP A 207 7.91 -30.66 50.37
CA ASP A 207 8.24 -29.67 49.35
C ASP A 207 9.49 -30.10 48.61
N TYR A 208 9.31 -30.70 47.43
CA TYR A 208 10.42 -31.12 46.58
C TYR A 208 10.35 -30.46 45.21
N THR A 209 11.32 -30.76 44.35
CA THR A 209 11.35 -30.15 43.02
C THR A 209 10.42 -30.87 42.06
N PHE A 210 9.87 -32.01 42.49
CA PHE A 210 8.82 -32.69 41.76
C PHE A 210 7.55 -32.72 42.61
N TYR A 211 6.43 -32.36 42.00
CA TYR A 211 5.17 -32.32 42.72
C TYR A 211 4.11 -33.07 41.93
N PRO A 212 3.63 -34.21 42.44
CA PRO A 212 2.59 -34.95 41.74
C PRO A 212 1.21 -34.36 41.97
N ILE A 213 0.47 -34.12 40.89
CA ILE A 213 -0.82 -33.44 40.96
C ILE A 213 -1.86 -34.50 41.29
N THR A 214 -2.08 -34.74 42.58
CA THR A 214 -3.04 -35.74 43.01
C THR A 214 -4.47 -35.28 42.75
N LYS A 215 -4.86 -34.17 43.37
CA LYS A 215 -6.18 -33.58 43.11
C LYS A 215 -6.19 -32.97 41.72
N PRO A 216 -7.34 -32.98 41.02
CA PRO A 216 -7.34 -32.51 39.64
C PRO A 216 -7.20 -30.99 39.55
N ASP A 217 -6.38 -30.54 38.61
CA ASP A 217 -6.05 -29.13 38.46
C ASP A 217 -6.15 -28.74 36.99
N ASN A 218 -5.86 -27.47 36.72
CA ASN A 218 -5.97 -26.96 35.36
C ASN A 218 -4.77 -27.37 34.50
N THR A 219 -3.75 -27.96 35.13
CA THR A 219 -2.56 -28.36 34.39
C THR A 219 -2.88 -29.45 33.38
N VAL A 220 -2.46 -29.23 32.14
CA VAL A 220 -2.75 -30.18 31.07
C VAL A 220 -1.78 -31.35 31.10
N SER A 221 -2.15 -32.41 30.39
CA SER A 221 -1.34 -33.63 30.30
C SER A 221 -1.16 -33.99 28.83
N VAL A 222 -0.05 -34.67 28.52
CA VAL A 222 0.22 -35.06 27.14
C VAL A 222 -0.75 -36.16 26.74
N ILE A 223 -1.76 -35.78 25.95
CA ILE A 223 -2.71 -36.75 25.41
C ILE A 223 -2.80 -36.50 23.91
N LYS A 224 -2.49 -37.53 23.13
CA LYS A 224 -2.46 -37.39 21.68
C LYS A 224 -3.42 -38.39 21.07
N HIS A 225 -3.96 -38.03 19.91
CA HIS A 225 -4.92 -38.88 19.23
C HIS A 225 -4.27 -40.18 18.79
N LYS A 226 -5.09 -41.22 18.63
CA LYS A 226 -4.57 -42.50 18.20
C LYS A 226 -3.91 -42.40 16.84
N ASN A 227 -4.41 -41.49 15.98
CA ASN A 227 -3.71 -41.21 14.72
C ASN A 227 -2.34 -40.61 14.99
N TRP A 228 -2.26 -39.62 15.89
CA TRP A 228 -0.98 -39.03 16.27
C TRP A 228 -0.01 -40.11 16.73
N MET A 229 -0.51 -41.12 17.44
CA MET A 229 0.38 -42.14 17.98
C MET A 229 0.79 -43.15 16.92
N ASP A 230 -0.15 -43.65 16.10
CA ASP A 230 0.21 -44.73 15.21
C ASP A 230 0.99 -44.21 14.00
N VAL A 231 0.75 -42.97 13.58
CA VAL A 231 1.57 -42.40 12.51
C VAL A 231 3.02 -42.25 12.97
N ILE A 232 3.21 -41.77 14.20
CA ILE A 232 4.57 -41.57 14.71
C ILE A 232 5.20 -42.91 15.08
N LYS A 233 4.38 -43.94 15.27
CA LYS A 233 4.92 -45.26 15.59
C LYS A 233 5.27 -46.04 14.33
N SER A 234 4.58 -45.77 13.22
CA SER A 234 4.90 -46.43 11.97
C SER A 234 6.30 -46.07 11.49
N LEU A 235 6.81 -44.92 11.93
CA LEU A 235 8.21 -44.58 11.64
C LEU A 235 9.15 -45.43 12.50
N THR A 236 8.70 -45.82 13.70
CA THR A 236 9.57 -46.57 14.60
C THR A 236 9.86 -47.97 14.07
N GLU A 237 8.85 -48.64 13.51
CA GLU A 237 9.06 -49.97 12.97
C GLU A 237 10.01 -49.94 11.78
N LEU A 238 9.90 -48.91 10.93
CA LEU A 238 10.79 -48.79 9.79
C LEU A 238 12.19 -48.35 10.25
N TYR A 239 12.27 -47.72 11.42
CA TYR A 239 13.57 -47.48 12.03
C TYR A 239 14.17 -48.76 12.60
N SER A 240 13.33 -49.69 13.02
CA SER A 240 13.82 -50.93 13.62
C SER A 240 14.66 -51.72 12.62
N ASN A 241 14.20 -51.83 11.38
CA ASN A 241 15.00 -52.47 10.35
C ASN A 241 15.82 -51.44 9.59
N ASP A 242 16.76 -51.95 8.78
CA ASP A 242 17.67 -51.08 8.04
C ASP A 242 16.91 -50.25 7.01
N GLN A 243 17.44 -49.07 6.71
CA GLN A 243 18.61 -48.52 7.40
C GLN A 243 18.31 -47.17 8.06
N SER A 244 17.80 -46.23 7.27
CA SER A 244 17.57 -44.87 7.72
C SER A 244 16.35 -44.31 7.03
N ILE A 245 15.77 -43.25 7.61
CA ILE A 245 14.60 -42.57 7.06
C ILE A 245 14.86 -41.08 7.14
N LYS A 246 14.46 -40.34 6.11
CA LYS A 246 14.46 -38.89 6.16
C LYS A 246 13.04 -38.38 6.33
N VAL A 247 12.84 -37.54 7.34
CA VAL A 247 11.50 -37.13 7.76
C VAL A 247 11.43 -35.61 7.79
N ILE A 248 10.30 -35.06 7.36
CA ILE A 248 10.03 -33.63 7.44
C ILE A 248 8.83 -33.42 8.33
N VAL A 249 8.79 -32.27 9.00
CA VAL A 249 7.61 -31.86 9.74
C VAL A 249 7.27 -30.43 9.33
N ILE A 250 6.05 -30.25 8.87
CA ILE A 250 5.57 -28.95 8.37
C ILE A 250 4.35 -28.55 9.17
N GLY A 251 4.34 -27.30 9.65
CA GLY A 251 3.19 -26.81 10.39
C GLY A 251 3.34 -25.36 10.75
N GLY A 252 2.24 -24.78 11.22
CA GLY A 252 2.26 -23.41 11.67
C GLY A 252 2.93 -23.26 13.03
N LYS A 253 2.99 -22.02 13.50
CA LYS A 253 3.64 -21.73 14.77
C LYS A 253 2.90 -22.40 15.92
N ASN A 254 1.58 -22.44 15.87
CA ASN A 254 0.76 -23.09 16.89
C ASN A 254 0.28 -24.48 16.48
N SER A 255 0.86 -25.04 15.41
CA SER A 255 0.42 -26.36 14.95
C SER A 255 0.82 -27.45 15.93
N GLY A 256 1.97 -27.31 16.56
CA GLY A 256 2.46 -28.34 17.46
C GLY A 256 3.56 -29.21 16.90
N LYS A 257 4.43 -28.66 16.05
CA LYS A 257 5.53 -29.46 15.51
C LYS A 257 6.50 -29.88 16.60
N SER A 258 6.63 -29.07 17.66
CA SER A 258 7.58 -29.37 18.71
C SER A 258 7.21 -30.65 19.46
N THR A 259 5.93 -30.77 19.86
CA THR A 259 5.51 -31.97 20.56
C THR A 259 5.64 -33.20 19.67
N PHE A 260 5.27 -33.06 18.39
CA PHE A 260 5.41 -34.16 17.44
C PHE A 260 6.86 -34.62 17.34
N LEU A 261 7.78 -33.68 17.16
CA LEU A 261 9.18 -34.02 16.98
C LEU A 261 9.82 -34.57 18.24
N ARG A 262 9.41 -34.09 19.41
CA ARG A 262 9.88 -34.69 20.66
C ARG A 262 9.33 -36.10 20.85
N LEU A 263 8.08 -36.33 20.48
CA LEU A 263 7.51 -37.68 20.53
C LEU A 263 8.28 -38.63 19.63
N LEU A 264 8.62 -38.18 18.43
CA LEU A 264 9.30 -39.05 17.47
C LEU A 264 10.67 -39.46 17.97
N VAL A 265 11.43 -38.51 18.53
CA VAL A 265 12.74 -38.84 19.07
C VAL A 265 12.62 -39.72 20.30
N GLN A 266 11.64 -39.44 21.16
CA GLN A 266 11.38 -40.32 22.30
C GLN A 266 11.03 -41.72 21.81
N HIS A 267 10.30 -41.82 20.70
CA HIS A 267 9.86 -43.12 20.21
C HIS A 267 11.02 -43.93 19.65
N MET A 268 11.85 -43.31 18.78
CA MET A 268 12.93 -44.10 18.20
C MET A 268 14.06 -44.35 19.19
N LEU A 269 14.27 -43.46 20.16
CA LEU A 269 15.41 -43.62 21.06
C LEU A 269 15.05 -44.52 22.25
N SER A 270 13.83 -45.04 22.27
CA SER A 270 13.44 -45.94 23.35
C SER A 270 14.31 -47.19 23.33
N PRO A 271 14.70 -47.73 24.50
CA PRO A 271 15.57 -48.91 24.56
C PRO A 271 14.86 -50.23 24.27
N THR A 272 14.05 -50.23 23.21
CA THR A 272 13.40 -51.44 22.71
C THR A 272 13.60 -51.60 21.22
N LEU A 273 14.43 -50.77 20.60
CA LEU A 273 14.71 -50.83 19.18
C LEU A 273 16.21 -50.59 18.98
N GLN A 274 16.58 -50.33 17.73
CA GLN A 274 17.97 -50.02 17.43
C GLN A 274 18.41 -48.76 18.16
N GLN A 275 19.59 -48.80 18.76
CA GLN A 275 20.05 -47.80 19.71
C GLN A 275 20.88 -46.71 19.04
N LEU A 276 21.14 -46.81 17.74
CA LEU A 276 22.01 -45.85 17.08
C LEU A 276 21.38 -44.45 17.15
N PRO A 277 22.19 -43.40 17.28
CA PRO A 277 21.63 -42.06 17.53
C PRO A 277 20.93 -41.50 16.30
N ILE A 278 19.73 -40.94 16.52
CA ILE A 278 19.03 -40.25 15.45
C ILE A 278 19.79 -38.99 15.07
N ASN A 279 19.65 -38.57 13.83
CA ASN A 279 20.19 -37.30 13.37
C ASN A 279 19.06 -36.30 13.22
N PHE A 280 19.11 -35.23 14.02
CA PHE A 280 18.02 -34.26 14.10
C PHE A 280 18.50 -32.94 13.51
N MET A 281 17.74 -32.44 12.53
CA MET A 281 18.02 -31.15 11.91
C MET A 281 16.93 -30.18 12.28
N ASP A 282 17.31 -29.08 12.93
CA ASP A 282 16.35 -28.10 13.45
C ASP A 282 16.55 -26.80 12.70
N LEU A 283 15.67 -26.54 11.73
CA LEU A 283 15.81 -25.40 10.84
C LEU A 283 14.90 -24.24 11.20
N ASP A 284 14.29 -24.25 12.38
CA ASP A 284 13.40 -23.18 12.80
C ASP A 284 14.12 -22.27 13.78
N PRO A 285 14.42 -21.02 13.41
CA PRO A 285 15.10 -20.14 14.37
C PRO A 285 14.16 -19.54 15.41
N GLY A 286 12.89 -19.32 15.06
CA GLY A 286 11.99 -18.64 15.97
C GLY A 286 11.63 -19.45 17.19
N GLN A 287 11.25 -20.70 17.00
CA GLN A 287 10.79 -21.58 18.08
C GLN A 287 11.57 -22.89 18.00
N PRO A 288 12.87 -22.85 18.27
CA PRO A 288 13.69 -24.05 18.11
C PRO A 288 13.70 -24.93 19.35
N GLU A 289 14.01 -26.19 19.12
CA GLU A 289 14.25 -27.15 20.18
C GLU A 289 15.53 -27.91 19.86
N TYR A 290 16.21 -28.36 20.91
CA TYR A 290 17.57 -28.91 20.82
C TYR A 290 18.56 -27.91 20.24
N SER A 291 18.21 -26.63 20.25
CA SER A 291 19.08 -25.58 19.72
C SER A 291 18.86 -24.32 20.52
N GLY A 292 19.94 -23.64 20.89
CA GLY A 292 19.82 -22.36 21.55
C GLY A 292 19.08 -21.36 20.68
N THR A 293 18.80 -20.19 21.26
CA THR A 293 18.06 -19.16 20.53
C THR A 293 18.81 -18.76 19.27
N ASP A 294 18.09 -18.64 18.16
CA ASP A 294 18.64 -18.29 16.86
C ASP A 294 19.73 -19.27 16.41
N CYS A 295 19.43 -20.57 16.46
CA CYS A 295 20.25 -21.59 15.83
C CYS A 295 19.48 -22.35 14.75
N ILE A 296 20.16 -22.54 13.63
CA ILE A 296 19.97 -23.70 12.76
C ILE A 296 21.01 -24.73 13.20
N SER A 297 20.53 -25.88 13.66
CA SER A 297 21.45 -26.83 14.27
C SER A 297 21.11 -28.25 13.85
N LEU A 298 22.11 -28.96 13.35
CA LEU A 298 22.04 -30.40 13.14
C LEU A 298 22.57 -31.11 14.39
N SER A 299 21.68 -31.77 15.12
CA SER A 299 22.04 -32.35 16.41
C SER A 299 21.82 -33.85 16.36
N LYS A 300 22.89 -34.61 16.60
CA LYS A 300 22.80 -36.06 16.71
C LYS A 300 22.32 -36.40 18.11
N ILE A 301 21.04 -36.75 18.23
CA ILE A 301 20.43 -36.99 19.53
C ILE A 301 20.68 -38.44 19.93
N SER A 302 21.51 -38.64 20.96
CA SER A 302 21.81 -39.97 21.46
C SER A 302 21.02 -40.35 22.70
N GLU A 303 20.60 -39.37 23.50
CA GLU A 303 19.78 -39.60 24.68
C GLU A 303 18.48 -38.82 24.58
N VAL A 304 17.48 -39.27 25.32
CA VAL A 304 16.13 -38.73 25.26
C VAL A 304 16.03 -37.56 26.23
N GLN A 305 15.45 -36.46 25.75
CA GLN A 305 15.09 -35.34 26.60
C GLN A 305 13.62 -35.51 26.99
N HIS A 306 13.38 -36.06 28.18
CA HIS A 306 12.09 -36.60 28.55
C HIS A 306 11.04 -35.55 28.88
N GLY A 307 11.42 -34.29 29.01
CA GLY A 307 10.46 -33.24 29.21
C GLY A 307 10.56 -32.23 28.08
N ASN A 308 9.72 -31.20 28.16
CA ASN A 308 9.83 -30.08 27.24
C ASN A 308 10.98 -29.20 27.70
N HIS A 309 12.19 -29.74 27.56
CA HIS A 309 13.38 -28.94 27.80
C HIS A 309 13.34 -27.71 26.90
N LEU A 310 13.69 -26.57 27.47
CA LEU A 310 13.53 -25.29 26.81
C LEU A 310 14.74 -24.94 25.95
N SER A 311 15.43 -25.95 25.41
CA SER A 311 16.74 -25.90 24.78
C SER A 311 17.83 -25.83 25.86
N LEU A 312 17.46 -25.99 27.13
CA LEU A 312 18.41 -25.83 28.21
C LEU A 312 19.47 -26.92 28.19
N THR A 313 19.04 -28.19 28.13
CA THR A 313 19.99 -29.28 28.09
C THR A 313 20.50 -29.51 26.67
N SER A 314 21.78 -29.87 26.57
CA SER A 314 22.46 -29.99 25.30
C SER A 314 22.67 -31.45 24.96
N THR A 315 22.31 -31.84 23.73
CA THR A 315 22.68 -33.12 23.16
C THR A 315 23.84 -32.87 22.21
N ASP A 316 24.77 -33.83 22.13
CA ASP A 316 25.99 -33.61 21.37
C ASP A 316 25.68 -33.32 19.91
N SER A 317 25.88 -32.06 19.52
CA SER A 317 25.58 -31.59 18.19
C SER A 317 26.86 -31.07 17.56
N THR A 318 27.03 -31.37 16.26
CA THR A 318 28.25 -30.97 15.58
C THR A 318 28.39 -29.46 15.55
N GLN A 319 27.32 -28.72 15.26
CA GLN A 319 27.41 -27.26 15.26
C GLN A 319 26.03 -26.63 15.29
N CYS A 320 25.92 -25.51 16.01
CA CYS A 320 24.94 -24.48 15.75
C CYS A 320 25.29 -23.73 14.47
N HIS A 321 24.30 -23.00 13.94
CA HIS A 321 24.54 -22.02 12.90
C HIS A 321 23.69 -20.81 13.23
N TYR A 322 24.34 -19.70 13.56
CA TYR A 322 23.66 -18.52 14.07
C TYR A 322 23.03 -17.78 12.90
N VAL A 323 21.72 -17.97 12.72
CA VAL A 323 21.00 -17.17 11.74
C VAL A 323 21.00 -15.71 12.17
N GLY A 324 20.78 -15.45 13.46
CA GLY A 324 20.70 -14.11 13.98
C GLY A 324 19.33 -13.48 13.92
N PHE A 325 18.35 -14.15 13.32
CA PHE A 325 17.03 -13.56 13.12
C PHE A 325 15.96 -14.53 13.59
N ASN A 326 14.85 -13.96 14.05
CA ASN A 326 13.74 -14.79 14.53
C ASN A 326 13.15 -15.63 13.42
N SER A 327 13.09 -15.11 12.20
CA SER A 327 12.42 -15.76 11.10
C SER A 327 13.28 -15.75 9.86
N PRO A 328 13.09 -16.69 8.94
CA PRO A 328 13.87 -16.68 7.70
C PRO A 328 13.48 -15.57 6.75
N LYS A 329 12.46 -14.76 7.07
CA LYS A 329 12.07 -13.69 6.15
C LYS A 329 13.16 -12.62 6.05
N ASP A 330 13.90 -12.41 7.14
CA ASP A 330 14.80 -11.26 7.19
C ASP A 330 15.99 -11.42 6.26
N GLN A 331 16.59 -12.61 6.21
CA GLN A 331 17.66 -12.91 5.26
C GLN A 331 17.38 -14.25 4.61
N PRO A 332 16.52 -14.29 3.59
CA PRO A 332 16.25 -15.57 2.93
C PRO A 332 17.47 -16.20 2.30
N THR A 333 18.41 -15.40 1.80
CA THR A 333 19.58 -15.97 1.14
C THR A 333 20.55 -16.57 2.15
N ARG A 334 20.75 -15.89 3.30
CA ARG A 334 21.59 -16.46 4.34
C ARG A 334 20.98 -17.74 4.90
N TYR A 335 19.67 -17.72 5.15
CA TYR A 335 18.99 -18.91 5.65
C TYR A 335 19.08 -20.06 4.65
N ASN A 336 18.92 -19.76 3.37
CA ASN A 336 18.99 -20.81 2.36
C ASN A 336 20.39 -21.39 2.25
N LEU A 337 21.41 -20.52 2.17
CA LEU A 337 22.78 -21.00 2.08
C LEU A 337 23.20 -21.73 3.35
N LEU A 338 22.57 -21.42 4.47
CA LEU A 338 22.92 -22.07 5.72
C LEU A 338 22.23 -23.43 5.85
N VAL A 339 20.96 -23.51 5.46
CA VAL A 339 20.26 -24.80 5.44
C VAL A 339 20.92 -25.75 4.45
N GLU A 340 21.29 -25.23 3.28
CA GLU A 340 21.96 -26.05 2.28
C GLU A 340 23.29 -26.58 2.79
N GLN A 341 24.05 -25.75 3.49
CA GLN A 341 25.34 -26.16 4.02
C GLN A 341 25.20 -27.11 5.22
N LEU A 342 24.10 -27.03 5.97
CA LEU A 342 23.82 -28.00 7.01
C LEU A 342 23.39 -29.34 6.45
N VAL A 343 22.61 -29.33 5.37
CA VAL A 343 22.22 -30.56 4.70
C VAL A 343 23.44 -31.29 4.16
N ARG A 344 24.53 -30.57 3.84
CA ARG A 344 25.76 -31.22 3.41
C ARG A 344 26.29 -32.15 4.51
N SER A 345 26.41 -31.63 5.74
CA SER A 345 26.88 -32.47 6.83
C SER A 345 25.86 -33.55 7.18
N TYR A 346 24.57 -33.22 7.05
CA TYR A 346 23.53 -34.22 7.29
C TYR A 346 23.66 -35.40 6.33
N GLU A 347 23.97 -35.11 5.07
CA GLU A 347 24.15 -36.17 4.07
C GLU A 347 25.47 -36.89 4.28
N SER A 348 26.50 -36.18 4.74
CA SER A 348 27.79 -36.82 5.00
C SER A 348 27.69 -37.80 6.15
N ASP A 349 26.87 -37.51 7.16
CA ASP A 349 26.73 -38.36 8.32
C ASP A 349 25.45 -39.19 8.31
N GLY A 350 24.65 -39.13 7.25
CA GLY A 350 23.39 -39.85 7.24
C GLY A 350 23.25 -40.81 6.07
N GLU A 351 24.03 -40.59 5.01
CA GLU A 351 23.90 -41.40 3.79
C GLU A 351 24.18 -42.87 4.05
N LYS A 353 26.97 -43.74 9.74
CA LYS A 353 26.27 -43.29 8.54
C LYS A 353 24.89 -43.92 8.45
N HIS A 354 24.61 -44.86 9.35
CA HIS A 354 23.31 -45.52 9.33
C HIS A 354 22.24 -44.69 10.04
N GLU A 355 22.64 -43.56 10.62
CA GLU A 355 21.70 -42.72 11.33
C GLU A 355 20.63 -42.17 10.41
N SER A 356 19.43 -41.98 10.95
CA SER A 356 18.27 -41.51 10.19
C SER A 356 18.09 -40.02 10.41
N LEU A 357 17.90 -39.30 9.30
CA LEU A 357 17.75 -37.85 9.36
C LEU A 357 16.33 -37.46 9.77
N LEU A 358 16.20 -36.27 10.35
CA LEU A 358 14.92 -35.75 10.81
C LEU A 358 14.98 -34.22 10.81
N ILE A 359 13.94 -33.59 10.29
CA ILE A 359 13.96 -32.13 10.04
C ILE A 359 12.75 -31.46 10.68
N ASN A 360 13.01 -30.30 11.26
CA ASN A 360 12.00 -29.32 11.63
C ASN A 360 12.01 -28.20 10.61
N THR A 361 10.85 -27.62 10.37
CA THR A 361 10.72 -26.52 9.41
C THR A 361 10.04 -25.35 10.09
N PRO A 362 10.30 -24.12 9.63
CA PRO A 362 9.74 -22.95 10.30
C PRO A 362 8.22 -22.97 10.35
N GLY A 363 7.66 -22.07 11.16
CA GLY A 363 6.22 -21.98 11.29
C GLY A 363 5.53 -21.53 10.01
N TRP A 364 6.31 -21.03 9.05
CA TRP A 364 5.76 -20.66 7.76
C TRP A 364 5.21 -21.87 7.00
N ILE A 365 3.92 -21.80 6.68
CA ILE A 365 3.27 -22.70 5.74
C ILE A 365 2.65 -21.85 4.65
N LYS A 366 2.53 -20.55 4.92
CA LYS A 366 1.97 -19.61 3.96
C LYS A 366 3.07 -18.79 3.32
N GLY A 367 2.85 -18.37 2.08
CA GLY A 367 3.75 -17.44 1.43
C GLY A 367 5.09 -18.09 1.09
N TYR A 368 6.17 -17.33 1.29
CA TYR A 368 7.50 -17.76 0.88
C TYR A 368 7.95 -18.97 1.69
N GLY A 369 7.31 -19.21 2.84
CA GLY A 369 7.62 -20.41 3.60
C GLY A 369 7.26 -21.70 2.90
N LEU A 370 6.16 -21.71 2.15
CA LEU A 370 5.84 -22.88 1.36
C LEU A 370 6.91 -23.14 0.31
N GLU A 371 7.43 -22.08 -0.30
CA GLU A 371 8.52 -22.23 -1.26
C GLU A 371 9.79 -22.73 -0.59
N LEU A 372 10.09 -22.24 0.61
CA LEU A 372 11.23 -22.76 1.35
C LEU A 372 11.08 -24.25 1.64
N THR A 373 9.90 -24.67 2.08
CA THR A 373 9.67 -26.09 2.34
C THR A 373 9.78 -26.92 1.08
N ARG A 374 9.25 -26.42 -0.04
CA ARG A 374 9.36 -27.15 -1.30
C ARG A 374 10.81 -27.28 -1.75
N THR A 375 11.60 -26.21 -1.63
CA THR A 375 13.01 -26.29 -1.97
C THR A 375 13.73 -27.27 -1.06
N LEU A 376 13.38 -27.29 0.22
CA LEU A 376 13.98 -28.24 1.16
C LEU A 376 13.64 -29.68 0.77
N ILE A 377 12.39 -29.93 0.41
CA ILE A 377 11.96 -31.29 0.08
C ILE A 377 12.70 -31.80 -1.15
N GLU A 378 12.88 -30.94 -2.14
CA GLU A 378 13.59 -31.35 -3.35
C GLU A 378 15.03 -31.73 -3.05
N ARG A 379 15.70 -30.96 -2.18
CA ARG A 379 17.10 -31.24 -1.88
C ARG A 379 17.26 -32.46 -1.00
N VAL A 380 16.46 -32.56 0.07
CA VAL A 380 16.62 -33.67 1.01
C VAL A 380 16.17 -34.98 0.40
N LYS A 381 15.17 -34.93 -0.48
CA LYS A 381 14.48 -36.10 -1.00
C LYS A 381 14.01 -36.97 0.16
N PRO A 382 13.15 -36.44 1.03
CA PRO A 382 12.81 -37.16 2.26
C PRO A 382 12.01 -38.43 1.97
N THR A 383 12.20 -39.43 2.84
CA THR A 383 11.42 -40.66 2.72
C THR A 383 9.99 -40.45 3.18
N HIS A 384 9.78 -39.61 4.19
CA HIS A 384 8.45 -39.24 4.64
C HIS A 384 8.34 -37.71 4.69
N VAL A 385 7.10 -37.23 4.64
CA VAL A 385 6.80 -35.83 4.91
C VAL A 385 5.53 -35.79 5.74
N ILE A 386 5.51 -34.92 6.75
CA ILE A 386 4.33 -34.76 7.60
C ILE A 386 3.89 -33.30 7.57
N TYR A 387 2.60 -33.10 7.33
CA TYR A 387 1.98 -31.79 7.40
C TYR A 387 0.98 -31.79 8.55
N LEU A 388 0.93 -30.70 9.30
CA LEU A 388 0.15 -30.65 10.53
C LEU A 388 -1.18 -29.93 10.37
N ASN A 389 -1.71 -29.82 9.16
CA ASN A 389 -3.00 -29.17 8.95
C ASN A 389 -3.61 -29.71 7.66
N SER A 390 -4.64 -29.01 7.19
CA SER A 390 -5.28 -29.31 5.91
C SER A 390 -5.40 -28.03 5.11
N GLY A 391 -5.04 -28.10 3.83
CA GLY A 391 -5.09 -26.95 2.95
C GLY A 391 -4.71 -27.25 1.53
N GLY A 394 -0.97 -27.09 0.68
CA GLY A 394 -1.06 -28.53 0.73
C GLY A 394 -0.85 -29.20 -0.61
N VAL A 395 -1.46 -28.64 -1.66
CA VAL A 395 -1.31 -29.18 -3.01
C VAL A 395 0.13 -29.05 -3.47
N ASP A 396 0.77 -27.91 -3.17
CA ASP A 396 2.15 -27.71 -3.59
C ASP A 396 3.08 -28.73 -2.95
N ILE A 397 2.86 -29.04 -1.67
CA ILE A 397 3.70 -30.00 -0.96
C ILE A 397 3.54 -31.41 -1.51
N ASP A 398 2.40 -31.69 -2.17
CA ASP A 398 2.11 -33.05 -2.61
C ASP A 398 3.17 -33.56 -3.60
N ILE A 399 3.85 -32.65 -4.28
CA ILE A 399 4.90 -33.00 -5.23
C ILE A 399 6.26 -32.73 -4.60
N PRO A 400 7.08 -33.76 -4.48
CA PRO A 400 6.72 -35.10 -4.95
C PRO A 400 6.89 -36.15 -3.84
N LYS A 401 7.49 -35.74 -2.73
CA LYS A 401 7.75 -36.67 -1.63
C LYS A 401 6.46 -37.12 -0.97
N GLY A 402 6.46 -38.35 -0.47
CA GLY A 402 5.28 -38.89 0.18
C GLY A 402 4.87 -38.05 1.37
N THR A 403 3.60 -37.65 1.39
CA THR A 403 3.09 -36.70 2.36
C THR A 403 2.05 -37.36 3.25
N ASN A 404 2.12 -37.03 4.54
CA ASN A 404 1.15 -37.48 5.52
C ASN A 404 0.37 -36.26 6.02
N LEU A 405 -0.93 -36.43 6.23
CA LEU A 405 -1.78 -35.38 6.77
C LEU A 405 -2.19 -35.75 8.18
N ILE A 406 -1.92 -34.85 9.13
CA ILE A 406 -2.23 -35.08 10.54
C ILE A 406 -2.94 -33.84 11.08
N PRO A 407 -4.00 -33.97 11.87
CA PRO A 407 -4.62 -32.77 12.46
C PRO A 407 -3.68 -32.08 13.43
N LEU A 408 -3.86 -30.76 13.52
CA LEU A 408 -2.91 -29.94 14.29
C LEU A 408 -2.90 -30.33 15.76
N GLN A 409 -4.07 -30.43 16.38
CA GLN A 409 -4.21 -30.70 17.82
C GLN A 409 -3.45 -29.60 18.55
N GLY A 410 -2.46 -29.92 19.38
CA GLY A 410 -1.70 -28.90 20.08
C GLY A 410 -2.32 -28.57 21.43
N SER A 411 -1.64 -27.66 22.14
CA SER A 411 -2.09 -27.24 23.46
C SER A 411 -3.38 -26.42 23.38
N SER A 417 -0.40 -19.92 31.00
CA SER A 417 0.49 -21.03 30.65
C SER A 417 1.91 -20.54 30.47
N ARG A 418 2.30 -20.34 29.21
CA ARG A 418 3.66 -19.86 28.90
C ARG A 418 3.95 -18.49 29.52
N TYR A 419 3.05 -17.51 29.39
CA TYR A 419 1.75 -17.56 28.74
C TYR A 419 1.84 -17.26 27.25
N SER A 420 2.94 -16.65 26.83
CA SER A 420 3.18 -16.31 25.43
C SER A 420 4.34 -17.13 24.90
N SER A 421 4.23 -17.57 23.65
CA SER A 421 5.31 -18.34 23.05
C SER A 421 6.52 -17.47 22.74
N SER A 422 6.28 -16.21 22.34
CA SER A 422 7.39 -15.30 22.08
C SER A 422 8.02 -14.83 23.38
N GLN A 423 7.26 -14.86 24.48
CA GLN A 423 7.82 -14.52 25.78
C GLN A 423 8.67 -15.66 26.33
N LEU A 424 8.44 -16.88 25.85
CA LEU A 424 9.25 -18.03 26.23
C LEU A 424 10.59 -17.97 25.53
N ARG A 425 10.65 -17.25 24.41
CA ARG A 425 11.91 -17.04 23.72
C ARG A 425 12.87 -16.25 24.61
N LEU A 426 12.34 -15.31 25.38
CA LEU A 426 13.17 -14.56 26.32
C LEU A 426 13.72 -15.46 27.41
N LEU A 427 12.91 -16.40 27.91
CA LEU A 427 13.41 -17.36 28.89
C LEU A 427 14.48 -18.25 28.29
N LYS A 428 14.29 -18.72 27.06
CA LYS A 428 15.30 -19.57 26.42
C LYS A 428 16.58 -18.78 26.16
N THR A 429 16.47 -17.49 25.91
CA THR A 429 17.66 -16.66 25.74
C THR A 429 18.37 -16.43 27.07
N MET A 430 17.62 -16.14 28.12
CA MET A 430 18.21 -15.84 29.42
C MET A 430 18.87 -17.07 30.03
N ALA A 431 18.15 -18.19 30.07
CA ALA A 431 18.68 -19.40 30.69
C ALA A 431 19.92 -19.92 29.98
N TYR A 432 20.12 -19.51 28.72
CA TYR A 432 21.34 -19.86 28.02
C TYR A 432 22.55 -19.22 28.70
N PHE A 433 22.43 -17.94 29.07
CA PHE A 433 23.57 -17.22 29.65
C PHE A 433 23.77 -17.58 31.11
N HIS A 434 22.75 -18.15 31.76
CA HIS A 434 22.81 -18.38 33.20
C HIS A 434 23.16 -19.82 33.57
N LYS A 435 23.61 -20.64 32.64
CA LYS A 435 23.91 -22.03 32.94
C LYS A 435 25.42 -22.22 33.10
N ILE A 436 25.83 -22.73 34.25
CA ILE A 436 27.21 -23.17 34.42
C ILE A 436 27.44 -24.46 33.65
N ASP A 437 26.52 -25.40 33.76
CA ASP A 437 26.56 -26.65 33.02
C ASP A 437 25.13 -27.15 32.94
N ASP A 438 24.87 -28.08 32.03
CA ASP A 438 23.50 -28.53 31.82
C ASP A 438 22.93 -29.12 33.10
N PHE A 439 21.68 -28.78 33.40
CA PHE A 439 20.92 -29.12 34.60
C PHE A 439 21.39 -28.32 35.80
N LYS A 440 22.08 -27.20 35.62
CA LYS A 440 22.49 -26.32 36.71
C LYS A 440 22.40 -24.87 36.22
N PHE A 441 21.51 -24.09 36.85
CA PHE A 441 21.20 -22.75 36.40
C PHE A 441 21.19 -21.79 37.57
N ASP A 442 22.25 -21.01 37.72
CA ASP A 442 22.30 -19.95 38.73
C ASP A 442 21.76 -18.67 38.12
N PHE A 443 20.60 -18.23 38.61
CA PHE A 443 19.86 -17.14 37.97
C PHE A 443 20.02 -15.80 38.68
N GLN A 444 21.11 -15.60 39.41
CA GLN A 444 21.47 -14.25 39.80
C GLN A 444 21.97 -13.50 38.57
N PRO A 445 21.67 -12.20 38.44
CA PRO A 445 22.03 -11.48 37.22
C PRO A 445 23.52 -11.56 36.92
N LEU A 446 23.84 -11.62 35.64
CA LEU A 446 25.20 -11.86 35.19
C LEU A 446 26.17 -10.76 35.57
N LEU A 447 25.69 -9.59 35.96
CA LEU A 447 26.58 -8.49 36.30
C LEU A 447 27.61 -8.91 37.34
N PHE A 448 27.13 -9.35 38.50
CA PHE A 448 27.98 -9.56 39.68
C PHE A 448 29.16 -10.49 39.41
N SER A 449 28.99 -11.44 38.50
CA SER A 449 30.06 -12.36 38.14
C SER A 449 31.15 -11.62 37.36
N PRO A 450 32.40 -11.98 37.58
CA PRO A 450 33.51 -11.35 36.85
C PRO A 450 33.28 -11.40 35.36
N PRO A 451 33.31 -10.26 34.68
CA PRO A 451 33.05 -10.23 33.24
C PRO A 451 34.34 -10.48 32.46
N ILE A 452 34.21 -10.51 31.14
CA ILE A 452 35.26 -11.01 30.24
C ILE A 452 35.72 -9.89 29.34
N GLN A 453 37.03 -9.82 29.10
CA GLN A 453 37.66 -8.81 28.26
C GLN A 453 37.94 -9.35 26.86
N VAL A 454 37.82 -8.45 25.88
CA VAL A 454 38.27 -8.68 24.51
C VAL A 454 38.71 -7.33 23.94
N SER A 455 39.58 -7.40 22.93
CA SER A 455 40.04 -6.21 22.22
C SER A 455 39.51 -6.25 20.80
N TYR A 456 38.82 -5.18 20.39
CA TYR A 456 38.24 -5.11 19.04
C TYR A 456 39.23 -4.42 18.10
N GLY A 457 40.28 -5.18 17.74
CA GLY A 457 41.30 -4.67 16.87
C GLY A 457 41.93 -5.79 16.07
N VAL A 458 43.04 -5.44 15.38
CA VAL A 458 43.82 -6.41 14.65
C VAL A 458 44.30 -7.55 15.54
N SER A 459 44.40 -7.31 16.85
CA SER A 459 44.83 -8.33 17.78
C SER A 459 43.92 -9.57 17.72
N THR A 460 44.42 -10.67 18.29
CA THR A 460 43.77 -11.96 18.11
C THR A 460 42.48 -12.06 18.93
N GLY A 461 42.21 -11.09 19.80
CA GLY A 461 41.01 -11.15 20.62
C GLY A 461 39.74 -11.21 19.77
N ILE A 462 39.42 -10.13 19.08
CA ILE A 462 38.33 -10.09 18.11
C ILE A 462 38.79 -9.23 16.94
N SER A 463 38.96 -9.85 15.77
CA SER A 463 39.53 -9.18 14.60
C SER A 463 38.53 -8.28 13.90
N ALA A 464 37.25 -8.63 13.89
CA ALA A 464 36.30 -7.89 13.09
C ALA A 464 34.90 -8.02 13.66
N LEU A 465 34.00 -7.17 13.16
CA LEU A 465 32.60 -7.15 13.54
C LEU A 465 31.75 -6.96 12.29
N THR A 466 30.61 -7.63 12.24
CA THR A 466 29.72 -7.50 11.10
C THR A 466 28.27 -7.44 11.57
N HIS A 467 27.52 -6.53 10.96
CA HIS A 467 26.11 -6.32 11.25
C HIS A 467 25.27 -6.99 10.16
N LEU A 468 24.46 -7.96 10.56
CA LEU A 468 23.42 -8.46 9.69
C LEU A 468 22.27 -7.46 9.64
N LYS A 469 21.38 -7.64 8.67
CA LYS A 469 20.25 -6.72 8.42
C LYS A 469 20.86 -5.37 8.04
N GLU A 470 20.65 -4.32 8.82
CA GLU A 470 21.11 -2.99 8.44
C GLU A 470 22.63 -2.93 8.51
N THR A 471 23.27 -3.00 7.35
CA THR A 471 24.71 -2.91 7.23
C THR A 471 25.17 -1.46 7.02
N GLY A 472 24.23 -0.54 6.82
CA GLY A 472 24.55 0.85 6.57
C GLY A 472 24.75 1.65 7.84
N ILE A 473 24.92 0.95 8.97
CA ILE A 473 25.19 1.61 10.24
C ILE A 473 26.48 2.40 10.12
N GLY A 474 26.45 3.66 10.55
CA GLY A 474 27.63 4.51 10.52
C GLY A 474 28.77 3.91 11.32
N MET A 475 30.01 4.15 10.87
CA MET A 475 31.17 3.58 11.55
C MET A 475 31.22 4.02 13.00
N ASP A 476 30.94 5.29 13.26
CA ASP A 476 30.91 5.81 14.62
C ASP A 476 29.76 5.26 15.45
N HIS A 477 28.74 4.70 14.82
CA HIS A 477 27.54 4.26 15.52
C HIS A 477 27.47 2.76 15.73
N LEU A 478 28.26 1.96 15.01
CA LEU A 478 28.23 0.51 15.21
C LEU A 478 28.73 0.16 16.61
N GLU A 479 29.75 0.88 17.08
CA GLU A 479 30.38 0.54 18.35
C GLU A 479 29.39 0.66 19.50
N ARG A 480 28.56 1.71 19.46
CA ARG A 480 27.47 1.86 20.42
C ARG A 480 26.26 0.99 20.07
N SER A 481 26.13 0.58 18.81
CA SER A 481 25.02 -0.29 18.44
C SER A 481 25.15 -1.67 19.07
N ILE A 482 26.37 -2.22 19.08
CA ILE A 482 26.53 -3.57 19.61
C ILE A 482 26.33 -3.61 21.12
N GLU A 483 26.68 -2.52 21.81
CA GLU A 483 26.73 -2.52 23.26
C GLU A 483 25.36 -2.83 23.87
N ALA A 484 25.39 -3.60 24.96
CA ALA A 484 24.19 -3.98 25.72
C ALA A 484 23.18 -4.72 24.84
N THR A 485 23.69 -5.60 23.97
CA THR A 485 22.88 -6.50 23.18
C THR A 485 23.55 -7.87 23.18
N ILE A 486 22.80 -8.90 22.77
CA ILE A 486 23.35 -10.25 22.74
C ILE A 486 23.90 -10.56 21.35
N VAL A 487 25.19 -10.34 21.16
CA VAL A 487 25.84 -10.62 19.89
C VAL A 487 26.28 -12.07 19.83
N GLY A 488 26.56 -12.53 18.62
CA GLY A 488 27.04 -13.89 18.42
C GLY A 488 28.47 -13.92 17.92
N ILE A 489 29.39 -14.43 18.71
CA ILE A 489 30.79 -14.47 18.31
C ILE A 489 31.06 -15.75 17.52
N PHE A 490 31.81 -15.62 16.45
CA PHE A 490 32.14 -16.73 15.56
C PHE A 490 33.61 -17.06 15.61
N LYS A 491 34.02 -18.01 14.76
CA LYS A 491 35.40 -18.38 14.57
C LYS A 491 35.66 -18.53 13.08
N VAL A 492 36.81 -18.04 12.62
CA VAL A 492 37.19 -18.14 11.21
C VAL A 492 38.66 -18.53 11.11
N LYS A 493 39.03 -19.12 9.98
CA LYS A 493 40.42 -19.41 9.71
C LYS A 493 41.18 -18.12 9.41
N ARG A 494 42.48 -18.13 9.71
CA ARG A 494 43.29 -16.92 9.56
C ARG A 494 43.33 -16.45 8.12
N ASP A 495 43.48 -17.38 7.18
CA ASP A 495 43.43 -17.00 5.76
C ASP A 495 42.08 -16.40 5.40
N HIS A 496 41.00 -16.99 5.91
CA HIS A 496 39.68 -16.39 5.73
C HIS A 496 39.53 -15.14 6.58
N LEU A 497 40.22 -15.08 7.72
CA LEU A 497 40.12 -13.92 8.59
C LEU A 497 40.71 -12.68 7.93
N GLU A 498 41.71 -12.86 7.07
CA GLU A 498 42.32 -11.73 6.40
C GLU A 498 41.29 -10.94 5.60
N GLU A 499 40.53 -11.63 4.73
CA GLU A 499 39.38 -11.07 4.00
C GLU A 499 39.83 -9.77 3.31
N CYS A 500 39.12 -8.66 3.51
CA CYS A 500 39.52 -7.39 2.91
C CYS A 500 40.29 -6.54 3.91
N LEU A 502 37.29 -6.62 7.56
CA LEU A 502 37.22 -5.35 8.27
C LEU A 502 37.32 -4.17 7.31
N PHE A 503 36.74 -3.03 7.69
CA PHE A 503 36.67 -1.86 6.84
C PHE A 503 37.43 -0.67 7.42
N ASN A 504 37.14 -0.29 8.66
CA ASN A 504 37.75 0.88 9.29
C ASN A 504 38.49 0.44 10.55
N LYS A 505 39.80 0.70 10.60
CA LYS A 505 40.60 0.28 11.74
C LYS A 505 40.17 0.99 13.02
N GLY A 506 39.72 2.24 12.91
CA GLY A 506 39.36 3.00 14.10
C GLY A 506 38.19 2.36 14.83
N GLN A 507 38.30 2.33 16.16
CA GLN A 507 37.27 1.79 17.06
C GLN A 507 37.08 0.31 16.71
N LEU A 508 35.85 -0.16 16.52
CA LEU A 508 35.61 -1.55 16.17
C LEU A 508 35.59 -1.71 14.66
N PRO A 509 36.48 -2.51 14.09
CA PRO A 509 36.52 -2.64 12.62
C PRO A 509 35.34 -3.44 12.07
N LEU A 510 34.47 -2.77 11.32
CA LEU A 510 33.32 -3.47 10.74
C LEU A 510 33.77 -4.30 9.55
N LEU A 511 33.40 -5.58 9.58
CA LEU A 511 33.57 -6.49 8.46
C LEU A 511 32.31 -6.48 7.62
N PRO A 512 32.37 -6.23 6.32
CA PRO A 512 31.13 -6.12 5.55
C PRO A 512 30.38 -7.44 5.49
N TYR A 513 29.05 -7.34 5.44
CA TYR A 513 28.22 -8.54 5.37
C TYR A 513 28.47 -9.32 4.08
N LYS A 514 28.75 -8.61 2.98
CA LYS A 514 29.01 -9.28 1.71
C LYS A 514 30.24 -10.19 1.82
N GLU A 515 31.29 -9.71 2.48
CA GLU A 515 32.45 -10.55 2.72
C GLU A 515 32.18 -11.59 3.80
N PHE A 516 31.23 -11.29 4.70
CA PHE A 516 30.88 -12.24 5.75
C PHE A 516 30.25 -13.50 5.17
N ILE A 517 29.31 -13.34 4.24
CA ILE A 517 28.58 -14.49 3.72
C ILE A 517 29.50 -15.39 2.91
N LYS A 518 30.44 -14.80 2.17
CA LYS A 518 31.30 -15.59 1.29
C LYS A 518 32.20 -16.53 2.07
N LEU A 519 32.78 -16.06 3.18
CA LEU A 519 33.75 -16.87 3.91
C LEU A 519 33.03 -17.77 4.92
N SER A 520 33.64 -18.93 5.17
CA SER A 520 33.06 -19.89 6.09
C SER A 520 33.25 -19.47 7.54
N THR A 521 32.26 -19.74 8.38
CA THR A 521 32.29 -19.39 9.80
C THR A 521 31.86 -20.59 10.64
N GLU A 522 32.47 -20.71 11.81
CA GLU A 522 32.13 -21.75 12.78
C GLU A 522 31.62 -21.08 14.04
N PHE A 523 30.35 -21.30 14.36
CA PHE A 523 29.76 -20.66 15.52
C PHE A 523 30.37 -21.19 16.81
N PHE A 524 30.56 -20.29 17.78
CA PHE A 524 31.12 -20.65 19.07
C PHE A 524 30.13 -20.47 20.21
N ARG A 525 29.60 -19.27 20.39
CA ARG A 525 28.79 -18.98 21.56
C ARG A 525 28.09 -17.64 21.36
N LEU A 526 26.97 -17.47 22.04
CA LEU A 526 26.30 -16.18 22.05
C LEU A 526 26.85 -15.30 23.17
N ALA A 527 27.13 -14.05 22.82
CA ALA A 527 27.82 -13.15 23.73
C ALA A 527 26.91 -12.00 24.09
N LEU A 528 26.85 -11.69 25.38
CA LEU A 528 26.15 -10.52 25.88
C LEU A 528 27.18 -9.51 26.35
N VAL A 529 27.24 -8.37 25.67
CA VAL A 529 28.28 -7.38 25.88
C VAL A 529 27.84 -6.41 26.96
N HIS A 530 28.53 -6.45 28.10
CA HIS A 530 28.16 -5.60 29.24
C HIS A 530 28.38 -4.13 28.91
N SER A 531 29.58 -3.79 28.46
CA SER A 531 29.95 -2.41 28.20
C SER A 531 31.16 -2.39 27.29
N ILE A 532 31.49 -1.22 26.76
CA ILE A 532 32.58 -1.06 25.82
C ILE A 532 33.37 0.19 26.18
N ASP A 533 34.69 0.04 26.30
CA ASP A 533 35.58 1.13 26.64
C ASP A 533 36.18 1.71 25.37
N GLN A 534 35.75 2.91 24.99
CA GLN A 534 36.27 3.54 23.79
C GLN A 534 37.76 3.85 23.91
N GLU A 535 38.17 4.40 25.06
CA GLU A 535 39.56 4.83 25.21
C GLU A 535 40.52 3.65 25.24
N LYS A 536 40.17 2.60 25.97
CA LYS A 536 41.07 1.46 26.14
C LYS A 536 40.98 0.43 25.02
N LYS A 537 40.00 0.56 24.13
CA LYS A 537 39.75 -0.32 22.99
C LYS A 537 39.40 -1.73 23.47
N ILE A 538 39.25 -1.94 24.78
CA ILE A 538 38.84 -3.24 25.29
C ILE A 538 37.37 -3.18 25.67
N MET A 539 36.58 -4.10 25.11
CA MET A 539 35.15 -4.13 25.34
C MET A 539 34.80 -5.33 26.21
N ASN A 540 33.75 -5.18 27.01
CA ASN A 540 33.41 -6.12 28.07
C ASN A 540 32.16 -6.89 27.67
N LEU A 541 32.23 -8.22 27.78
CA LEU A 541 31.13 -9.07 27.36
C LEU A 541 30.95 -10.24 28.32
N TYR A 542 29.73 -10.74 28.41
CA TYR A 542 29.41 -11.96 29.14
C TYR A 542 29.04 -13.08 28.19
N ILE A 543 29.66 -14.24 28.38
CA ILE A 543 29.23 -15.47 27.72
C ILE A 543 29.08 -16.58 28.75
N PRO A 544 28.14 -17.49 28.52
CA PRO A 544 27.77 -18.43 29.60
C PRO A 544 28.89 -19.32 30.07
N GLN A 545 29.49 -20.10 29.18
CA GLN A 545 30.63 -20.94 29.54
C GLN A 545 31.46 -21.19 28.30
N PHE A 546 32.78 -21.25 28.51
CA PHE A 546 33.70 -21.28 27.39
C PHE A 546 35.00 -21.95 27.82
N ARG A 547 35.75 -22.43 26.82
CA ARG A 547 37.00 -23.15 27.04
C ARG A 547 38.22 -22.27 26.83
N THR A 548 38.15 -20.99 27.18
CA THR A 548 39.18 -19.96 27.07
C THR A 548 39.42 -19.57 25.61
N LEU A 549 38.73 -20.19 24.65
CA LEU A 549 38.86 -19.88 23.23
C LEU A 549 40.32 -19.96 22.79
N ASP A 550 41.03 -20.96 23.32
CA ASP A 550 42.44 -21.13 23.02
C ASP A 550 42.60 -21.58 21.57
N LEU A 551 43.38 -20.81 20.80
CA LEU A 551 43.61 -21.11 19.40
C LEU A 551 44.77 -20.26 18.90
N THR A 552 45.28 -20.61 17.73
CA THR A 552 46.41 -19.92 17.11
C THR A 552 45.91 -19.10 15.93
N LYS A 553 45.81 -17.79 16.12
CA LYS A 553 45.41 -16.86 15.06
C LYS A 553 44.05 -17.22 14.49
N GLU A 554 43.15 -17.70 15.36
CA GLU A 554 41.78 -17.99 14.98
C GLU A 554 40.94 -16.78 15.36
N ALA A 555 40.68 -15.91 14.39
CA ALA A 555 40.02 -14.64 14.66
C ALA A 555 38.56 -14.85 15.01
N ILE A 556 38.20 -14.52 16.26
CA ILE A 556 36.80 -14.51 16.63
C ILE A 556 36.14 -13.27 16.04
N ILE A 557 35.05 -13.49 15.30
CA ILE A 557 34.32 -12.42 14.64
C ILE A 557 32.97 -12.27 15.31
N MET A 558 32.66 -11.05 15.74
CA MET A 558 31.42 -10.76 16.43
C MET A 558 30.33 -10.48 15.42
N VAL A 559 29.10 -10.87 15.77
CA VAL A 559 27.96 -10.74 14.87
C VAL A 559 26.74 -10.30 15.66
N ARG A 560 26.12 -9.22 15.20
CA ARG A 560 24.88 -8.71 15.77
C ARG A 560 23.75 -9.09 14.82
N GLY A 561 22.84 -9.95 15.29
CA GLY A 561 21.70 -10.36 14.52
C GLY A 561 20.49 -9.48 14.76
N ASN A 562 19.34 -10.13 14.93
CA ASN A 562 18.11 -9.48 15.35
C ASN A 562 17.71 -9.85 16.77
N THR A 563 18.32 -10.88 17.33
CA THR A 563 17.89 -11.40 18.63
C THR A 563 17.96 -10.32 19.69
N ASP A 564 16.92 -10.24 20.51
CA ASP A 564 16.75 -9.15 21.46
C ASP A 564 17.24 -9.56 22.84
N LEU A 565 17.57 -8.58 23.66
CA LEU A 565 18.06 -8.79 25.02
C LEU A 565 16.89 -8.81 25.99
N PRO A 566 16.70 -9.89 26.75
CA PRO A 566 15.64 -9.89 27.76
C PRO A 566 15.84 -8.76 28.75
N ILE A 567 14.74 -8.08 29.07
CA ILE A 567 14.81 -6.94 29.98
C ILE A 567 15.30 -7.37 31.34
N TRP A 568 15.07 -8.64 31.69
CA TRP A 568 15.35 -9.10 33.05
C TRP A 568 16.84 -9.14 33.34
N GLU A 569 17.68 -9.03 32.31
CA GLU A 569 19.12 -9.04 32.52
C GLU A 569 19.64 -7.64 32.82
N ILE A 570 19.04 -6.62 32.22
CA ILE A 570 19.47 -5.24 32.49
C ILE A 570 18.76 -4.69 33.72
N ALA A 571 17.50 -5.05 33.92
CA ALA A 571 16.65 -4.39 34.91
C ALA A 571 15.83 -5.38 35.74
N SER A 572 16.44 -6.45 36.22
CA SER A 572 15.78 -7.28 37.22
C SER A 572 15.62 -6.49 38.51
N ASN A 573 14.55 -6.77 39.25
CA ASN A 573 14.22 -6.02 40.46
C ASN A 573 15.35 -6.08 41.47
N GLU A 574 16.19 -7.11 41.38
CA GLU A 574 17.34 -7.22 42.29
C GLU A 574 18.37 -6.13 42.03
N ILE A 575 18.61 -5.81 40.76
CA ILE A 575 19.64 -4.84 40.38
C ILE A 575 19.04 -3.47 40.06
N VAL A 576 17.75 -3.27 40.33
CA VAL A 576 17.16 -1.94 40.37
C VAL A 576 17.18 -1.39 41.79
N LYS A 577 17.32 -2.25 42.80
CA LYS A 577 17.45 -1.84 44.18
C LYS A 577 18.87 -1.95 44.70
N ARG A 578 19.67 -2.91 44.20
CA ARG A 578 21.07 -3.00 44.59
C ARG A 578 21.92 -1.90 43.97
N PHE A 579 21.50 -1.37 42.83
CA PHE A 579 22.07 -0.15 42.25
C PHE A 579 20.94 0.84 42.11
N LYS A 580 21.20 2.10 42.44
CA LYS A 580 20.15 3.11 42.44
C LYS A 580 19.50 3.21 41.06
N ARG A 581 18.19 3.42 41.05
CA ARG A 581 17.44 3.42 39.81
C ARG A 581 17.96 4.50 38.88
N GLN A 582 18.62 4.08 37.80
CA GLN A 582 19.21 5.00 36.85
C GLN A 582 18.78 4.58 35.45
N LEU A 583 19.25 5.33 34.47
CA LEU A 583 18.90 5.06 33.08
C LEU A 583 20.13 4.70 32.25
N PRO A 584 20.78 3.55 32.48
CA PRO A 584 21.84 3.14 31.56
C PRO A 584 21.29 2.73 30.20
N TYR A 585 20.26 1.89 30.16
CA TYR A 585 19.44 1.70 28.97
C TYR A 585 17.96 1.60 29.28
N ILE A 586 17.58 1.67 30.55
CA ILE A 586 16.20 1.43 30.99
C ILE A 586 15.58 2.74 31.45
N THR A 587 14.26 2.83 31.26
CA THR A 587 13.50 3.99 31.69
C THR A 587 12.25 3.54 32.43
N PHE A 588 11.80 4.37 33.36
CA PHE A 588 10.57 4.06 34.09
C PHE A 588 9.35 4.31 33.21
N GLU A 589 8.28 3.59 33.51
CA GLU A 589 7.04 3.70 32.74
C GLU A 589 6.36 5.05 32.98
N HIS B 4 -16.94 -0.98 -31.06
CA HIS B 4 -16.07 -2.11 -31.37
C HIS B 4 -14.57 -1.75 -31.40
N PRO B 5 -14.17 -0.68 -32.12
CA PRO B 5 -12.76 -0.31 -32.13
C PRO B 5 -12.27 0.12 -30.76
N ARG B 6 -11.00 -0.15 -30.50
CA ARG B 6 -10.35 0.25 -29.26
C ARG B 6 -9.08 1.03 -29.61
N LEU B 7 -8.69 1.91 -28.70
CA LEU B 7 -7.57 2.81 -28.92
C LEU B 7 -6.34 2.29 -28.21
N THR B 8 -5.23 2.19 -28.93
CA THR B 8 -3.97 1.80 -28.32
C THR B 8 -2.92 2.87 -28.56
N PRO B 9 -2.13 3.22 -27.55
CA PRO B 9 -1.13 4.30 -27.73
C PRO B 9 -0.10 4.01 -28.80
N TRP B 10 0.22 2.74 -29.05
CA TRP B 10 1.28 2.40 -29.99
C TRP B 10 0.74 2.37 -31.41
N LYS B 11 1.48 2.99 -32.33
CA LYS B 11 1.13 2.97 -33.74
C LYS B 11 1.23 1.56 -34.30
N SER B 12 0.21 1.13 -35.02
CA SER B 12 0.16 -0.13 -35.77
C SER B 12 0.30 -1.36 -34.89
N SER B 13 0.37 -1.21 -33.56
CA SER B 13 0.31 -2.34 -32.61
C SER B 13 1.47 -3.31 -32.78
N ASP B 14 2.56 -2.88 -33.40
CA ASP B 14 3.76 -3.69 -33.52
C ASP B 14 4.82 -3.32 -32.49
N GLU B 15 4.58 -2.26 -31.70
CA GLU B 15 5.54 -1.86 -30.70
C GLU B 15 5.38 -2.65 -29.40
N VAL B 16 4.29 -3.41 -29.27
CA VAL B 16 4.23 -4.37 -28.18
C VAL B 16 5.21 -5.50 -28.43
N VAL B 17 5.36 -5.91 -29.70
CA VAL B 17 6.42 -6.84 -30.07
C VAL B 17 7.78 -6.24 -29.73
N TYR B 18 7.94 -4.94 -29.97
CA TYR B 18 9.20 -4.27 -29.65
C TYR B 18 9.46 -4.28 -28.15
N LEU B 19 8.43 -4.01 -27.34
CA LEU B 19 8.59 -4.06 -25.89
C LEU B 19 8.87 -5.47 -25.41
N LYS B 20 8.34 -6.48 -26.09
CA LYS B 20 8.62 -7.86 -25.72
C LYS B 20 10.11 -8.16 -25.85
N GLY B 21 10.74 -7.70 -26.94
CA GLY B 21 12.15 -7.95 -27.13
C GLY B 21 13.02 -7.00 -26.31
N LEU B 22 12.48 -5.83 -25.96
CA LEU B 22 13.28 -4.83 -25.28
C LEU B 22 13.28 -5.08 -23.76
N PHE B 23 12.14 -5.50 -23.21
CA PHE B 23 12.10 -5.98 -21.83
C PHE B 23 12.80 -7.34 -21.70
N PHE B 24 12.41 -8.28 -22.54
CA PHE B 24 12.91 -9.65 -22.49
C PHE B 24 13.73 -9.93 -23.74
N PRO B 25 15.02 -9.58 -23.77
CA PRO B 25 15.81 -9.81 -24.98
C PRO B 25 15.99 -11.29 -25.27
N ALA B 26 16.46 -11.58 -26.49
CA ALA B 26 16.57 -12.96 -26.94
C ALA B 26 17.50 -13.76 -26.05
N ASP B 27 18.64 -13.20 -25.69
CA ASP B 27 19.62 -13.86 -24.83
C ASP B 27 19.68 -13.13 -23.50
N ARG B 28 19.51 -13.86 -22.41
CA ARG B 28 19.47 -13.27 -21.08
C ARG B 28 20.82 -13.32 -20.36
N GLU B 29 21.81 -14.03 -20.89
CA GLU B 29 23.08 -14.13 -20.19
C GLU B 29 24.27 -13.73 -21.02
N GLN B 30 24.25 -13.97 -22.34
CA GLN B 30 25.37 -13.53 -23.17
C GLN B 30 25.36 -12.03 -23.35
N ILE B 31 24.19 -11.40 -23.21
CA ILE B 31 24.08 -9.96 -23.34
C ILE B 31 24.75 -9.28 -22.15
N SER B 32 25.35 -8.12 -22.40
CA SER B 32 25.99 -7.38 -21.32
C SER B 32 24.94 -6.79 -20.39
N ARG B 33 25.22 -6.81 -19.08
CA ARG B 33 24.24 -6.33 -18.11
C ARG B 33 24.02 -4.83 -18.24
N ASP B 34 25.08 -4.08 -18.58
CA ASP B 34 24.91 -2.64 -18.80
C ASP B 34 24.02 -2.38 -20.01
N GLU B 35 24.26 -3.09 -21.11
CA GLU B 35 23.42 -2.92 -22.29
C GLU B 35 22.01 -3.47 -22.06
N LEU B 36 21.90 -4.53 -21.28
CA LEU B 36 20.58 -5.03 -20.89
C LEU B 36 19.82 -3.98 -20.10
N TYR B 37 20.47 -3.30 -19.15
CA TYR B 37 19.80 -2.25 -18.40
C TYR B 37 19.49 -1.03 -19.27
N ARG B 38 20.31 -0.75 -20.27
CA ARG B 38 19.95 0.29 -21.23
C ARG B 38 18.69 -0.09 -21.99
N GLN B 39 18.57 -1.35 -22.40
CA GLN B 39 17.35 -1.82 -23.05
C GLN B 39 16.15 -1.71 -22.10
N TYR B 40 16.36 -2.06 -20.83
CA TYR B 40 15.30 -1.96 -19.83
C TYR B 40 14.85 -0.51 -19.67
N GLU B 41 15.80 0.42 -19.61
CA GLU B 41 15.48 1.84 -19.45
C GLU B 41 14.74 2.37 -20.68
N GLU B 42 15.14 1.92 -21.87
CA GLU B 42 14.42 2.32 -23.07
C GLU B 42 12.97 1.84 -23.02
N ALA B 43 12.75 0.60 -22.59
CA ALA B 43 11.39 0.07 -22.49
C ALA B 43 10.58 0.85 -21.47
N ILE B 44 11.18 1.23 -20.35
CA ILE B 44 10.47 2.03 -19.36
C ILE B 44 10.11 3.40 -19.94
N SER B 45 11.01 3.97 -20.74
CA SER B 45 10.70 5.24 -21.40
C SER B 45 9.53 5.11 -22.37
N LEU B 46 9.50 4.03 -23.16
CA LEU B 46 8.36 3.80 -24.03
C LEU B 46 7.06 3.60 -23.26
N VAL B 47 7.12 2.89 -22.13
CA VAL B 47 5.90 2.71 -21.35
C VAL B 47 5.43 4.06 -20.79
N GLU B 48 6.37 4.91 -20.39
CA GLU B 48 5.98 6.25 -19.96
C GLU B 48 5.36 7.04 -21.10
N MET B 49 5.92 6.90 -22.31
CA MET B 49 5.34 7.59 -23.46
C MET B 49 3.92 7.12 -23.74
N TYR B 50 3.69 5.81 -23.66
CA TYR B 50 2.33 5.29 -23.89
C TYR B 50 1.39 5.73 -22.77
N SER B 51 1.90 5.86 -21.55
CA SER B 51 1.08 6.41 -20.48
C SER B 51 0.71 7.86 -20.75
N SER B 52 1.65 8.63 -21.33
CA SER B 52 1.35 9.99 -21.73
C SER B 52 0.29 10.02 -22.83
N ARG B 53 0.37 9.08 -23.78
CA ARG B 53 -0.61 9.03 -24.86
C ARG B 53 -2.01 8.68 -24.33
N THR B 54 -2.10 7.62 -23.54
CA THR B 54 -3.38 7.20 -22.98
C THR B 54 -3.13 6.19 -21.87
N ARG B 55 -4.21 5.61 -21.36
CA ARG B 55 -4.07 4.57 -20.35
C ARG B 55 -3.45 3.32 -20.95
N VAL B 56 -2.54 2.70 -20.21
CA VAL B 56 -1.91 1.46 -20.62
C VAL B 56 -2.44 0.34 -19.74
N SER B 57 -2.40 -0.88 -20.28
CA SER B 57 -2.83 -2.04 -19.51
C SER B 57 -2.00 -2.17 -18.24
N HIS B 58 -2.66 -2.56 -17.15
CA HIS B 58 -1.97 -2.59 -15.86
C HIS B 58 -0.78 -3.54 -15.88
N ILE B 59 -0.82 -4.56 -16.73
CA ILE B 59 0.31 -5.48 -16.84
C ILE B 59 1.54 -4.75 -17.40
N LEU B 60 1.32 -3.87 -18.38
CA LEU B 60 2.45 -3.18 -19.00
C LEU B 60 3.03 -2.12 -18.07
N GLN B 61 2.18 -1.37 -17.38
CA GLN B 61 2.66 -0.41 -16.39
C GLN B 61 3.38 -1.12 -15.25
N SER B 62 2.84 -2.25 -14.80
CA SER B 62 3.50 -3.06 -13.79
C SER B 62 4.83 -3.60 -14.27
N THR B 63 4.93 -4.01 -15.54
CA THR B 63 6.22 -4.43 -16.07
C THR B 63 7.22 -3.29 -16.04
N ALA B 64 6.80 -2.10 -16.46
CA ALA B 64 7.69 -0.94 -16.42
C ALA B 64 8.16 -0.62 -15.01
N HIS B 65 7.27 -0.67 -14.02
CA HIS B 65 7.65 -0.40 -12.64
C HIS B 65 8.53 -1.50 -12.06
N LEU B 66 8.20 -2.75 -12.36
CA LEU B 66 8.94 -3.89 -11.83
C LEU B 66 10.34 -3.95 -12.38
N PHE B 67 10.54 -3.59 -13.64
CA PHE B 67 11.89 -3.59 -14.18
C PHE B 67 12.73 -2.42 -13.68
N SER B 68 12.12 -1.26 -13.41
CA SER B 68 12.82 -0.21 -12.69
C SER B 68 13.24 -0.64 -11.29
N ALA B 69 12.33 -1.29 -10.55
CA ALA B 69 12.68 -1.85 -9.25
C ALA B 69 13.77 -2.90 -9.32
N LEU B 70 13.74 -3.77 -10.34
CA LEU B 70 14.79 -4.75 -10.57
C LEU B 70 16.13 -4.07 -10.81
N MET B 71 16.16 -3.06 -11.68
CA MET B 71 17.40 -2.34 -11.93
C MET B 71 17.92 -1.69 -10.66
N MET B 72 17.03 -1.16 -9.83
CA MET B 72 17.47 -0.55 -8.58
C MET B 72 18.05 -1.60 -7.63
N LEU B 73 17.34 -2.72 -7.46
CA LEU B 73 17.77 -3.74 -6.51
C LEU B 73 19.10 -4.36 -6.90
N GLU B 74 19.26 -4.73 -8.18
CA GLU B 74 20.48 -5.40 -8.59
C GLU B 74 21.67 -4.46 -8.70
N SER B 75 21.42 -3.15 -8.78
CA SER B 75 22.50 -2.18 -8.83
C SER B 75 22.79 -1.53 -7.49
N PHE B 76 22.23 -2.04 -6.40
CA PHE B 76 22.44 -1.46 -5.09
C PHE B 76 23.91 -1.58 -4.69
N GLU B 77 24.48 -0.45 -4.25
CA GLU B 77 25.87 -0.40 -3.83
C GLU B 77 26.05 -0.51 -2.32
N GLY B 78 24.97 -0.67 -1.57
CA GLY B 78 25.04 -0.74 -0.12
C GLY B 78 24.76 0.59 0.54
N GLY B 79 24.57 0.54 1.85
CA GLY B 79 24.28 1.72 2.63
C GLY B 79 22.85 1.76 3.15
N LEU B 80 22.24 2.92 3.15
CA LEU B 80 20.85 3.07 3.62
C LEU B 80 19.94 2.42 2.59
N ASP B 81 19.48 1.21 2.89
CA ASP B 81 18.57 0.48 2.02
C ASP B 81 17.11 0.82 2.30
N ASP B 82 16.85 1.86 3.09
CA ASP B 82 15.48 2.23 3.38
C ASP B 82 14.73 2.60 2.11
N THR B 83 15.40 3.33 1.20
CA THR B 83 14.76 3.78 -0.03
C THR B 83 14.38 2.62 -0.94
N VAL B 84 15.33 1.72 -1.21
CA VAL B 84 15.12 0.68 -2.21
C VAL B 84 14.09 -0.32 -1.72
N ARG B 85 14.15 -0.68 -0.44
CA ARG B 85 13.14 -1.55 0.16
C ARG B 85 11.75 -0.94 0.03
N LEU B 86 11.61 0.35 0.32
CA LEU B 86 10.31 1.00 0.23
C LEU B 86 9.80 1.03 -1.20
N THR B 87 10.68 1.37 -2.15
CA THR B 87 10.24 1.47 -3.53
C THR B 87 9.84 0.12 -4.09
N ALA B 88 10.64 -0.91 -3.84
CA ALA B 88 10.29 -2.25 -4.31
C ALA B 88 9.02 -2.76 -3.65
N SER B 89 8.86 -2.48 -2.35
CA SER B 89 7.61 -2.86 -1.67
C SER B 89 6.42 -2.20 -2.32
N MET B 90 6.53 -0.90 -2.63
CA MET B 90 5.43 -0.20 -3.26
C MET B 90 5.15 -0.73 -4.66
N THR B 91 6.20 -1.05 -5.40
CA THR B 91 6.00 -1.60 -6.74
C THR B 91 5.24 -2.91 -6.68
N ILE B 92 5.63 -3.80 -5.75
CA ILE B 92 4.92 -5.07 -5.61
C ILE B 92 3.48 -4.82 -5.18
N ILE B 93 3.26 -3.87 -4.26
CA ILE B 93 1.91 -3.60 -3.78
C ILE B 93 1.02 -3.10 -4.91
N ARG B 94 1.50 -2.14 -5.70
CA ARG B 94 0.72 -1.68 -6.85
C ARG B 94 0.45 -2.81 -7.83
N PHE B 95 1.47 -3.61 -8.14
CA PHE B 95 1.27 -4.70 -9.08
C PHE B 95 0.19 -5.66 -8.62
N VAL B 96 0.32 -6.15 -7.38
CA VAL B 96 -0.61 -7.16 -6.89
C VAL B 96 -2.01 -6.58 -6.72
N ASN B 97 -2.12 -5.36 -6.19
CA ASN B 97 -3.44 -4.76 -6.01
C ASN B 97 -4.12 -4.49 -7.35
N GLY B 98 -3.38 -3.98 -8.33
CA GLY B 98 -3.95 -3.79 -9.65
C GLY B 98 -4.40 -5.09 -10.27
N LEU B 99 -3.68 -6.19 -9.99
CA LEU B 99 -4.14 -7.49 -10.43
C LEU B 99 -5.44 -7.89 -9.73
N LEU B 100 -5.51 -7.71 -8.41
CA LEU B 100 -6.64 -8.24 -7.66
C LEU B 100 -7.77 -7.22 -7.55
N ASP B 101 -7.53 -5.98 -7.97
CA ASP B 101 -8.59 -4.97 -7.89
C ASP B 101 -9.81 -5.31 -8.73
N PRO B 102 -9.69 -5.73 -10.01
CA PRO B 102 -10.92 -6.07 -10.74
C PRO B 102 -11.51 -7.39 -10.27
N ALA B 116 -7.98 -16.48 -3.11
CA ALA B 116 -8.50 -17.46 -4.05
C ALA B 116 -7.41 -17.92 -5.02
N LYS B 117 -6.59 -16.97 -5.46
CA LYS B 117 -5.49 -17.23 -6.39
C LYS B 117 -5.99 -17.87 -7.68
N LYS B 118 -7.18 -17.47 -8.12
CA LYS B 118 -7.70 -17.95 -9.40
C LYS B 118 -6.89 -17.39 -10.56
N ILE B 119 -6.33 -16.19 -10.39
CA ILE B 119 -5.51 -15.57 -11.41
C ILE B 119 -4.12 -16.21 -11.45
N ASP B 120 -3.89 -17.25 -10.65
CA ASP B 120 -2.62 -17.95 -10.50
C ASP B 120 -1.54 -17.10 -9.85
N LEU B 121 -1.94 -16.08 -9.08
CA LEU B 121 -0.96 -15.28 -8.38
C LEU B 121 -0.41 -16.07 -7.19
N PRO B 122 0.92 -16.17 -7.07
CA PRO B 122 1.49 -16.94 -5.96
C PRO B 122 1.19 -16.29 -4.62
N SER B 123 1.20 -17.12 -3.57
CA SER B 123 0.93 -16.62 -2.22
C SER B 123 2.09 -15.77 -1.71
N LEU B 124 3.24 -15.85 -2.38
CA LEU B 124 4.38 -15.02 -1.99
C LEU B 124 4.04 -13.53 -2.11
N PHE B 125 3.37 -13.15 -3.20
CA PHE B 125 3.02 -11.76 -3.40
C PHE B 125 2.03 -11.27 -2.34
N VAL B 126 1.03 -12.09 -2.02
CA VAL B 126 0.03 -11.69 -1.04
C VAL B 126 0.65 -11.57 0.35
N GLU B 127 1.57 -12.49 0.68
CA GLU B 127 2.28 -12.38 1.95
C GLU B 127 3.18 -11.15 1.96
N PHE B 128 3.79 -10.83 0.83
CA PHE B 128 4.63 -9.63 0.74
C PHE B 128 3.82 -8.37 0.95
N ARG B 129 2.60 -8.32 0.40
CA ARG B 129 1.75 -7.15 0.61
C ARG B 129 1.45 -6.94 2.09
N HIS B 130 1.10 -8.02 2.79
CA HIS B 130 0.79 -7.90 4.22
C HIS B 130 2.04 -7.50 4.99
N SER B 131 3.20 -8.04 4.62
CA SER B 131 4.43 -7.70 5.31
C SER B 131 4.77 -6.23 5.12
N ALA B 132 4.59 -5.70 3.91
CA ALA B 132 5.02 -4.33 3.63
C ALA B 132 4.02 -3.31 4.12
N THR B 133 2.72 -3.59 3.92
CA THR B 133 1.69 -2.60 4.28
C THR B 133 1.52 -2.49 5.78
N HIS B 134 1.42 -3.63 6.48
CA HIS B 134 1.06 -3.62 7.89
C HIS B 134 2.23 -4.02 8.78
N ASP B 135 3.01 -5.01 8.35
CA ASP B 135 4.06 -5.58 9.17
C ASP B 135 5.36 -4.82 8.96
N ALA B 136 6.47 -5.37 9.44
CA ALA B 136 7.77 -4.72 9.29
C ALA B 136 8.19 -4.70 7.82
N LEU B 137 8.99 -3.72 7.47
CA LEU B 137 9.39 -3.52 6.08
C LEU B 137 10.15 -4.73 5.57
N PRO B 138 9.80 -5.27 4.41
CA PRO B 138 10.52 -6.43 3.87
C PRO B 138 11.98 -6.10 3.57
N SER B 139 12.83 -7.12 3.73
CA SER B 139 14.26 -6.95 3.57
C SER B 139 14.62 -6.81 2.10
N LEU B 140 15.87 -6.43 1.85
CA LEU B 140 16.35 -6.25 0.48
C LEU B 140 16.34 -7.56 -0.28
N GLU B 141 16.78 -8.65 0.35
CA GLU B 141 16.80 -9.95 -0.31
C GLU B 141 15.39 -10.43 -0.65
N MET B 142 14.45 -10.23 0.27
CA MET B 142 13.07 -10.62 0.03
C MET B 142 12.48 -9.81 -1.12
N CYS B 143 12.79 -8.52 -1.18
CA CYS B 143 12.34 -7.70 -2.29
C CYS B 143 12.94 -8.17 -3.61
N LYS B 144 14.23 -8.53 -3.60
CA LYS B 144 14.86 -9.04 -4.81
C LYS B 144 14.19 -10.32 -5.30
N THR B 145 13.88 -11.23 -4.37
CA THR B 145 13.18 -12.46 -4.76
C THR B 145 11.79 -12.16 -5.29
N CYS B 146 11.07 -11.26 -4.63
CA CYS B 146 9.67 -11.00 -4.99
C CYS B 146 9.56 -10.28 -6.33
N VAL B 147 10.47 -9.33 -6.60
CA VAL B 147 10.45 -8.61 -7.86
C VAL B 147 10.77 -9.55 -9.01
N ASP B 148 11.75 -10.45 -8.83
CA ASP B 148 12.04 -11.43 -9.87
C ASP B 148 10.88 -12.37 -10.09
N ARG B 149 10.20 -12.78 -9.01
CA ARG B 149 9.03 -13.62 -9.17
C ARG B 149 7.93 -12.90 -9.94
N ALA B 150 7.72 -11.61 -9.64
CA ALA B 150 6.71 -10.85 -10.36
C ALA B 150 7.07 -10.69 -11.83
N ILE B 151 8.35 -10.42 -12.11
CA ILE B 151 8.81 -10.28 -13.48
C ILE B 151 8.58 -11.57 -14.26
N ASP B 152 8.84 -12.72 -13.61
CA ASP B 152 8.51 -13.99 -14.24
C ASP B 152 7.02 -14.15 -14.45
N TRP B 153 6.21 -13.73 -13.47
CA TRP B 153 4.77 -13.90 -13.56
C TRP B 153 4.18 -13.13 -14.74
N VAL B 154 4.54 -11.85 -14.87
CA VAL B 154 3.99 -11.05 -15.96
C VAL B 154 4.42 -11.63 -17.30
N TRP B 155 5.67 -12.09 -17.39
CA TRP B 155 6.13 -12.72 -18.62
C TRP B 155 5.27 -13.93 -18.97
N ASP B 156 5.13 -14.86 -18.03
CA ASP B 156 4.41 -16.10 -18.30
C ASP B 156 2.94 -15.83 -18.64
N HIS B 157 2.33 -14.81 -18.02
CA HIS B 157 0.89 -14.68 -18.15
C HIS B 157 0.49 -13.70 -19.26
N TYR B 158 1.37 -12.78 -19.65
CA TYR B 158 1.01 -11.82 -20.67
C TYR B 158 2.04 -11.72 -21.78
N TRP B 159 3.33 -11.77 -21.44
CA TRP B 159 4.35 -11.33 -22.40
C TRP B 159 4.72 -12.43 -23.39
N ASP B 160 4.63 -13.69 -22.96
CA ASP B 160 4.93 -14.78 -23.88
C ASP B 160 3.81 -14.97 -24.89
N GLY B 161 2.56 -14.67 -24.49
CA GLY B 161 1.44 -14.84 -25.39
C GLY B 161 1.51 -13.94 -26.61
N VAL B 162 1.92 -12.69 -26.41
CA VAL B 162 1.92 -11.71 -27.50
C VAL B 162 3.06 -12.04 -28.47
N LEU B 163 2.71 -12.23 -29.74
CA LEU B 163 3.65 -12.52 -30.80
C LEU B 163 3.29 -11.74 -32.05
N SER B 164 4.07 -11.94 -33.11
CA SER B 164 3.82 -11.28 -34.39
C SER B 164 3.36 -12.29 -35.44
N PRO C 5 10.16 -1.57 33.98
CA PRO C 5 11.35 -0.90 33.43
C PRO C 5 11.58 -1.23 31.97
N ARG C 6 10.91 -0.52 31.07
CA ARG C 6 11.04 -0.78 29.65
C ARG C 6 12.45 -0.47 29.17
N LEU C 7 12.81 -1.08 28.04
CA LEU C 7 14.15 -0.93 27.46
C LEU C 7 14.12 0.15 26.39
N THR C 8 15.19 0.94 26.34
CA THR C 8 15.33 1.99 25.35
C THR C 8 16.57 1.76 24.50
N PRO C 9 16.46 1.83 23.18
CA PRO C 9 17.65 1.69 22.33
C PRO C 9 18.72 2.74 22.64
N TRP C 10 18.31 3.96 22.99
CA TRP C 10 19.25 5.03 23.32
C TRP C 10 19.74 4.81 24.74
N LYS C 11 21.01 5.12 24.98
CA LYS C 11 21.58 4.93 26.32
C LYS C 11 20.86 5.80 27.34
N SER C 12 20.79 7.10 27.08
CA SER C 12 19.97 8.00 27.88
C SER C 12 18.81 8.55 27.06
N SER C 13 17.85 9.14 27.75
CA SER C 13 16.78 9.84 27.04
C SER C 13 17.29 11.11 26.37
N ASP C 14 18.50 11.56 26.73
CA ASP C 14 19.04 12.79 26.16
C ASP C 14 19.34 12.62 24.67
N GLU C 15 19.68 11.41 24.24
CA GLU C 15 19.85 11.17 22.80
C GLU C 15 18.55 11.29 22.02
N VAL C 16 17.39 11.14 22.65
CA VAL C 16 16.15 11.48 21.96
C VAL C 16 16.08 12.98 21.69
N VAL C 17 16.51 13.78 22.67
CA VAL C 17 16.61 15.22 22.45
C VAL C 17 17.57 15.56 21.34
N TYR C 18 18.73 14.89 21.31
CA TYR C 18 19.69 15.13 20.23
C TYR C 18 19.12 14.71 18.87
N LEU C 19 18.40 13.59 18.83
CA LEU C 19 17.74 13.13 17.61
C LEU C 19 16.69 14.11 17.13
N LYS C 20 15.91 14.70 18.04
CA LYS C 20 14.99 15.77 17.69
C LYS C 20 15.71 17.01 17.19
N GLY C 21 16.83 17.37 17.81
CA GLY C 21 17.61 18.50 17.33
C GLY C 21 18.12 18.29 15.92
N LEU C 22 18.48 17.04 15.58
CA LEU C 22 18.88 16.75 14.21
C LEU C 22 17.69 16.86 13.24
N PHE C 23 16.55 16.26 13.60
CA PHE C 23 15.35 16.41 12.79
C PHE C 23 14.90 17.86 12.73
N PHE C 24 14.79 18.52 13.88
CA PHE C 24 14.18 19.84 13.99
C PHE C 24 15.15 20.79 14.67
N PRO C 25 16.17 21.30 13.97
CA PRO C 25 17.14 22.17 14.62
C PRO C 25 16.54 23.47 15.13
N ALA C 26 15.35 23.82 14.65
CA ALA C 26 14.53 24.94 15.10
C ALA C 26 15.10 26.28 14.66
N ASP C 27 16.31 26.28 14.09
CA ASP C 27 16.80 27.41 13.31
C ASP C 27 16.66 27.09 11.81
N ARG C 28 15.42 26.77 11.43
CA ARG C 28 15.16 26.37 10.05
C ARG C 28 15.50 27.49 9.08
N GLU C 29 15.34 28.73 9.51
CA GLU C 29 15.78 29.90 8.76
C GLU C 29 16.68 30.75 9.65
N GLN C 30 17.91 30.98 9.20
CA GLN C 30 18.39 30.45 7.94
C GLN C 30 19.58 29.52 8.13
N ILE C 31 19.51 28.33 7.51
CA ILE C 31 20.61 27.38 7.50
C ILE C 31 20.81 26.89 6.08
N SER C 32 22.01 26.38 5.81
CA SER C 32 22.32 25.88 4.48
C SER C 32 21.44 24.69 4.13
N ARG C 33 20.98 24.65 2.87
CA ARG C 33 20.11 23.57 2.43
C ARG C 33 20.80 22.22 2.46
N ASP C 34 22.12 22.16 2.35
CA ASP C 34 22.86 20.91 2.46
C ASP C 34 23.31 20.60 3.88
N GLU C 35 23.28 21.58 4.78
CA GLU C 35 23.51 21.29 6.20
C GLU C 35 22.30 20.64 6.84
N LEU C 36 21.09 21.06 6.44
CA LEU C 36 19.88 20.43 6.95
C LEU C 36 19.83 18.96 6.59
N TYR C 37 20.19 18.62 5.36
CA TYR C 37 20.24 17.23 4.94
C TYR C 37 21.46 16.50 5.45
N ARG C 38 22.46 17.21 5.97
CA ARG C 38 23.53 16.57 6.72
C ARG C 38 23.08 16.19 8.11
N GLN C 39 22.25 17.03 8.75
CA GLN C 39 21.65 16.65 10.02
C GLN C 39 20.65 15.52 9.85
N TYR C 40 19.86 15.58 8.77
CA TYR C 40 18.84 14.57 8.54
C TYR C 40 19.47 13.19 8.33
N GLU C 41 20.60 13.13 7.61
CA GLU C 41 21.28 11.86 7.42
C GLU C 41 21.82 11.29 8.72
N GLU C 42 22.42 12.11 9.58
CA GLU C 42 22.87 11.62 10.87
C GLU C 42 21.71 11.12 11.71
N ALA C 43 20.58 11.83 11.67
CA ALA C 43 19.41 11.39 12.44
C ALA C 43 18.83 10.10 11.89
N ILE C 44 18.82 9.92 10.57
CA ILE C 44 18.32 8.67 10.00
C ILE C 44 19.25 7.52 10.36
N SER C 45 20.56 7.76 10.35
CA SER C 45 21.50 6.76 10.82
C SER C 45 21.29 6.40 12.29
N LEU C 46 21.05 7.38 13.15
CA LEU C 46 20.75 7.09 14.56
C LEU C 46 19.46 6.30 14.69
N VAL C 47 18.45 6.64 13.89
CA VAL C 47 17.18 5.92 13.96
C VAL C 47 17.38 4.46 13.56
N GLU C 48 18.14 4.21 12.49
CA GLU C 48 18.33 2.82 12.07
C GLU C 48 19.21 2.07 13.06
N MET C 49 20.16 2.76 13.69
CA MET C 49 20.95 2.11 14.74
C MET C 49 20.08 1.71 15.92
N TYR C 50 19.19 2.61 16.34
CA TYR C 50 18.27 2.29 17.42
C TYR C 50 17.36 1.13 17.03
N SER C 51 16.89 1.12 15.77
CA SER C 51 16.04 0.03 15.31
C SER C 51 16.80 -1.29 15.31
N SER C 52 18.07 -1.26 14.94
CA SER C 52 18.88 -2.48 14.96
C SER C 52 19.07 -3.00 16.37
N ARG C 53 19.26 -2.10 17.34
CA ARG C 53 19.38 -2.54 18.72
C ARG C 53 18.06 -3.11 19.24
N THR C 54 16.97 -2.38 19.08
CA THR C 54 15.69 -2.75 19.65
C THR C 54 14.59 -2.09 18.83
N ARG C 55 13.37 -2.56 18.99
CA ARG C 55 12.24 -1.94 18.32
C ARG C 55 12.13 -0.48 18.73
N VAL C 56 11.87 0.38 17.75
CA VAL C 56 11.64 1.79 17.98
C VAL C 56 10.17 2.09 17.80
N SER C 57 9.70 3.10 18.53
CA SER C 57 8.31 3.52 18.41
C SER C 57 8.02 3.92 16.97
N HIS C 58 6.80 3.65 16.50
CA HIS C 58 6.51 3.81 15.08
C HIS C 58 6.74 5.24 14.61
N ILE C 59 6.54 6.22 15.49
CA ILE C 59 6.72 7.61 15.07
C ILE C 59 8.18 7.88 14.71
N LEU C 60 9.10 7.38 15.51
CA LEU C 60 10.52 7.65 15.29
C LEU C 60 11.01 7.02 13.99
N GLN C 61 10.67 5.75 13.76
CA GLN C 61 11.01 5.11 12.50
C GLN C 61 10.31 5.79 11.33
N SER C 62 9.04 6.15 11.53
CA SER C 62 8.31 6.88 10.51
C SER C 62 8.93 8.24 10.24
N THR C 63 9.38 8.95 11.28
CA THR C 63 10.04 10.22 11.02
C THR C 63 11.30 10.02 10.20
N ALA C 64 12.05 8.94 10.48
CA ALA C 64 13.21 8.64 9.64
C ALA C 64 12.81 8.42 8.18
N HIS C 65 11.79 7.60 7.95
CA HIS C 65 11.36 7.30 6.58
C HIS C 65 10.87 8.55 5.86
N LEU C 66 10.03 9.34 6.53
CA LEU C 66 9.52 10.57 5.94
C LEU C 66 10.62 11.59 5.68
N PHE C 67 11.63 11.65 6.53
CA PHE C 67 12.72 12.59 6.23
C PHE C 67 13.57 12.10 5.08
N SER C 68 13.73 10.79 4.93
CA SER C 68 14.39 10.27 3.73
C SER C 68 13.58 10.63 2.48
N ALA C 69 12.26 10.46 2.55
CA ALA C 69 11.40 10.84 1.44
C ALA C 69 11.48 12.33 1.14
N LEU C 70 11.55 13.15 2.19
CA LEU C 70 11.69 14.59 2.00
C LEU C 70 12.99 14.94 1.30
N MET C 71 14.11 14.33 1.72
CA MET C 71 15.37 14.60 1.04
C MET C 71 15.31 14.18 -0.42
N MET C 72 14.72 13.03 -0.74
CA MET C 72 14.72 12.61 -2.14
C MET C 72 13.75 13.46 -2.96
N LEU C 73 12.63 13.88 -2.39
CA LEU C 73 11.67 14.71 -3.10
C LEU C 73 12.15 16.13 -3.29
N GLU C 74 13.05 16.62 -2.44
CA GLU C 74 13.62 17.94 -2.59
C GLU C 74 14.85 17.92 -3.50
N SER C 75 15.62 16.84 -3.46
CA SER C 75 16.82 16.71 -4.31
C SER C 75 16.44 16.41 -5.75
N PHE C 76 15.25 15.85 -5.96
CA PHE C 76 14.83 15.46 -7.30
C PHE C 76 14.74 16.65 -8.23
N GLU C 77 15.15 16.44 -9.48
CA GLU C 77 15.11 17.50 -10.48
C GLU C 77 14.26 17.09 -11.68
N GLY C 79 13.67 14.08 -14.52
CA GLY C 79 13.89 12.81 -15.19
C GLY C 79 12.80 11.79 -14.91
N LEU C 80 13.18 10.52 -14.84
CA LEU C 80 12.24 9.44 -14.60
C LEU C 80 11.81 9.48 -13.13
N ASP C 81 10.64 10.05 -12.87
CA ASP C 81 10.20 10.33 -11.52
C ASP C 81 9.47 9.18 -10.85
N ASP C 82 9.30 8.04 -11.54
CA ASP C 82 8.42 6.99 -11.03
C ASP C 82 8.93 6.41 -9.72
N THR C 83 10.24 6.19 -9.60
CA THR C 83 10.78 5.59 -8.38
C THR C 83 10.69 6.56 -7.20
N VAL C 84 10.92 7.86 -7.45
CA VAL C 84 10.75 8.88 -6.41
C VAL C 84 9.31 9.00 -5.96
N ARG C 85 8.35 8.88 -6.89
CA ARG C 85 6.94 8.74 -6.59
C ARG C 85 6.66 7.54 -5.70
N LEU C 86 7.19 6.37 -6.05
CA LEU C 86 6.94 5.12 -5.35
C LEU C 86 7.49 5.13 -3.93
N THR C 87 8.69 5.67 -3.74
CA THR C 87 9.30 5.70 -2.41
C THR C 87 8.46 6.53 -1.43
N ALA C 88 8.15 7.77 -1.81
CA ALA C 88 7.34 8.62 -0.96
C ALA C 88 5.93 8.05 -0.77
N SER C 89 5.36 7.47 -1.82
CA SER C 89 4.06 6.83 -1.69
C SER C 89 4.10 5.74 -0.62
N MET C 90 5.09 4.85 -0.70
CA MET C 90 5.17 3.75 0.27
C MET C 90 5.45 4.28 1.67
N THR C 91 6.27 5.32 1.78
CA THR C 91 6.53 5.90 3.09
C THR C 91 5.24 6.40 3.73
N ILE C 92 4.40 7.09 2.96
CA ILE C 92 3.15 7.61 3.51
C ILE C 92 2.19 6.48 3.84
N ILE C 93 2.09 5.46 2.98
CA ILE C 93 1.19 4.35 3.28
C ILE C 93 1.62 3.63 4.55
N ARG C 94 2.93 3.37 4.70
CA ARG C 94 3.39 2.68 5.90
C ARG C 94 3.16 3.53 7.14
N PHE C 95 3.43 4.84 7.06
CA PHE C 95 3.19 5.72 8.21
C PHE C 95 1.73 5.69 8.62
N VAL C 96 0.84 5.90 7.66
CA VAL C 96 -0.59 5.94 7.96
C VAL C 96 -1.08 4.61 8.50
N ASN C 97 -0.67 3.50 7.87
CA ASN C 97 -1.14 2.19 8.31
C ASN C 97 -0.66 1.87 9.71
N GLY C 98 0.60 2.14 10.01
CA GLY C 98 1.11 1.88 11.35
C GLY C 98 0.43 2.75 12.40
N LEU C 99 0.11 4.00 12.04
CA LEU C 99 -0.67 4.83 12.96
C LEU C 99 -2.07 4.27 13.17
N LEU C 100 -2.70 3.77 12.11
CA LEU C 100 -4.07 3.26 12.23
C LEU C 100 -4.10 1.85 12.81
N ASP C 101 -3.00 1.11 12.71
CA ASP C 101 -2.96 -0.28 13.17
C ASP C 101 -2.84 -0.31 14.69
N PRO C 102 -3.91 0.12 15.36
CA PRO C 102 -4.03 0.06 16.80
C PRO C 102 -5.11 -0.89 17.26
N ASN C 103 -5.88 -1.46 16.34
CA ASN C 103 -6.94 -2.40 16.67
C ASN C 103 -7.15 -3.41 15.55
N LEU C 112 -15.00 3.55 9.24
CA LEU C 112 -13.56 3.77 9.38
C LEU C 112 -13.24 5.26 9.37
N HIS C 113 -14.21 6.07 8.94
CA HIS C 113 -14.01 7.52 8.91
C HIS C 113 -13.82 8.07 10.31
N LEU C 114 -14.58 7.58 11.28
CA LEU C 114 -14.47 8.07 12.66
C LEU C 114 -13.10 7.74 13.24
N LEU C 115 -12.50 6.62 12.80
CA LEU C 115 -11.18 6.25 13.31
C LEU C 115 -10.13 7.29 12.94
N ALA C 116 -10.18 7.81 11.72
CA ALA C 116 -9.22 8.83 11.30
C ALA C 116 -9.36 10.09 12.13
N LYS C 117 -10.59 10.49 12.42
CA LYS C 117 -10.81 11.66 13.27
C LYS C 117 -10.31 11.40 14.70
N LYS C 118 -10.54 10.18 15.21
CA LYS C 118 -10.09 9.85 16.56
C LYS C 118 -8.57 9.87 16.67
N ILE C 119 -7.88 9.30 15.68
CA ILE C 119 -6.42 9.30 15.70
C ILE C 119 -5.89 10.67 15.30
N ASP C 120 -6.77 11.54 14.82
CA ASP C 120 -6.53 12.93 14.40
C ASP C 120 -5.75 12.97 13.08
N LEU C 121 -5.60 11.86 12.38
CA LEU C 121 -4.96 11.88 11.08
C LEU C 121 -5.86 12.63 10.08
N PRO C 122 -5.33 13.61 9.36
CA PRO C 122 -6.16 14.35 8.42
C PRO C 122 -6.62 13.49 7.24
N SER C 123 -7.59 14.02 6.50
CA SER C 123 -8.24 13.23 5.47
C SER C 123 -7.35 13.01 4.25
N LEU C 124 -6.43 13.95 3.98
CA LEU C 124 -5.62 13.83 2.77
C LEU C 124 -4.73 12.60 2.83
N PHE C 125 -4.32 12.19 4.03
CA PHE C 125 -3.50 10.99 4.15
C PHE C 125 -4.30 9.75 3.81
N VAL C 126 -5.52 9.65 4.32
CA VAL C 126 -6.36 8.49 4.02
C VAL C 126 -6.68 8.43 2.53
N GLU C 127 -6.89 9.59 1.90
CA GLU C 127 -7.09 9.59 0.46
C GLU C 127 -5.82 9.23 -0.30
N PHE C 128 -4.67 9.69 0.18
CA PHE C 128 -3.40 9.37 -0.48
C PHE C 128 -3.11 7.87 -0.43
N ARG C 129 -3.35 7.26 0.73
CA ARG C 129 -3.09 5.82 0.85
C ARG C 129 -3.98 5.03 -0.11
N HIS C 130 -5.26 5.39 -0.18
CA HIS C 130 -6.17 4.69 -1.09
C HIS C 130 -5.79 4.92 -2.55
N SER C 131 -5.43 6.16 -2.89
CA SER C 131 -5.06 6.45 -4.28
C SER C 131 -3.80 5.71 -4.68
N ALA C 132 -2.85 5.60 -3.77
CA ALA C 132 -1.60 4.91 -4.07
C ALA C 132 -1.81 3.40 -4.14
N THR C 133 -2.65 2.85 -3.25
CA THR C 133 -2.83 1.40 -3.22
C THR C 133 -3.71 0.92 -4.37
N HIS C 134 -4.80 1.63 -4.66
CA HIS C 134 -5.83 1.13 -5.56
C HIS C 134 -5.96 1.93 -6.85
N ASP C 135 -5.30 3.08 -6.94
CA ASP C 135 -5.43 3.95 -8.12
C ASP C 135 -4.03 4.22 -8.66
N ALA C 136 -3.94 5.18 -9.59
CA ALA C 136 -2.65 5.54 -10.16
C ALA C 136 -1.77 6.23 -9.12
N LEU C 137 -0.47 6.23 -9.38
CA LEU C 137 0.48 6.78 -8.43
C LEU C 137 0.18 8.25 -8.19
N PRO C 138 0.12 8.70 -6.93
CA PRO C 138 -0.13 10.11 -6.66
C PRO C 138 0.98 11.00 -7.21
N SER C 139 0.59 12.21 -7.60
CA SER C 139 1.53 13.14 -8.21
C SER C 139 2.67 13.47 -7.26
N LEU C 140 3.88 13.61 -7.82
CA LEU C 140 5.04 13.95 -7.01
C LEU C 140 4.83 15.24 -6.25
N GLU C 141 4.08 16.18 -6.84
CA GLU C 141 3.74 17.41 -6.14
C GLU C 141 2.76 17.12 -5.01
N MET C 142 1.93 16.09 -5.15
CA MET C 142 1.08 15.65 -4.05
C MET C 142 1.87 14.86 -3.03
N CYS C 143 2.89 14.12 -3.48
CA CYS C 143 3.76 13.41 -2.54
C CYS C 143 4.51 14.37 -1.65
N LYS C 144 5.02 15.47 -2.22
CA LYS C 144 5.65 16.51 -1.42
C LYS C 144 4.68 17.06 -0.38
N THR C 145 3.44 17.35 -0.81
CA THR C 145 2.45 17.89 0.11
C THR C 145 2.19 16.94 1.26
N CYS C 146 1.99 15.66 0.95
CA CYS C 146 1.65 14.69 2.00
C CYS C 146 2.83 14.44 2.93
N VAL C 147 4.05 14.40 2.38
CA VAL C 147 5.22 14.21 3.23
C VAL C 147 5.39 15.38 4.17
N ASP C 148 5.25 16.61 3.66
CA ASP C 148 5.39 17.77 4.53
C ASP C 148 4.27 17.83 5.56
N ARG C 149 3.05 17.44 5.17
CA ARG C 149 1.95 17.41 6.13
C ARG C 149 2.21 16.40 7.24
N ALA C 150 2.75 15.22 6.91
CA ALA C 150 3.01 14.22 7.93
C ALA C 150 4.19 14.61 8.82
N ILE C 151 5.20 15.26 8.24
CA ILE C 151 6.32 15.75 9.04
C ILE C 151 5.86 16.84 9.98
N ASP C 152 4.88 17.64 9.56
CA ASP C 152 4.24 18.57 10.48
C ASP C 152 3.40 17.84 11.51
N TRP C 153 2.78 16.72 11.13
CA TRP C 153 1.96 15.94 12.05
C TRP C 153 2.80 15.39 13.20
N VAL C 154 3.97 14.85 12.90
CA VAL C 154 4.80 14.27 13.95
C VAL C 154 5.26 15.35 14.91
N TRP C 155 5.60 16.53 14.39
CA TRP C 155 5.86 17.69 15.24
C TRP C 155 4.66 18.04 16.11
N ASP C 156 3.46 18.00 15.51
CA ASP C 156 2.27 18.42 16.24
C ASP C 156 1.93 17.44 17.35
N HIS C 157 2.32 16.18 17.20
CA HIS C 157 1.86 15.17 18.16
C HIS C 157 2.96 14.63 19.08
N TYR C 158 4.05 14.11 18.50
CA TYR C 158 5.04 13.42 19.32
C TYR C 158 6.21 14.32 19.70
N TRP C 159 6.83 14.98 18.72
CA TRP C 159 8.15 15.56 18.94
C TRP C 159 8.09 16.82 19.79
N ASP C 160 6.98 17.54 19.77
CA ASP C 160 6.92 18.80 20.52
C ASP C 160 7.04 18.56 22.01
N GLY C 161 6.38 17.51 22.52
CA GLY C 161 6.40 17.25 23.95
C GLY C 161 7.77 16.86 24.46
N VAL C 162 8.47 16.00 23.73
CA VAL C 162 9.76 15.49 24.18
C VAL C 162 10.81 16.59 24.10
N SER D 60 -42.44 9.21 -14.47
CA SER D 60 -43.24 9.37 -15.68
C SER D 60 -43.83 10.77 -15.76
N SER D 61 -42.96 11.77 -15.87
CA SER D 61 -43.40 13.16 -15.96
C SER D 61 -44.08 13.42 -17.31
N ASN D 62 -45.08 14.29 -17.27
CA ASN D 62 -45.85 14.64 -18.46
C ASN D 62 -46.43 16.04 -18.28
N PHE D 63 -46.94 16.59 -19.38
CA PHE D 63 -47.54 17.93 -19.38
C PHE D 63 -48.90 17.86 -20.03
N SER D 64 -49.65 18.96 -19.93
CA SER D 64 -51.01 19.02 -20.46
C SER D 64 -51.01 18.86 -21.97
N PHE D 65 -51.67 17.81 -22.45
CA PHE D 65 -51.69 17.49 -23.87
C PHE D 65 -52.38 18.58 -24.67
N ASP D 66 -51.95 18.73 -25.91
CA ASP D 66 -52.42 19.81 -26.77
C ASP D 66 -52.53 19.31 -28.19
N ASP D 67 -53.70 19.51 -28.84
CA ASP D 67 -54.96 20.10 -28.33
C ASP D 67 -54.87 21.50 -27.73
N ASP D 68 -54.28 22.43 -28.48
CA ASP D 68 -54.21 23.83 -28.07
C ASP D 68 -54.41 24.77 -29.25
N ASN D 69 -55.07 24.29 -30.30
CA ASN D 69 -55.25 25.05 -31.55
C ASN D 69 -53.89 25.47 -32.12
N THR D 70 -52.89 24.63 -31.87
CA THR D 70 -51.54 24.92 -32.36
C THR D 70 -51.48 24.76 -33.87
N ILE D 71 -50.71 25.64 -34.51
CA ILE D 71 -50.48 25.59 -35.95
C ILE D 71 -49.07 25.08 -36.18
N TYR D 72 -48.93 24.16 -37.15
CA TYR D 72 -47.66 23.47 -37.35
C TYR D 72 -46.57 24.43 -37.81
N GLY D 73 -46.91 25.34 -38.70
CA GLY D 73 -45.90 26.25 -39.24
C GLY D 73 -44.92 25.49 -40.11
N HIS D 74 -43.77 26.10 -40.38
CA HIS D 74 -42.74 25.45 -41.18
C HIS D 74 -41.48 25.24 -40.35
N ASP D 75 -41.00 26.32 -39.72
CA ASP D 75 -39.79 26.21 -38.91
C ASP D 75 -40.09 26.50 -37.44
N TYR D 76 -41.28 27.00 -37.14
CA TYR D 76 -41.68 27.34 -35.78
C TYR D 76 -43.04 26.73 -35.48
N VAL D 77 -43.30 26.52 -34.19
CA VAL D 77 -44.58 26.02 -33.70
C VAL D 77 -45.17 27.05 -32.74
N ILE D 78 -46.46 27.31 -32.89
CA ILE D 78 -47.18 28.25 -32.04
C ILE D 78 -47.96 27.45 -31.00
N PHE D 79 -47.79 27.79 -29.73
CA PHE D 79 -48.51 27.16 -28.64
C PHE D 79 -49.38 28.17 -27.91
N GLY D 80 -50.62 27.79 -27.64
CA GLY D 80 -51.48 28.55 -26.76
C GLY D 80 -51.76 27.76 -25.51
N LEU D 81 -51.19 28.20 -24.38
CA LEU D 81 -51.22 27.44 -23.15
C LEU D 81 -52.28 28.02 -22.22
N LYS D 82 -53.07 27.13 -21.60
CA LYS D 82 -54.03 27.56 -20.61
C LYS D 82 -53.33 27.94 -19.31
N SER D 83 -54.13 28.36 -18.32
CA SER D 83 -53.58 28.78 -17.05
C SER D 83 -52.87 27.63 -16.34
N ASN D 84 -53.46 26.43 -16.36
CA ASN D 84 -52.84 25.30 -15.68
C ASN D 84 -51.78 24.64 -16.57
N GLN D 85 -51.72 25.03 -17.84
CA GLN D 85 -50.85 24.34 -18.79
C GLN D 85 -49.38 24.54 -18.45
N ASN D 86 -48.59 23.51 -18.70
CA ASN D 86 -47.14 23.54 -18.55
C ASN D 86 -46.52 22.76 -19.69
N LEU D 87 -45.21 22.92 -19.88
CA LEU D 87 -44.49 22.25 -20.95
C LEU D 87 -43.18 21.65 -20.42
N ILE D 88 -42.94 20.39 -20.78
CA ILE D 88 -41.61 19.81 -20.72
C ILE D 88 -41.20 19.45 -22.15
N VAL D 89 -40.18 20.11 -22.66
CA VAL D 89 -39.81 20.02 -24.06
C VAL D 89 -38.42 19.41 -24.20
N LYS D 90 -38.33 18.35 -24.99
CA LYS D 90 -37.07 17.66 -25.26
C LYS D 90 -36.63 18.03 -26.67
N GLY D 91 -35.39 18.51 -26.80
CA GLY D 91 -34.82 18.86 -28.06
C GLY D 91 -34.27 20.27 -28.06
N GLN D 92 -33.84 20.70 -29.24
CA GLN D 92 -33.30 22.04 -29.42
C GLN D 92 -34.36 22.97 -29.99
N PHE D 93 -34.49 24.15 -29.39
CA PHE D 93 -35.54 25.07 -29.82
C PHE D 93 -35.23 26.46 -29.27
N VAL D 94 -35.73 27.46 -29.98
CA VAL D 94 -35.66 28.86 -29.56
C VAL D 94 -37.07 29.40 -29.52
N LEU D 95 -37.41 30.11 -28.44
CA LEU D 95 -38.76 30.59 -28.24
C LEU D 95 -38.77 32.04 -27.78
N GLU D 96 -39.69 32.81 -28.37
CA GLU D 96 -40.17 34.04 -27.78
C GLU D 96 -41.55 33.79 -27.19
N ILE D 97 -42.19 34.86 -26.74
CA ILE D 97 -43.53 34.77 -26.17
C ILE D 97 -44.42 35.76 -26.89
N GLN D 98 -45.45 35.26 -27.57
CA GLN D 98 -46.37 36.11 -28.31
C GLN D 98 -47.44 36.72 -27.44
N ARG D 99 -47.76 36.10 -26.31
CA ARG D 99 -48.78 36.63 -25.41
C ARG D 99 -48.54 36.06 -24.02
N GLY D 100 -48.81 36.90 -23.02
CA GLY D 100 -48.66 36.49 -21.63
C GLY D 100 -47.21 36.46 -21.18
N ALA D 101 -47.01 35.84 -20.01
CA ALA D 101 -45.71 35.77 -19.35
C ALA D 101 -45.45 34.31 -18.96
N ILE D 102 -44.56 33.65 -19.71
CA ILE D 102 -44.22 32.27 -19.40
C ILE D 102 -43.19 32.23 -18.30
N ASP D 103 -43.42 31.39 -17.29
CA ASP D 103 -42.50 31.19 -16.18
C ASP D 103 -41.70 29.92 -16.41
N ILE D 104 -40.38 30.06 -16.51
CA ILE D 104 -39.49 28.95 -16.82
C ILE D 104 -38.51 28.79 -15.68
N ASN D 105 -38.64 27.69 -14.93
CA ASN D 105 -37.67 27.27 -13.92
C ASN D 105 -37.46 28.34 -12.85
N GLY D 106 -38.55 28.94 -12.38
CA GLY D 106 -38.49 29.81 -11.23
C GLY D 106 -38.26 31.28 -11.50
N VAL D 107 -38.24 31.70 -12.77
CA VAL D 107 -38.17 33.12 -13.11
C VAL D 107 -39.32 33.43 -14.07
N ILE D 108 -39.68 34.70 -14.14
CA ILE D 108 -40.83 35.14 -14.93
C ILE D 108 -40.30 35.78 -16.20
N TYR D 109 -40.63 35.18 -17.35
CA TYR D 109 -40.29 35.73 -18.66
C TYR D 109 -41.58 36.19 -19.33
N HIS D 110 -41.66 37.48 -19.61
CA HIS D 110 -42.84 38.05 -20.23
C HIS D 110 -42.71 37.95 -21.76
N SER D 111 -43.62 38.64 -22.46
CA SER D 111 -43.58 38.61 -23.92
C SER D 111 -42.44 39.48 -24.46
N GLY D 112 -42.05 40.51 -23.70
CA GLY D 112 -41.09 41.47 -24.23
C GLY D 112 -39.66 40.95 -24.23
N VAL D 113 -39.39 39.90 -23.46
CA VAL D 113 -38.02 39.41 -23.36
C VAL D 113 -37.57 38.85 -24.70
N GLU D 114 -36.29 39.01 -24.99
CA GLU D 114 -35.72 38.54 -26.25
C GLU D 114 -35.76 37.00 -26.28
N PRO D 115 -35.75 36.43 -27.49
CA PRO D 115 -35.86 34.96 -27.59
C PRO D 115 -34.71 34.24 -26.90
N MET D 116 -35.05 33.09 -26.34
CA MET D 116 -34.11 32.29 -25.57
C MET D 116 -33.84 30.98 -26.30
N LYS D 117 -32.61 30.48 -26.14
CA LYS D 117 -32.12 29.33 -26.91
C LYS D 117 -31.88 28.16 -25.96
N PHE D 118 -32.49 27.02 -26.27
CA PHE D 118 -32.52 25.86 -25.38
C PHE D 118 -31.72 24.71 -25.98
N ILE D 119 -30.82 24.14 -25.18
CA ILE D 119 -30.04 22.96 -25.56
C ILE D 119 -30.25 21.83 -24.55
N ASN D 120 -31.44 21.72 -23.97
CA ASN D 120 -31.65 20.70 -22.95
C ASN D 120 -31.44 19.31 -23.53
N PRO D 121 -30.60 18.53 -22.86
CA PRO D 121 -30.15 17.24 -23.36
C PRO D 121 -30.85 16.13 -22.60
N SER D 122 -30.87 14.94 -23.22
CA SER D 122 -31.45 13.77 -22.55
C SER D 122 -30.62 13.37 -21.33
N SER D 123 -29.34 13.74 -21.31
CA SER D 123 -28.51 13.47 -20.14
C SER D 123 -29.02 14.22 -18.91
N SER D 124 -29.38 15.49 -19.08
CA SER D 124 -29.84 16.30 -17.97
C SER D 124 -31.36 16.29 -17.86
N SER D 125 -31.86 16.97 -16.83
CA SER D 125 -33.28 17.12 -16.65
C SER D 125 -33.81 18.26 -17.52
N ILE D 126 -35.12 18.24 -17.75
CA ILE D 126 -35.79 19.18 -18.65
C ILE D 126 -36.36 20.33 -17.82
N PRO D 127 -35.95 21.58 -18.08
CA PRO D 127 -36.53 22.72 -17.36
C PRO D 127 -38.01 22.89 -17.67
N LEU D 128 -38.82 23.03 -16.62
CA LEU D 128 -40.25 23.24 -16.80
C LEU D 128 -40.52 24.58 -17.48
N ILE D 129 -41.51 24.59 -18.36
CA ILE D 129 -41.94 25.83 -19.00
C ILE D 129 -43.39 26.08 -18.63
N GLN D 130 -43.61 26.84 -17.56
CA GLN D 130 -44.95 27.09 -17.08
C GLN D 130 -45.54 28.35 -17.70
N ALA D 131 -46.86 28.32 -17.90
CA ALA D 131 -47.63 29.50 -18.27
C ALA D 131 -48.60 29.91 -17.17
N THR D 132 -48.40 29.40 -15.94
CA THR D 132 -49.34 29.64 -14.86
C THR D 132 -49.41 31.11 -14.47
N GLN D 133 -48.26 31.78 -14.42
CA GLN D 133 -48.23 33.14 -13.91
C GLN D 133 -48.97 34.09 -14.85
N VAL D 134 -50.00 34.74 -14.32
CA VAL D 134 -50.75 35.71 -15.10
C VAL D 134 -49.93 36.99 -15.27
N LEU D 135 -49.93 37.52 -16.49
CA LEU D 135 -49.17 38.73 -16.80
C LEU D 135 -49.56 39.85 -15.85
N ASN D 136 -48.59 40.31 -15.05
CA ASN D 136 -48.84 41.31 -14.04
C ASN D 136 -48.06 42.61 -14.26
N SER D 137 -47.24 42.70 -15.30
CA SER D 137 -46.44 43.89 -15.54
C SER D 137 -46.70 44.39 -16.96
N SER D 138 -46.46 45.68 -17.15
CA SER D 138 -46.60 46.29 -18.47
C SER D 138 -45.36 46.12 -19.33
N LEU D 139 -44.30 45.52 -18.80
CA LEU D 139 -43.10 45.30 -19.59
C LEU D 139 -43.35 44.30 -20.72
N LEU D 140 -44.38 43.47 -20.59
CA LEU D 140 -44.69 42.49 -21.61
C LEU D 140 -45.15 43.18 -22.90
N GLU D 141 -44.56 42.77 -24.02
CA GLU D 141 -44.92 43.28 -25.34
C GLU D 141 -45.41 42.14 -26.20
N ASN D 142 -46.73 42.08 -26.41
CA ASN D 142 -47.37 40.97 -27.08
C ASN D 142 -47.66 41.35 -28.52
N LYS D 143 -47.17 40.53 -29.45
CA LYS D 143 -47.43 40.68 -30.88
C LYS D 143 -48.24 39.49 -31.36
N GLU D 144 -49.40 39.76 -31.95
CA GLU D 144 -50.31 38.72 -32.39
C GLU D 144 -50.53 38.82 -33.89
N SER D 145 -50.26 37.73 -34.60
CA SER D 145 -50.52 37.63 -36.03
C SER D 145 -51.53 36.54 -36.36
N GLN D 146 -52.01 35.82 -35.35
CA GLN D 146 -53.00 34.77 -35.54
C GLN D 146 -54.04 34.86 -34.43
N GLU D 147 -55.21 34.30 -34.71
CA GLU D 147 -56.34 34.29 -33.77
C GLU D 147 -56.73 35.71 -33.36
N THR D 153 -54.36 37.17 -27.26
CA THR D 153 -54.95 36.97 -28.58
C THR D 153 -56.44 36.65 -28.46
N PRO D 154 -56.74 35.39 -28.19
CA PRO D 154 -58.11 34.94 -28.03
C PRO D 154 -58.60 35.02 -26.59
N GLY D 155 -57.78 35.53 -25.68
CA GLY D 155 -58.16 35.63 -24.29
C GLY D 155 -58.02 34.37 -23.48
N TYR D 156 -57.34 33.35 -24.01
CA TYR D 156 -57.15 32.08 -23.30
C TYR D 156 -55.72 32.05 -22.76
N LYS D 157 -55.54 32.66 -21.59
CA LYS D 157 -54.27 32.63 -20.84
C LYS D 157 -53.17 33.18 -21.74
N SER D 158 -52.04 32.48 -21.92
CA SER D 158 -50.89 32.99 -22.62
C SER D 158 -50.53 32.08 -23.79
N VAL D 159 -50.03 32.69 -24.87
CA VAL D 159 -49.61 31.95 -26.06
C VAL D 159 -48.13 32.22 -26.28
N ILE D 160 -47.35 31.14 -26.38
CA ILE D 160 -45.91 31.23 -26.59
C ILE D 160 -45.57 30.50 -27.87
N LYS D 161 -44.53 30.99 -28.55
CA LYS D 161 -44.12 30.39 -29.82
C LYS D 161 -42.64 30.03 -29.74
N LEU D 162 -42.32 28.85 -30.26
CA LEU D 162 -40.97 28.32 -30.23
C LEU D 162 -40.57 27.85 -31.62
N THR D 163 -39.31 28.14 -31.98
CA THR D 163 -38.81 27.96 -33.33
C THR D 163 -37.70 26.92 -33.33
N ASN D 164 -37.55 26.24 -34.48
CA ASN D 164 -36.51 25.24 -34.62
C ASN D 164 -35.14 25.89 -34.55
N LEU D 165 -34.26 25.30 -33.74
CA LEU D 165 -32.91 25.85 -33.61
C LEU D 165 -32.05 25.47 -34.79
N ASP D 166 -32.25 24.27 -35.34
CA ASP D 166 -31.46 23.77 -36.46
C ASP D 166 -29.96 23.79 -36.15
N THR D 167 -29.61 23.40 -34.93
CA THR D 167 -28.22 23.52 -34.48
C THR D 167 -27.33 22.50 -35.17
N HIS D 168 -27.92 21.48 -35.79
CA HIS D 168 -27.22 20.38 -36.44
C HIS D 168 -26.41 19.55 -35.47
N LEU D 169 -26.51 19.84 -34.16
CA LEU D 169 -25.83 19.06 -33.15
C LEU D 169 -26.50 17.72 -32.91
N GLU D 170 -27.73 17.55 -33.42
CA GLU D 170 -28.41 16.26 -33.29
C GLU D 170 -27.69 15.18 -34.08
N SER D 171 -26.94 15.56 -35.13
CA SER D 171 -26.32 14.60 -36.04
C SER D 171 -25.07 13.99 -35.42
N ILE D 172 -25.26 13.40 -34.24
CA ILE D 172 -24.16 12.73 -33.55
C ILE D 172 -24.23 11.22 -33.79
N GLY D 173 -25.37 10.74 -34.26
CA GLY D 173 -25.49 9.32 -34.55
C GLY D 173 -24.57 8.87 -35.67
N ARG D 174 -24.07 9.82 -36.44
CA ARG D 174 -23.11 9.49 -37.50
C ARG D 174 -21.82 8.93 -36.92
N VAL D 175 -21.35 9.49 -35.80
CA VAL D 175 -20.10 9.02 -35.22
C VAL D 175 -20.36 7.93 -34.18
N CYS D 176 -21.38 8.10 -33.34
CA CYS D 176 -21.65 7.18 -32.24
C CYS D 176 -23.05 6.62 -32.35
N PRO D 177 -23.21 5.29 -32.25
CA PRO D 177 -24.56 4.71 -32.24
C PRO D 177 -25.22 4.72 -30.88
N LEU D 178 -24.49 5.00 -29.80
CA LEU D 178 -25.10 5.03 -28.48
C LEU D 178 -25.60 6.44 -28.14
N PHE D 179 -24.95 7.47 -28.69
CA PHE D 179 -25.36 8.84 -28.45
C PHE D 179 -26.62 9.23 -29.22
N LYS D 180 -27.31 8.26 -29.84
CA LYS D 180 -28.60 8.55 -30.45
C LYS D 180 -29.64 8.83 -29.36
N ASN D 181 -30.67 9.58 -29.74
CA ASN D 181 -31.80 9.99 -28.90
C ASN D 181 -31.37 10.92 -27.77
N LEU D 182 -30.08 11.21 -27.64
CA LEU D 182 -29.67 12.33 -26.79
C LEU D 182 -30.22 13.64 -27.32
N PHE D 183 -30.08 13.85 -28.62
CA PHE D 183 -30.67 14.97 -29.33
C PHE D 183 -31.60 14.40 -30.39
N TRP D 184 -32.90 14.58 -30.21
CA TRP D 184 -33.89 13.70 -30.81
C TRP D 184 -34.28 14.21 -32.20
N GLN D 185 -34.37 13.30 -33.16
CA GLN D 185 -35.19 13.46 -34.36
C GLN D 185 -35.91 12.15 -34.67
N PHE D 186 -36.49 11.56 -33.62
CA PHE D 186 -37.29 10.34 -33.73
C PHE D 186 -36.43 9.16 -34.15
N ASP D 187 -35.42 8.85 -33.36
CA ASP D 187 -34.61 7.65 -33.57
C ASP D 187 -34.82 6.66 -32.43
N LEU D 198 -40.82 1.21 -35.50
CA LEU D 198 -41.04 2.55 -34.96
C LEU D 198 -42.20 3.24 -35.69
N ASP D 199 -43.29 2.49 -35.88
CA ASP D 199 -44.45 3.04 -36.56
C ASP D 199 -45.06 4.18 -35.74
N GLN D 200 -45.60 5.18 -36.45
CA GLN D 200 -46.21 6.32 -35.78
C GLN D 200 -47.45 5.88 -35.00
N TYR D 201 -47.58 6.37 -33.78
CA TYR D 201 -48.70 6.03 -32.91
C TYR D 201 -49.64 7.19 -32.66
N GLU D 202 -49.28 8.41 -33.10
CA GLU D 202 -50.13 9.58 -32.91
C GLU D 202 -50.42 10.21 -34.25
N LEU D 203 -51.64 10.70 -34.42
CA LEU D 203 -52.01 11.38 -35.65
C LEU D 203 -51.46 12.80 -35.66
N ALA D 204 -51.33 13.37 -36.86
CA ALA D 204 -50.85 14.71 -37.12
C ALA D 204 -49.43 14.92 -36.62
N PHE D 205 -48.65 13.86 -36.42
CA PHE D 205 -47.30 14.00 -35.89
C PHE D 205 -46.40 14.70 -36.90
N SER D 206 -45.49 15.53 -36.38
CA SER D 206 -44.52 16.23 -37.20
C SER D 206 -43.14 16.06 -36.58
N ASP D 207 -42.12 16.12 -37.42
CA ASP D 207 -40.75 15.89 -37.00
C ASP D 207 -39.96 17.18 -37.09
N TYR D 208 -39.58 17.72 -35.92
CA TYR D 208 -38.76 18.91 -35.82
C TYR D 208 -37.56 18.59 -34.94
N THR D 209 -36.68 19.58 -34.77
CA THR D 209 -35.56 19.42 -33.85
C THR D 209 -36.03 19.50 -32.40
N PHE D 210 -37.28 19.90 -32.19
CA PHE D 210 -37.90 19.95 -30.87
C PHE D 210 -39.30 19.39 -30.95
N TYR D 211 -39.77 18.79 -29.86
CA TYR D 211 -41.18 18.57 -29.63
C TYR D 211 -41.36 18.09 -28.20
N PRO D 212 -42.33 18.62 -27.48
CA PRO D 212 -42.56 18.19 -26.10
C PRO D 212 -43.18 16.80 -26.05
N ILE D 213 -42.87 16.09 -24.97
CA ILE D 213 -43.31 14.71 -24.79
C ILE D 213 -44.75 14.73 -24.29
N THR D 214 -45.69 14.64 -25.24
CA THR D 214 -47.11 14.67 -24.88
C THR D 214 -47.50 13.48 -24.01
N LYS D 215 -47.06 12.28 -24.38
CA LYS D 215 -47.32 11.09 -23.59
C LYS D 215 -46.27 10.98 -22.49
N PRO D 216 -46.61 10.44 -21.32
CA PRO D 216 -45.61 10.32 -20.25
C PRO D 216 -44.43 9.48 -20.68
N ASP D 217 -43.24 9.89 -20.24
CA ASP D 217 -42.00 9.22 -20.61
C ASP D 217 -41.02 9.36 -19.45
N ASN D 218 -39.95 8.57 -19.51
CA ASN D 218 -38.94 8.54 -18.46
C ASN D 218 -37.90 9.63 -18.71
N THR D 219 -38.33 10.88 -18.52
CA THR D 219 -37.44 12.03 -18.56
C THR D 219 -37.65 12.83 -17.28
N VAL D 220 -36.58 13.02 -16.51
CA VAL D 220 -36.66 13.79 -15.27
C VAL D 220 -36.79 15.27 -15.61
N SER D 221 -37.63 15.97 -14.87
CA SER D 221 -37.78 17.41 -15.06
C SER D 221 -36.91 18.18 -14.06
N VAL D 222 -36.67 19.45 -14.37
CA VAL D 222 -35.89 20.32 -13.50
C VAL D 222 -36.84 20.93 -12.48
N ILE D 223 -36.93 20.30 -11.31
CA ILE D 223 -37.67 20.84 -10.19
C ILE D 223 -37.06 20.26 -8.92
N LYS D 224 -36.88 21.12 -7.92
CA LYS D 224 -36.22 20.75 -6.68
C LYS D 224 -37.14 21.04 -5.51
N HIS D 225 -36.71 20.62 -4.32
CA HIS D 225 -37.46 20.91 -3.11
C HIS D 225 -37.55 22.43 -2.91
N LYS D 226 -38.61 22.85 -2.22
CA LYS D 226 -38.84 24.28 -2.06
C LYS D 226 -37.68 24.98 -1.33
N ASN D 227 -36.90 24.23 -0.54
CA ASN D 227 -35.74 24.82 0.12
C ASN D 227 -34.65 25.14 -0.89
N TRP D 228 -34.46 24.28 -1.89
CA TRP D 228 -33.46 24.52 -2.92
C TRP D 228 -33.73 25.83 -3.65
N MET D 229 -34.97 26.04 -4.08
CA MET D 229 -35.30 27.27 -4.78
C MET D 229 -35.40 28.44 -3.80
N ASP D 230 -35.73 28.15 -2.54
CA ASP D 230 -35.86 29.21 -1.55
C ASP D 230 -34.51 29.84 -1.22
N VAL D 231 -33.46 29.03 -1.07
CA VAL D 231 -32.14 29.58 -0.79
C VAL D 231 -31.68 30.47 -1.94
N ILE D 232 -31.86 29.99 -3.17
CA ILE D 232 -31.44 30.75 -4.33
C ILE D 232 -32.24 32.05 -4.46
N LYS D 233 -33.56 31.96 -4.28
CA LYS D 233 -34.38 33.16 -4.38
C LYS D 233 -34.02 34.16 -3.29
N SER D 234 -33.83 33.70 -2.06
CA SER D 234 -33.45 34.59 -0.98
C SER D 234 -32.11 35.26 -1.25
N LEU D 235 -31.17 34.53 -1.85
CA LEU D 235 -29.92 35.14 -2.26
C LEU D 235 -30.15 36.12 -3.41
N THR D 236 -31.23 35.92 -4.17
CA THR D 236 -31.46 36.73 -5.38
C THR D 236 -31.80 38.17 -5.05
N GLU D 237 -32.71 38.42 -4.11
CA GLU D 237 -33.05 39.82 -3.82
C GLU D 237 -31.87 40.53 -3.16
N LEU D 238 -30.94 39.77 -2.58
CA LEU D 238 -29.71 40.36 -2.09
C LEU D 238 -28.86 40.83 -3.27
N TYR D 239 -29.10 40.27 -4.45
CA TYR D 239 -28.49 40.80 -5.67
C TYR D 239 -29.31 41.96 -6.24
N SER D 240 -30.57 42.09 -5.82
CA SER D 240 -31.41 43.16 -6.34
C SER D 240 -30.90 44.53 -5.89
N ASN D 241 -30.49 44.64 -4.63
CA ASN D 241 -30.00 45.92 -4.15
C ASN D 241 -28.53 46.13 -4.55
N ASP D 242 -27.95 47.21 -4.05
CA ASP D 242 -26.63 47.64 -4.51
C ASP D 242 -25.54 46.65 -4.16
N GLN D 243 -25.56 46.08 -2.96
CA GLN D 243 -24.43 45.29 -2.48
C GLN D 243 -24.25 44.03 -3.30
N SER D 244 -23.00 43.66 -3.51
CA SER D 244 -22.63 42.56 -4.42
C SER D 244 -22.43 41.29 -3.61
N ILE D 245 -22.48 40.15 -4.30
CA ILE D 245 -22.47 38.84 -3.67
C ILE D 245 -21.34 38.02 -4.25
N LYS D 246 -20.52 37.45 -3.39
CA LYS D 246 -19.56 36.42 -3.79
C LYS D 246 -20.08 35.08 -3.25
N VAL D 247 -19.98 34.04 -4.06
CA VAL D 247 -20.59 32.76 -3.73
C VAL D 247 -19.56 31.65 -3.89
N ILE D 248 -19.69 30.62 -3.05
CA ILE D 248 -18.94 29.39 -3.18
C ILE D 248 -19.94 28.24 -3.26
N VAL D 249 -19.62 27.24 -4.07
CA VAL D 249 -20.43 26.04 -4.14
C VAL D 249 -19.52 24.83 -3.98
N ILE D 250 -19.85 23.96 -3.03
CA ILE D 250 -19.04 22.81 -2.68
C ILE D 250 -19.91 21.57 -2.80
N GLY D 251 -19.39 20.53 -3.45
CA GLY D 251 -20.13 19.30 -3.57
C GLY D 251 -19.32 18.23 -4.28
N GLY D 252 -19.71 16.99 -4.06
CA GLY D 252 -19.07 15.89 -4.74
C GLY D 252 -19.58 15.75 -6.16
N LYS D 253 -18.99 14.81 -6.90
CA LYS D 253 -19.51 14.48 -8.21
C LYS D 253 -20.89 13.84 -8.08
N ASN D 254 -21.80 14.22 -8.96
CA ASN D 254 -23.21 13.84 -9.00
C ASN D 254 -23.98 14.43 -7.82
N SER D 255 -23.39 15.36 -7.06
CA SER D 255 -24.12 15.98 -5.96
C SER D 255 -25.15 16.99 -6.47
N GLY D 256 -24.91 17.56 -7.64
CA GLY D 256 -25.81 18.54 -8.21
C GLY D 256 -25.29 19.96 -8.22
N LYS D 257 -23.97 20.15 -8.22
CA LYS D 257 -23.41 21.49 -8.27
C LYS D 257 -23.75 22.19 -9.59
N SER D 258 -23.73 21.43 -10.69
CA SER D 258 -24.02 22.02 -12.00
C SER D 258 -25.45 22.53 -12.07
N THR D 259 -26.41 21.72 -11.62
CA THR D 259 -27.80 22.17 -11.61
C THR D 259 -27.99 23.38 -10.70
N PHE D 260 -27.34 23.37 -9.54
CA PHE D 260 -27.43 24.51 -8.63
C PHE D 260 -26.91 25.78 -9.29
N LEU D 261 -25.75 25.69 -9.96
CA LEU D 261 -25.18 26.87 -10.59
C LEU D 261 -26.02 27.35 -11.76
N ARG D 262 -26.55 26.44 -12.58
CA ARG D 262 -27.37 26.88 -13.70
C ARG D 262 -28.64 27.55 -13.20
N LEU D 263 -29.25 27.00 -12.13
CA LEU D 263 -30.41 27.64 -11.52
C LEU D 263 -30.06 29.04 -10.99
N LEU D 264 -28.94 29.15 -10.30
CA LEU D 264 -28.58 30.43 -9.68
C LEU D 264 -28.26 31.48 -10.75
N VAL D 265 -27.55 31.09 -11.81
CA VAL D 265 -27.25 32.04 -12.89
C VAL D 265 -28.52 32.40 -13.64
N GLN D 266 -29.45 31.46 -13.81
CA GLN D 266 -30.73 31.79 -14.42
C GLN D 266 -31.50 32.78 -13.56
N HIS D 267 -31.46 32.59 -12.24
CA HIS D 267 -32.21 33.44 -11.34
C HIS D 267 -31.62 34.85 -11.28
N MET D 268 -30.30 34.97 -11.31
CA MET D 268 -29.68 36.29 -11.20
C MET D 268 -29.86 37.11 -12.48
N LEU D 269 -30.01 36.46 -13.63
CA LEU D 269 -30.15 37.19 -14.88
C LEU D 269 -31.59 37.29 -15.36
N SER D 270 -32.56 37.20 -14.45
CA SER D 270 -33.96 37.34 -14.84
C SER D 270 -34.20 38.76 -15.37
N PRO D 271 -35.17 38.93 -16.28
CA PRO D 271 -35.43 40.27 -16.83
C PRO D 271 -35.86 41.27 -15.77
N THR D 272 -36.51 40.82 -14.69
CA THR D 272 -36.90 41.74 -13.63
C THR D 272 -35.69 42.40 -12.99
N LEU D 273 -34.65 41.63 -12.72
CA LEU D 273 -33.41 42.20 -12.23
C LEU D 273 -32.68 42.93 -13.35
N GLN D 274 -31.77 43.81 -12.97
CA GLN D 274 -31.02 44.58 -13.95
C GLN D 274 -30.15 43.66 -14.81
N GLN D 275 -29.97 44.02 -16.07
CA GLN D 275 -29.20 43.23 -17.02
C GLN D 275 -27.70 43.46 -16.80
N LEU D 276 -27.27 43.20 -15.57
CA LEU D 276 -25.88 43.39 -15.21
C LEU D 276 -25.16 42.04 -15.17
N PRO D 277 -24.09 41.87 -15.94
CA PRO D 277 -23.51 40.53 -16.13
C PRO D 277 -22.88 39.96 -14.88
N ILE D 278 -23.26 38.72 -14.55
CA ILE D 278 -22.65 38.02 -13.42
C ILE D 278 -21.23 37.62 -13.79
N ASN D 279 -20.35 37.58 -12.79
CA ASN D 279 -19.00 37.06 -12.96
C ASN D 279 -18.95 35.63 -12.44
N PHE D 280 -18.73 34.68 -13.35
CA PHE D 280 -18.79 33.26 -13.02
C PHE D 280 -17.38 32.68 -13.10
N MET D 281 -16.93 32.06 -12.01
CA MET D 281 -15.64 31.40 -11.94
C MET D 281 -15.85 29.90 -11.82
N ASP D 282 -15.21 29.14 -12.70
CA ASP D 282 -15.39 27.68 -12.75
C ASP D 282 -14.03 27.02 -12.57
N LEU D 283 -13.74 26.57 -11.35
CA LEU D 283 -12.47 25.94 -11.04
C LEU D 283 -12.55 24.42 -11.10
N ASP D 284 -13.50 23.88 -11.87
CA ASP D 284 -13.69 22.43 -11.97
C ASP D 284 -13.24 21.96 -13.34
N PRO D 285 -12.12 21.23 -13.44
CA PRO D 285 -11.73 20.70 -14.76
C PRO D 285 -12.48 19.44 -15.15
N GLY D 286 -12.79 18.56 -14.21
CA GLY D 286 -13.41 17.29 -14.52
C GLY D 286 -14.82 17.35 -15.07
N GLN D 287 -15.67 18.18 -14.44
CA GLN D 287 -17.07 18.34 -14.83
C GLN D 287 -17.32 19.83 -15.00
N PRO D 288 -16.71 20.45 -16.01
CA PRO D 288 -16.77 21.91 -16.13
C PRO D 288 -18.12 22.38 -16.65
N GLU D 289 -18.43 23.62 -16.31
CA GLU D 289 -19.60 24.33 -16.81
C GLU D 289 -19.15 25.66 -17.38
N TYR D 290 -19.73 26.05 -18.52
CA TYR D 290 -19.36 27.28 -19.21
C TYR D 290 -17.88 27.26 -19.59
N SER D 291 -17.34 26.06 -19.80
CA SER D 291 -15.92 25.89 -20.05
C SER D 291 -15.69 24.64 -20.88
N GLY D 292 -14.83 24.74 -21.88
CA GLY D 292 -14.43 23.57 -22.63
C GLY D 292 -13.72 22.56 -21.75
N THR D 293 -13.41 21.40 -22.35
CA THR D 293 -12.79 20.33 -21.59
C THR D 293 -11.43 20.76 -21.06
N ASP D 294 -11.19 20.49 -19.78
CA ASP D 294 -9.95 20.83 -19.08
C ASP D 294 -9.62 22.31 -19.21
N CYS D 295 -10.49 23.14 -18.66
CA CYS D 295 -10.17 24.53 -18.39
C CYS D 295 -10.61 24.94 -17.00
N ILE D 296 -9.87 25.90 -16.45
CA ILE D 296 -10.33 26.80 -15.40
C ILE D 296 -10.74 28.08 -16.10
N SER D 297 -11.98 28.53 -15.87
CA SER D 297 -12.45 29.64 -16.68
C SER D 297 -13.28 30.61 -15.84
N LEU D 298 -13.02 31.90 -16.06
CA LEU D 298 -13.83 33.00 -15.55
C LEU D 298 -14.63 33.57 -16.71
N SER D 299 -15.94 33.66 -16.55
CA SER D 299 -16.81 34.09 -17.63
C SER D 299 -17.85 35.08 -17.12
N LYS D 300 -17.75 36.33 -17.56
CA LYS D 300 -18.84 37.27 -17.35
C LYS D 300 -20.03 36.85 -18.19
N ILE D 301 -21.08 36.37 -17.54
CA ILE D 301 -22.25 35.82 -18.23
C ILE D 301 -23.29 36.93 -18.35
N SER D 302 -23.45 37.45 -19.57
CA SER D 302 -24.45 38.47 -19.82
C SER D 302 -25.76 37.91 -20.36
N GLU D 303 -25.76 36.68 -20.85
CA GLU D 303 -26.96 36.01 -21.34
C GLU D 303 -26.97 34.59 -20.78
N VAL D 304 -28.11 34.22 -20.18
CA VAL D 304 -28.19 32.94 -19.50
C VAL D 304 -28.39 31.81 -20.50
N GLN D 305 -27.83 30.65 -20.17
CA GLN D 305 -27.91 29.45 -21.00
C GLN D 305 -29.09 28.62 -20.51
N HIS D 306 -30.20 28.67 -21.24
CA HIS D 306 -31.48 28.18 -20.73
C HIS D 306 -31.58 26.65 -20.71
N GLY D 307 -30.62 25.94 -21.27
CA GLY D 307 -30.61 24.49 -21.15
C GLY D 307 -29.29 24.04 -20.60
N ASN D 308 -29.09 22.72 -20.59
CA ASN D 308 -27.79 22.16 -20.24
C ASN D 308 -26.94 22.17 -21.50
N HIS D 309 -26.61 23.37 -21.98
CA HIS D 309 -25.60 23.50 -23.01
C HIS D 309 -24.32 22.82 -22.51
N LEU D 310 -23.88 21.79 -23.23
CA LEU D 310 -22.80 20.94 -22.73
C LEU D 310 -21.48 21.71 -22.88
N SER D 311 -21.44 22.88 -22.25
CA SER D 311 -20.41 23.88 -22.49
C SER D 311 -20.23 24.16 -23.99
N LEU D 312 -21.34 24.20 -24.72
CA LEU D 312 -21.33 24.34 -26.17
C LEU D 312 -21.94 25.65 -26.64
N THR D 313 -21.84 26.70 -25.84
CA THR D 313 -22.33 28.02 -26.21
C THR D 313 -21.28 29.05 -25.81
N SER D 314 -21.27 30.19 -26.50
CA SER D 314 -20.17 31.15 -26.36
C SER D 314 -19.99 31.59 -24.92
N THR D 315 -20.98 32.31 -24.37
CA THR D 315 -20.93 32.82 -23.00
C THR D 315 -19.57 33.50 -22.74
N ASP D 316 -19.38 34.63 -23.42
CA ASP D 316 -18.09 35.31 -23.50
C ASP D 316 -17.33 35.28 -22.18
N SER D 317 -16.08 34.82 -22.24
CA SER D 317 -15.25 34.65 -21.07
C SER D 317 -13.91 35.35 -21.31
N THR D 318 -13.31 35.80 -20.21
CA THR D 318 -12.04 36.51 -20.32
C THR D 318 -10.91 35.57 -20.72
N GLN D 319 -10.81 34.41 -20.06
CA GLN D 319 -9.81 33.43 -20.45
C GLN D 319 -10.21 32.05 -19.95
N CYS D 320 -9.74 31.04 -20.67
CA CYS D 320 -10.00 29.63 -20.41
C CYS D 320 -8.65 29.00 -20.05
N HIS D 321 -8.44 28.74 -18.76
CA HIS D 321 -7.11 28.37 -18.28
C HIS D 321 -6.93 26.87 -18.37
N TYR D 322 -5.93 26.44 -19.13
CA TYR D 322 -5.69 25.02 -19.40
C TYR D 322 -4.95 24.41 -18.23
N VAL D 323 -5.67 23.72 -17.35
CA VAL D 323 -5.00 22.86 -16.37
C VAL D 323 -4.38 21.66 -17.07
N GLY D 324 -5.05 21.13 -18.08
CA GLY D 324 -4.57 19.98 -18.80
C GLY D 324 -4.90 18.64 -18.17
N PHE D 325 -5.65 18.63 -17.07
CA PHE D 325 -5.87 17.40 -16.33
C PHE D 325 -7.33 17.30 -15.93
N ASN D 326 -7.77 16.06 -15.71
CA ASN D 326 -9.16 15.82 -15.32
C ASN D 326 -9.42 16.28 -13.89
N SER D 327 -8.43 16.19 -13.02
CA SER D 327 -8.62 16.44 -11.60
C SER D 327 -7.52 17.32 -11.04
N PRO D 328 -7.77 17.98 -9.92
CA PRO D 328 -6.72 18.81 -9.31
C PRO D 328 -5.45 18.05 -8.93
N LYS D 329 -5.57 16.77 -8.53
CA LYS D 329 -4.46 16.09 -7.89
C LYS D 329 -3.25 15.91 -8.81
N ASP D 330 -3.44 15.98 -10.13
CA ASP D 330 -2.34 15.66 -11.03
C ASP D 330 -1.24 16.71 -11.00
N GLN D 331 -1.62 17.98 -10.97
CA GLN D 331 -0.67 19.10 -10.88
C GLN D 331 -1.17 20.08 -9.83
N PRO D 332 -1.07 19.72 -8.54
CA PRO D 332 -1.64 20.59 -7.50
C PRO D 332 -1.02 21.98 -7.46
N THR D 333 0.29 22.10 -7.70
CA THR D 333 0.92 23.41 -7.63
C THR D 333 0.47 24.30 -8.79
N ARG D 334 0.45 23.75 -10.00
CA ARG D 334 -0.05 24.51 -11.14
C ARG D 334 -1.52 24.85 -10.97
N TYR D 335 -2.30 23.90 -10.44
CA TYR D 335 -3.71 24.16 -10.18
C TYR D 335 -3.89 25.33 -9.21
N ASN D 336 -3.14 25.32 -8.11
CA ASN D 336 -3.26 26.38 -7.13
C ASN D 336 -2.81 27.71 -7.69
N LEU D 337 -1.69 27.73 -8.42
CA LEU D 337 -1.22 28.98 -9.01
C LEU D 337 -2.23 29.53 -10.01
N LEU D 338 -2.82 28.65 -10.81
CA LEU D 338 -3.80 29.06 -11.80
C LEU D 338 -5.06 29.60 -11.13
N VAL D 339 -5.53 28.93 -10.08
CA VAL D 339 -6.70 29.39 -9.34
C VAL D 339 -6.43 30.75 -8.71
N GLU D 340 -5.26 30.92 -8.10
CA GLU D 340 -4.95 32.20 -7.47
C GLU D 340 -4.83 33.31 -8.50
N GLN D 341 -4.25 33.03 -9.66
CA GLN D 341 -4.19 34.02 -10.72
C GLN D 341 -5.58 34.39 -11.22
N LEU D 342 -6.46 33.39 -11.35
CA LEU D 342 -7.81 33.69 -11.83
C LEU D 342 -8.59 34.47 -10.79
N VAL D 343 -8.39 34.16 -9.51
CA VAL D 343 -9.01 34.93 -8.43
C VAL D 343 -8.50 36.37 -8.43
N ARG D 344 -7.21 36.58 -8.67
CA ARG D 344 -6.69 37.94 -8.78
C ARG D 344 -7.32 38.68 -9.96
N SER D 345 -7.46 37.99 -11.10
CA SER D 345 -8.13 38.60 -12.24
C SER D 345 -9.60 38.91 -11.95
N TYR D 346 -10.26 38.09 -11.14
CA TYR D 346 -11.62 38.37 -10.71
C TYR D 346 -11.69 39.54 -9.75
N GLU D 347 -10.68 39.70 -8.88
CA GLU D 347 -10.60 40.85 -8.00
C GLU D 347 -10.17 42.12 -8.71
N SER D 348 -9.66 41.99 -9.94
CA SER D 348 -9.48 43.17 -10.78
C SER D 348 -10.83 43.76 -11.19
N ASP D 349 -11.84 42.90 -11.37
CA ASP D 349 -13.16 43.34 -11.80
C ASP D 349 -14.27 43.11 -10.77
N GLY D 350 -14.10 42.17 -9.84
CA GLY D 350 -15.14 41.93 -8.85
C GLY D 350 -15.19 43.03 -7.80
N GLU D 351 -14.08 43.74 -7.60
CA GLU D 351 -14.08 44.87 -6.68
C GLU D 351 -14.97 45.99 -7.18
N LEU D 352 -15.24 46.02 -8.49
CA LEU D 352 -16.07 47.08 -9.06
C LEU D 352 -17.50 46.99 -8.54
N LYS D 353 -17.86 45.85 -7.96
CA LYS D 353 -19.09 45.55 -7.24
C LYS D 353 -20.30 45.36 -8.16
N HIS D 354 -20.16 45.59 -9.46
CA HIS D 354 -21.26 45.27 -10.36
C HIS D 354 -21.33 43.77 -10.64
N GLU D 355 -20.17 43.12 -10.74
CA GLU D 355 -20.09 41.71 -11.10
C GLU D 355 -20.12 40.87 -9.84
N SER D 356 -21.25 40.22 -9.58
CA SER D 356 -21.35 39.32 -8.44
C SER D 356 -20.56 38.05 -8.70
N LEU D 357 -19.39 37.96 -8.08
CA LEU D 357 -18.50 36.84 -8.31
C LEU D 357 -19.13 35.54 -7.81
N LEU D 358 -18.90 34.46 -8.55
CA LEU D 358 -19.50 33.17 -8.26
C LEU D 358 -18.50 32.07 -8.63
N ILE D 359 -18.38 31.06 -7.77
CA ILE D 359 -17.33 30.06 -7.91
C ILE D 359 -17.91 28.65 -7.88
N ASN D 360 -17.37 27.79 -8.73
CA ASN D 360 -17.56 26.36 -8.68
C ASN D 360 -16.31 25.72 -8.10
N THR D 361 -16.47 24.59 -7.42
CA THR D 361 -15.34 23.90 -6.83
C THR D 361 -15.31 22.45 -7.29
N PRO D 362 -14.11 21.83 -7.32
CA PRO D 362 -14.00 20.48 -7.90
C PRO D 362 -14.88 19.43 -7.24
N GLY D 363 -14.95 18.26 -7.86
CA GLY D 363 -15.81 17.21 -7.35
C GLY D 363 -15.31 16.62 -6.04
N TRP D 364 -14.08 16.94 -5.65
CA TRP D 364 -13.58 16.48 -4.38
C TRP D 364 -14.28 17.18 -3.22
N ILE D 365 -14.89 16.38 -2.36
CA ILE D 365 -15.57 16.89 -1.17
C ILE D 365 -14.75 16.67 0.10
N LYS D 366 -13.85 15.69 0.11
CA LYS D 366 -13.04 15.37 1.27
C LYS D 366 -11.58 15.19 0.85
N GLY D 367 -10.68 15.30 1.82
CA GLY D 367 -9.27 15.12 1.54
C GLY D 367 -8.60 16.41 1.08
N TYR D 368 -7.60 16.24 0.21
CA TYR D 368 -6.90 17.40 -0.32
C TYR D 368 -7.84 18.30 -1.11
N GLY D 369 -8.93 17.73 -1.64
CA GLY D 369 -9.94 18.58 -2.26
C GLY D 369 -10.60 19.50 -1.25
N LEU D 370 -10.90 18.98 -0.06
CA LEU D 370 -11.42 19.82 1.00
C LEU D 370 -10.39 20.85 1.43
N GLU D 371 -9.10 20.47 1.42
CA GLU D 371 -8.04 21.43 1.72
C GLU D 371 -8.01 22.56 0.69
N LEU D 372 -8.14 22.21 -0.58
CA LEU D 372 -8.20 23.22 -1.64
C LEU D 372 -9.41 24.12 -1.47
N THR D 373 -10.55 23.54 -1.12
CA THR D 373 -11.75 24.34 -0.90
C THR D 373 -11.55 25.31 0.25
N ARG D 374 -10.94 24.86 1.34
CA ARG D 374 -10.69 25.74 2.49
C ARG D 374 -9.71 26.85 2.11
N THR D 375 -8.67 26.51 1.34
CA THR D 375 -7.73 27.53 0.89
C THR D 375 -8.41 28.56 0.01
N LEU D 376 -9.33 28.12 -0.84
CA LEU D 376 -10.11 29.05 -1.64
C LEU D 376 -11.00 29.93 -0.77
N ILE D 377 -11.63 29.34 0.24
CA ILE D 377 -12.54 30.09 1.10
C ILE D 377 -11.79 31.19 1.86
N GLU D 378 -10.57 30.88 2.32
CA GLU D 378 -9.78 31.92 2.96
C GLU D 378 -9.13 32.84 1.93
N ARG D 379 -9.06 32.41 0.67
CA ARG D 379 -8.46 33.24 -0.37
C ARG D 379 -9.47 34.26 -0.91
N VAL D 380 -10.68 33.82 -1.22
CA VAL D 380 -11.76 34.68 -1.66
C VAL D 380 -12.67 34.93 -0.47
N LYS D 381 -12.83 36.20 -0.09
CA LYS D 381 -13.76 36.52 0.98
C LYS D 381 -15.14 36.02 0.61
N PRO D 382 -15.63 34.96 1.26
CA PRO D 382 -16.76 34.21 0.69
C PRO D 382 -18.03 35.02 0.57
N THR D 383 -18.54 35.57 1.68
CA THR D 383 -19.81 36.28 1.74
C THR D 383 -20.98 35.35 1.44
N HIS D 384 -20.67 34.10 1.08
CA HIS D 384 -21.62 33.01 0.95
C HIS D 384 -20.84 31.74 0.67
N VAL D 385 -21.32 30.62 1.19
CA VAL D 385 -20.79 29.30 0.92
C VAL D 385 -21.95 28.32 0.92
N ILE D 386 -21.96 27.42 -0.07
CA ILE D 386 -22.97 26.38 -0.15
C ILE D 386 -22.29 25.01 -0.19
N TYR D 387 -22.75 24.12 0.68
CA TYR D 387 -22.32 22.73 0.68
C TYR D 387 -23.50 21.88 0.27
N LEU D 388 -23.24 20.82 -0.50
CA LEU D 388 -24.31 20.00 -1.03
C LEU D 388 -24.57 18.72 -0.24
N ASN D 389 -23.57 18.25 0.52
CA ASN D 389 -23.74 17.06 1.34
C ASN D 389 -23.41 17.39 2.78
N SER D 390 -24.18 16.82 3.70
CA SER D 390 -23.90 16.99 5.12
C SER D 390 -22.84 15.99 5.57
N GLY D 391 -21.88 16.46 6.36
CA GLY D 391 -20.80 15.61 6.81
C GLY D 391 -19.85 16.37 7.70
N THR D 392 -18.56 16.04 7.54
CA THR D 392 -17.52 16.68 8.34
C THR D 392 -17.17 18.08 7.83
N LEU D 393 -17.92 18.61 6.87
CA LEU D 393 -17.65 19.95 6.37
C LEU D 393 -17.85 20.99 7.47
N GLY D 394 -18.90 20.85 8.28
CA GLY D 394 -19.14 21.81 9.34
C GLY D 394 -18.02 21.88 10.34
N VAL D 395 -17.41 20.74 10.65
CA VAL D 395 -16.25 20.73 11.52
C VAL D 395 -15.04 21.31 10.80
N ASP D 396 -14.87 20.94 9.52
CA ASP D 396 -13.71 21.40 8.77
C ASP D 396 -13.80 22.89 8.43
N ILE D 397 -14.96 23.33 7.95
CA ILE D 397 -15.17 24.72 7.56
C ILE D 397 -15.88 25.44 8.69
N ASP D 398 -15.30 26.55 9.14
CA ASP D 398 -15.88 27.31 10.24
C ASP D 398 -17.24 27.88 9.84
N ILE D 399 -18.19 27.78 10.78
CA ILE D 399 -19.53 28.32 10.56
C ILE D 399 -19.53 29.83 10.81
N LYS D 401 -18.23 34.50 7.65
CA LYS D 401 -17.99 33.07 7.64
C LYS D 401 -19.25 32.28 7.33
N GLY D 402 -20.32 33.01 7.01
CA GLY D 402 -21.62 32.40 6.78
C GLY D 402 -21.64 31.35 5.68
N THR D 403 -22.18 30.18 6.01
CA THR D 403 -22.31 29.09 5.04
C THR D 403 -23.74 28.58 5.07
N ASN D 404 -24.17 28.01 3.95
CA ASN D 404 -25.50 27.42 3.84
C ASN D 404 -25.39 25.90 3.72
N LEU D 405 -26.48 25.21 4.06
CA LEU D 405 -26.57 23.77 3.93
C LEU D 405 -27.79 23.43 3.09
N ILE D 406 -27.54 22.77 1.95
CA ILE D 406 -28.60 22.35 1.04
C ILE D 406 -28.36 20.88 0.71
N PRO D 407 -29.39 20.03 0.83
CA PRO D 407 -29.19 18.61 0.54
C PRO D 407 -28.95 18.38 -0.95
N LEU D 408 -28.34 17.22 -1.24
CA LEU D 408 -27.77 16.99 -2.57
C LEU D 408 -28.83 17.09 -3.66
N GLN D 409 -29.94 16.37 -3.52
CA GLN D 409 -31.00 16.34 -4.52
C GLN D 409 -30.43 16.14 -5.93
N GLY D 410 -29.49 15.20 -6.03
CA GLY D 410 -28.80 15.02 -7.31
C GLY D 410 -29.74 14.52 -8.38
N SER D 411 -29.41 14.83 -9.63
CA SER D 411 -30.21 14.39 -10.76
C SER D 411 -30.26 12.87 -10.81
N PHE D 412 -31.47 12.33 -10.95
CA PHE D 412 -31.69 10.89 -10.98
C PHE D 412 -32.14 10.48 -12.37
N ASN D 413 -31.34 9.65 -13.03
CA ASN D 413 -31.68 9.14 -14.35
C ASN D 413 -30.86 7.87 -14.60
N HIS D 414 -31.32 7.08 -15.56
CA HIS D 414 -30.64 5.84 -15.90
C HIS D 414 -29.29 6.15 -16.55
N SER D 415 -28.36 5.19 -16.42
CA SER D 415 -27.04 5.36 -17.02
C SER D 415 -27.14 5.47 -18.54
N GLY D 416 -28.04 4.71 -19.15
CA GLY D 416 -28.25 4.83 -20.58
C GLY D 416 -28.80 6.18 -20.98
N SER D 417 -29.78 6.68 -20.22
CA SER D 417 -30.32 8.01 -20.50
C SER D 417 -29.36 9.10 -20.05
N ARG D 418 -28.73 8.93 -18.89
CA ARG D 418 -27.76 9.88 -18.36
C ARG D 418 -26.38 9.24 -18.47
N TYR D 419 -25.66 9.58 -19.53
CA TYR D 419 -24.36 8.99 -19.79
C TYR D 419 -23.36 9.39 -18.71
N SER D 420 -22.36 8.53 -18.51
CA SER D 420 -21.39 8.74 -17.45
C SER D 420 -20.61 10.04 -17.66
N SER D 421 -20.07 10.58 -16.56
CA SER D 421 -19.31 11.81 -16.65
C SER D 421 -18.07 11.64 -17.53
N SER D 422 -17.39 10.50 -17.40
CA SER D 422 -16.28 10.20 -18.30
C SER D 422 -16.75 9.92 -19.72
N GLN D 423 -17.99 9.48 -19.89
CA GLN D 423 -18.56 9.23 -21.21
C GLN D 423 -19.13 10.50 -21.83
N LEU D 424 -19.46 11.50 -21.01
CA LEU D 424 -19.97 12.77 -21.53
C LEU D 424 -18.86 13.79 -21.70
N ARG D 425 -17.73 13.61 -21.00
CA ARG D 425 -16.54 14.41 -21.29
C ARG D 425 -16.09 14.18 -22.72
N LEU D 426 -16.29 12.96 -23.24
CA LEU D 426 -15.94 12.68 -24.62
C LEU D 426 -16.79 13.49 -25.59
N LEU D 427 -18.08 13.62 -25.30
CA LEU D 427 -18.92 14.51 -26.11
C LEU D 427 -18.49 15.96 -25.97
N LYS D 428 -18.23 16.42 -24.74
CA LYS D 428 -17.83 17.81 -24.54
C LYS D 428 -16.50 18.10 -25.23
N THR D 429 -15.68 17.07 -25.42
CA THR D 429 -14.41 17.25 -26.13
C THR D 429 -14.62 17.20 -27.64
N MET D 430 -15.43 16.26 -28.12
CA MET D 430 -15.65 16.12 -29.55
C MET D 430 -16.35 17.34 -30.12
N ALA D 431 -17.45 17.77 -29.49
CA ALA D 431 -18.20 18.91 -30.01
C ALA D 431 -17.38 20.19 -29.96
N TYR D 432 -16.29 20.20 -29.19
CA TYR D 432 -15.41 21.36 -29.20
C TYR D 432 -14.77 21.54 -30.57
N PHE D 433 -14.27 20.45 -31.17
CA PHE D 433 -13.58 20.56 -32.44
C PHE D 433 -14.56 20.59 -33.61
N HIS D 434 -15.79 20.14 -33.39
CA HIS D 434 -16.76 19.98 -34.45
C HIS D 434 -17.72 21.15 -34.56
N LYS D 435 -17.46 22.27 -33.89
CA LYS D 435 -18.36 23.40 -33.90
C LYS D 435 -17.89 24.42 -34.93
N ILE D 436 -18.73 24.67 -35.94
CA ILE D 436 -18.46 25.74 -36.89
C ILE D 436 -18.64 27.10 -36.23
N ASP D 437 -19.70 27.24 -35.44
CA ASP D 437 -19.96 28.47 -34.70
C ASP D 437 -20.55 28.08 -33.35
N ASP D 438 -21.12 29.06 -32.66
CA ASP D 438 -21.65 28.83 -31.32
C ASP D 438 -22.80 27.82 -31.36
N PHE D 439 -23.66 27.90 -32.37
CA PHE D 439 -24.81 27.02 -32.48
C PHE D 439 -24.85 26.24 -33.78
N LYS D 440 -23.73 26.19 -34.51
CA LYS D 440 -23.62 25.39 -35.73
C LYS D 440 -22.63 24.26 -35.46
N PHE D 441 -23.06 23.03 -35.70
CA PHE D 441 -22.28 21.84 -35.36
C PHE D 441 -22.26 20.89 -36.54
N ASP D 442 -21.10 20.72 -37.15
CA ASP D 442 -20.90 19.78 -38.24
C ASP D 442 -20.10 18.59 -37.74
N PHE D 443 -20.75 17.42 -37.69
CA PHE D 443 -20.18 16.25 -37.03
C PHE D 443 -19.62 15.22 -38.02
N GLN D 444 -19.32 15.63 -39.23
CA GLN D 444 -18.56 14.77 -40.13
C GLN D 444 -17.13 14.64 -39.60
N PRO D 445 -16.50 13.47 -39.72
CA PRO D 445 -15.13 13.31 -39.23
C PRO D 445 -14.22 14.44 -39.69
N LEU D 446 -13.32 14.85 -38.78
CA LEU D 446 -12.45 15.99 -39.06
C LEU D 446 -11.44 15.71 -40.16
N LEU D 447 -11.22 14.44 -40.50
CA LEU D 447 -10.14 14.09 -41.45
C LEU D 447 -10.33 14.76 -42.80
N PHE D 448 -11.58 14.92 -43.24
CA PHE D 448 -11.83 15.43 -44.59
C PHE D 448 -11.50 16.92 -44.69
N SER D 449 -11.63 17.65 -43.58
CA SER D 449 -11.29 19.06 -43.55
C SER D 449 -9.78 19.25 -43.69
N PRO D 450 -9.32 20.42 -44.12
CA PRO D 450 -7.87 20.65 -44.28
C PRO D 450 -7.15 20.65 -42.95
N PRO D 451 -5.97 20.03 -42.87
CA PRO D 451 -5.28 19.83 -41.60
C PRO D 451 -4.68 21.07 -40.94
N ILE D 452 -4.74 22.25 -41.57
CA ILE D 452 -4.16 23.45 -40.99
C ILE D 452 -2.69 23.20 -40.62
N GLN D 453 -1.83 23.06 -41.63
CA GLN D 453 -0.42 22.76 -41.38
C GLN D 453 0.25 23.88 -40.60
N VAL D 454 1.07 23.50 -39.62
CA VAL D 454 1.83 24.44 -38.81
C VAL D 454 3.28 23.97 -38.75
N SER D 455 4.16 24.90 -38.38
CA SER D 455 5.57 24.57 -38.29
C SER D 455 5.93 24.13 -36.87
N TYR D 456 7.13 23.59 -36.73
CA TYR D 456 7.68 23.17 -35.45
C TYR D 456 9.15 23.55 -35.38
N GLY D 457 9.67 23.71 -34.16
CA GLY D 457 11.07 24.04 -33.99
C GLY D 457 11.29 25.45 -33.48
N VAL D 458 12.35 26.10 -33.97
CA VAL D 458 12.65 27.47 -33.57
C VAL D 458 11.80 28.41 -34.42
N SER D 459 11.04 27.84 -35.34
CA SER D 459 10.20 28.64 -36.23
C SER D 459 9.12 29.38 -35.43
N THR D 460 8.72 30.54 -35.96
CA THR D 460 7.78 31.40 -35.25
C THR D 460 6.36 30.83 -35.21
N GLY D 461 6.05 29.86 -36.08
CA GLY D 461 4.72 29.30 -36.11
C GLY D 461 4.31 28.65 -34.79
N ILE D 462 4.93 27.53 -34.46
CA ILE D 462 4.81 26.91 -33.15
C ILE D 462 6.21 26.50 -32.69
N SER D 463 6.57 26.91 -31.49
CA SER D 463 7.95 26.76 -31.03
C SER D 463 8.20 25.46 -30.27
N ALA D 464 7.52 25.23 -29.15
CA ALA D 464 8.01 24.24 -28.21
C ALA D 464 6.87 23.40 -27.66
N LEU D 465 7.24 22.27 -27.06
CA LEU D 465 6.32 21.30 -26.48
C LEU D 465 6.60 21.17 -24.99
N THR D 466 5.53 21.14 -24.19
CA THR D 466 5.65 20.93 -22.75
C THR D 466 4.68 19.86 -22.30
N HIS D 467 5.22 18.72 -21.86
CA HIS D 467 4.41 17.71 -21.20
C HIS D 467 4.19 18.08 -19.75
N LEU D 468 2.92 18.20 -19.37
CA LEU D 468 2.58 18.82 -18.09
C LEU D 468 2.97 17.94 -16.91
N LYS D 469 2.71 16.63 -17.00
CA LYS D 469 2.95 15.75 -15.87
C LYS D 469 4.09 14.78 -16.12
N GLU D 470 3.99 13.99 -17.20
CA GLU D 470 5.04 13.03 -17.54
C GLU D 470 6.20 13.79 -18.19
N THR D 471 6.87 14.58 -17.35
CA THR D 471 7.93 15.45 -17.84
C THR D 471 9.09 14.64 -18.42
N GLY D 472 9.44 13.53 -17.77
CA GLY D 472 10.53 12.71 -18.26
C GLY D 472 10.12 11.86 -19.44
N ILE D 473 10.54 12.27 -20.63
CA ILE D 473 10.20 11.58 -21.87
C ILE D 473 11.42 11.62 -22.76
N GLY D 474 11.70 10.50 -23.44
CA GLY D 474 12.81 10.46 -24.37
C GLY D 474 12.69 11.55 -25.43
N MET D 475 13.83 12.19 -25.73
CA MET D 475 13.82 13.31 -26.66
C MET D 475 13.42 12.87 -28.07
N ASP D 476 13.45 11.55 -28.32
CA ASP D 476 12.95 11.04 -29.59
C ASP D 476 11.49 10.64 -29.47
N HIS D 477 10.97 10.56 -28.25
CA HIS D 477 9.66 9.94 -28.04
C HIS D 477 8.53 10.95 -27.90
N LEU D 478 8.82 12.20 -27.51
CA LEU D 478 7.74 13.16 -27.35
C LEU D 478 7.07 13.49 -28.68
N GLU D 479 7.84 13.53 -29.77
CA GLU D 479 7.28 13.88 -31.07
C GLU D 479 6.25 12.84 -31.50
N ARG D 480 6.53 11.56 -31.23
CA ARG D 480 5.53 10.52 -31.44
C ARG D 480 4.42 10.60 -30.41
N SER D 481 4.74 11.07 -29.20
CA SER D 481 3.74 11.14 -28.14
C SER D 481 2.61 12.08 -28.51
N ILE D 482 2.93 13.23 -29.12
CA ILE D 482 1.88 14.19 -29.41
C ILE D 482 1.12 13.84 -30.68
N GLU D 483 1.57 12.83 -31.40
CA GLU D 483 0.85 12.41 -32.60
C GLU D 483 -0.51 11.82 -32.22
N ALA D 484 -1.55 12.26 -32.93
CA ALA D 484 -2.93 11.80 -32.72
C ALA D 484 -3.32 11.89 -31.25
N THR D 485 -3.21 13.08 -30.68
CA THR D 485 -3.67 13.33 -29.32
C THR D 485 -4.03 14.81 -29.22
N ILE D 486 -4.81 15.13 -28.19
CA ILE D 486 -5.35 16.47 -28.01
C ILE D 486 -4.38 17.29 -27.17
N VAL D 487 -3.89 18.39 -27.76
CA VAL D 487 -2.90 19.25 -27.13
C VAL D 487 -3.44 20.66 -27.10
N GLY D 488 -3.02 21.42 -26.08
CA GLY D 488 -3.40 22.80 -25.94
C GLY D 488 -2.34 23.72 -26.52
N ILE D 489 -2.76 24.59 -27.42
CA ILE D 489 -1.87 25.60 -28.01
C ILE D 489 -1.94 26.83 -27.12
N PHE D 490 -0.80 27.21 -26.56
CA PHE D 490 -0.70 28.37 -25.69
C PHE D 490 -0.17 29.57 -26.47
N LYS D 491 0.10 30.65 -25.74
CA LYS D 491 0.67 31.86 -26.30
C LYS D 491 1.70 32.43 -25.33
N VAL D 492 2.91 32.65 -25.82
CA VAL D 492 3.99 33.23 -25.02
C VAL D 492 4.59 34.39 -25.82
N LYS D 493 4.66 35.55 -25.18
CA LYS D 493 4.96 36.79 -25.88
C LYS D 493 6.42 37.18 -25.68
N ARG D 494 7.02 37.72 -26.74
CA ARG D 494 8.36 38.33 -26.72
C ARG D 494 9.38 37.25 -26.34
N ASP D 495 10.31 37.53 -25.43
CA ASP D 495 11.40 36.62 -25.09
C ASP D 495 11.06 35.68 -23.95
N HIS D 496 9.82 35.71 -23.45
CA HIS D 496 9.44 34.80 -22.36
C HIS D 496 9.62 33.35 -22.76
N LEU D 497 9.47 33.04 -24.06
CA LEU D 497 9.70 31.68 -24.52
C LEU D 497 11.18 31.33 -24.48
N GLU D 498 12.05 32.31 -24.69
CA GLU D 498 13.49 32.07 -24.73
C GLU D 498 14.07 31.69 -23.37
N GLU D 499 13.32 31.90 -22.28
CA GLU D 499 13.81 31.54 -20.96
C GLU D 499 13.96 30.03 -20.84
N CYS D 500 15.08 29.61 -20.24
CA CYS D 500 15.37 28.20 -20.05
C CYS D 500 16.11 27.97 -18.73
N PHE D 503 15.48 23.01 -25.58
CA PHE D 503 16.58 22.05 -25.56
C PHE D 503 17.27 21.96 -26.92
N ASN D 504 17.03 20.85 -27.62
CA ASN D 504 17.64 20.61 -28.92
C ASN D 504 16.60 20.77 -30.01
N LYS D 505 16.86 21.68 -30.95
CA LYS D 505 15.96 21.95 -32.06
C LYS D 505 16.78 22.00 -33.35
N GLY D 506 16.95 20.83 -33.98
CA GLY D 506 16.40 19.59 -33.48
C GLY D 506 15.00 19.30 -33.97
N GLN D 507 14.56 18.06 -33.76
CA GLN D 507 13.22 17.67 -34.21
C GLN D 507 12.13 18.45 -33.49
N LEU D 508 12.31 18.69 -32.19
CA LEU D 508 11.29 19.37 -31.40
C LEU D 508 11.94 19.90 -30.13
N PRO D 509 11.76 21.18 -29.81
CA PRO D 509 12.56 21.80 -28.73
C PRO D 509 12.29 21.25 -27.34
N LEU D 510 11.05 20.89 -27.01
CA LEU D 510 10.69 20.38 -25.68
C LEU D 510 11.03 21.41 -24.59
N LEU D 511 10.31 22.53 -24.58
CA LEU D 511 10.42 23.47 -23.48
C LEU D 511 10.04 22.77 -22.17
N PRO D 512 10.87 22.83 -21.15
CA PRO D 512 10.61 22.08 -19.92
C PRO D 512 9.42 22.65 -19.15
N TYR D 513 8.82 21.80 -18.34
CA TYR D 513 7.66 22.21 -17.55
C TYR D 513 8.06 23.18 -16.44
N LYS D 514 9.26 23.01 -15.88
CA LYS D 514 9.69 23.88 -14.79
C LYS D 514 9.81 25.33 -15.26
N GLU D 515 10.36 25.54 -16.46
CA GLU D 515 10.39 26.88 -17.02
C GLU D 515 9.02 27.29 -17.55
N PHE D 516 8.17 26.31 -17.85
CA PHE D 516 6.82 26.62 -18.31
C PHE D 516 5.99 27.27 -17.21
N ILE D 517 6.08 26.74 -15.99
CA ILE D 517 5.24 27.24 -14.91
C ILE D 517 5.55 28.71 -14.61
N LYS D 518 6.83 29.07 -14.62
CA LYS D 518 7.21 30.45 -14.33
C LYS D 518 6.71 31.40 -15.40
N LEU D 519 6.75 30.99 -16.67
CA LEU D 519 6.35 31.87 -17.76
C LEU D 519 4.84 32.05 -17.79
N SER D 520 4.40 33.28 -18.05
CA SER D 520 2.98 33.56 -18.20
C SER D 520 2.50 33.18 -19.60
N THR D 521 1.35 32.53 -19.65
CA THR D 521 0.84 31.99 -20.91
C THR D 521 -0.63 32.34 -21.06
N GLU D 522 -1.03 32.68 -22.29
CA GLU D 522 -2.43 32.87 -22.65
C GLU D 522 -2.88 31.71 -23.52
N PHE D 523 -4.02 31.12 -23.18
CA PHE D 523 -4.44 29.84 -23.74
C PHE D 523 -5.22 30.07 -25.02
N PHE D 524 -4.72 29.55 -26.13
CA PHE D 524 -5.50 29.47 -27.35
C PHE D 524 -6.19 28.11 -27.41
N ARG D 525 -7.07 27.94 -28.40
CA ARG D 525 -7.99 26.81 -28.39
C ARG D 525 -7.24 25.48 -28.49
N LEU D 526 -7.87 24.43 -27.96
CA LEU D 526 -7.26 23.11 -27.97
C LEU D 526 -7.05 22.60 -29.38
N ALA D 527 -5.97 21.86 -29.56
CA ALA D 527 -5.53 21.40 -30.87
C ALA D 527 -5.61 19.89 -30.93
N LEU D 528 -6.17 19.36 -32.01
CA LEU D 528 -6.06 17.95 -32.31
C LEU D 528 -4.96 17.72 -33.32
N VAL D 529 -4.00 16.88 -32.95
CA VAL D 529 -2.83 16.60 -33.77
C VAL D 529 -3.13 15.40 -34.65
N HIS D 530 -2.74 15.48 -35.92
CA HIS D 530 -2.98 14.42 -36.89
C HIS D 530 -1.74 14.25 -37.75
N SER D 531 -1.18 13.03 -37.75
CA SER D 531 -0.14 12.66 -38.70
C SER D 531 1.07 13.60 -38.62
N ILE D 532 1.78 13.53 -37.50
CA ILE D 532 3.07 14.20 -37.40
C ILE D 532 3.97 13.81 -38.56
N ASP D 533 4.53 14.82 -39.23
CA ASP D 533 5.50 14.59 -40.29
C ASP D 533 6.90 14.73 -39.69
N GLN D 534 7.76 13.75 -39.96
CA GLN D 534 9.09 13.76 -39.36
C GLN D 534 10.13 14.35 -40.31
N GLU D 535 10.05 14.01 -41.60
CA GLU D 535 11.03 14.50 -42.56
C GLU D 535 10.98 16.02 -42.67
N LYS D 536 9.83 16.62 -42.39
CA LYS D 536 9.68 18.06 -42.36
C LYS D 536 9.12 18.47 -41.00
N LYS D 537 9.49 19.68 -40.58
CA LYS D 537 9.01 20.18 -39.28
C LYS D 537 7.50 20.40 -39.30
N ILE D 538 6.91 20.52 -40.48
CA ILE D 538 5.48 20.78 -40.60
C ILE D 538 4.69 19.63 -39.98
N MET D 539 3.69 19.98 -39.18
CA MET D 539 2.81 19.01 -38.54
C MET D 539 1.37 19.48 -38.67
N ASN D 540 0.47 18.54 -38.93
CA ASN D 540 -0.94 18.89 -39.13
C ASN D 540 -1.60 19.15 -37.78
N LEU D 541 -2.58 20.05 -37.79
CA LEU D 541 -3.25 20.47 -36.56
C LEU D 541 -4.72 20.74 -36.83
N TYR D 542 -5.59 19.92 -36.24
CA TYR D 542 -7.02 20.12 -36.39
C TYR D 542 -7.54 20.88 -35.17
N ILE D 543 -7.88 22.14 -35.37
CA ILE D 543 -8.35 22.99 -34.28
C ILE D 543 -9.72 23.54 -34.67
N PRO D 544 -10.59 23.86 -33.71
CA PRO D 544 -11.91 24.38 -34.05
C PRO D 544 -11.87 25.80 -34.58
N GLN D 545 -13.04 26.40 -34.77
CA GLN D 545 -13.13 27.78 -35.26
C GLN D 545 -12.11 28.68 -34.57
N PHE D 546 -11.32 29.39 -35.37
CA PHE D 546 -10.24 30.19 -34.82
C PHE D 546 -9.90 31.31 -35.78
N ARG D 547 -9.65 32.49 -35.22
CA ARG D 547 -9.12 33.59 -36.00
C ARG D 547 -7.65 33.36 -36.32
N THR D 548 -7.17 34.07 -37.33
CA THR D 548 -5.77 33.92 -37.73
C THR D 548 -4.84 34.24 -36.57
N LEU D 549 -3.92 33.33 -36.28
CA LEU D 549 -2.98 33.48 -35.17
C LEU D 549 -1.83 34.38 -35.61
N ASP D 550 -2.15 35.66 -35.76
CA ASP D 550 -1.20 36.68 -36.18
C ASP D 550 -0.55 37.27 -34.94
N LEU D 551 0.76 37.04 -34.78
CA LEU D 551 1.51 37.55 -33.65
C LEU D 551 2.82 38.16 -34.14
N THR D 552 3.15 39.34 -33.59
CA THR D 552 4.43 39.97 -33.92
C THR D 552 5.59 39.11 -33.45
N LYS D 553 5.57 38.72 -32.18
CA LYS D 553 6.57 37.82 -31.63
C LYS D 553 6.00 36.81 -30.64
N GLU D 554 4.69 36.77 -30.45
CA GLU D 554 4.06 35.88 -29.48
C GLU D 554 4.06 34.46 -30.03
N ALA D 555 5.07 33.68 -29.65
CA ALA D 555 5.17 32.31 -30.10
C ALA D 555 4.09 31.45 -29.44
N ILE D 556 3.40 30.66 -30.27
CA ILE D 556 2.31 29.81 -29.79
C ILE D 556 2.92 28.45 -29.49
N ILE D 557 3.37 28.29 -28.25
CA ILE D 557 3.93 27.01 -27.84
C ILE D 557 2.81 26.00 -27.70
N MET D 558 3.19 24.74 -27.55
CA MET D 558 2.25 23.63 -27.45
C MET D 558 2.50 22.88 -26.16
N VAL D 559 1.43 22.38 -25.55
CA VAL D 559 1.55 21.57 -24.33
C VAL D 559 0.67 20.35 -24.47
N ARG D 560 1.04 19.27 -23.78
CA ARG D 560 0.24 18.06 -23.69
C ARG D 560 -0.14 17.86 -22.22
N GLY D 561 -1.42 17.75 -21.95
CA GLY D 561 -1.91 17.55 -20.60
C GLY D 561 -2.22 16.09 -20.32
N ASN D 562 -3.45 15.84 -19.87
CA ASN D 562 -3.96 14.50 -19.68
C ASN D 562 -5.23 14.26 -20.50
N THR D 563 -5.75 15.30 -21.15
CA THR D 563 -7.04 15.22 -21.82
C THR D 563 -7.06 14.08 -22.83
N ASP D 564 -8.14 13.30 -22.78
CA ASP D 564 -8.26 12.09 -23.57
C ASP D 564 -8.83 12.40 -24.95
N LEU D 565 -8.60 11.50 -25.88
CA LEU D 565 -9.03 11.67 -27.27
C LEU D 565 -10.18 10.71 -27.58
N PRO D 566 -11.38 11.20 -27.87
CA PRO D 566 -12.49 10.29 -28.18
C PRO D 566 -12.19 9.46 -29.41
N ILE D 567 -12.62 8.20 -29.37
CA ILE D 567 -12.35 7.28 -30.47
C ILE D 567 -13.07 7.75 -31.73
N TRP D 568 -14.22 8.41 -31.57
CA TRP D 568 -15.09 8.67 -32.70
C TRP D 568 -14.45 9.61 -33.72
N GLU D 569 -13.47 10.42 -33.29
CA GLU D 569 -12.83 11.32 -34.25
C GLU D 569 -11.53 10.72 -34.79
N ILE D 570 -11.04 9.64 -34.17
CA ILE D 570 -9.98 8.87 -34.79
C ILE D 570 -10.55 7.81 -35.74
N ALA D 571 -11.55 7.08 -35.27
CA ALA D 571 -12.10 5.96 -36.03
C ALA D 571 -13.59 5.84 -35.73
N SER D 572 -14.41 6.39 -36.61
CA SER D 572 -15.86 6.23 -36.55
C SER D 572 -16.28 5.32 -37.70
N ASN D 573 -17.57 5.03 -37.76
CA ASN D 573 -18.08 4.14 -38.80
C ASN D 573 -17.83 4.72 -40.18
N GLU D 574 -18.00 6.03 -40.33
CA GLU D 574 -17.91 6.71 -41.62
C GLU D 574 -16.51 6.73 -42.20
N ILE D 575 -15.49 6.36 -41.42
CA ILE D 575 -14.13 6.36 -41.93
C ILE D 575 -13.51 4.98 -41.78
N VAL D 576 -14.02 4.18 -40.83
CA VAL D 576 -13.62 2.78 -40.78
C VAL D 576 -14.18 2.03 -41.98
N LYS D 577 -15.46 2.23 -42.29
CA LYS D 577 -16.03 1.62 -43.49
C LYS D 577 -15.42 2.22 -44.75
N ARG D 578 -15.02 3.49 -44.68
CA ARG D 578 -14.42 4.14 -45.84
C ARG D 578 -13.07 3.51 -46.18
N PHE D 579 -12.35 3.03 -45.16
CA PHE D 579 -11.00 2.50 -45.35
C PHE D 579 -10.91 1.02 -45.08
N LYS D 580 -11.28 0.59 -43.87
CA LYS D 580 -11.34 -0.81 -43.45
C LYS D 580 -9.96 -1.45 -43.35
N ARG D 581 -8.92 -0.72 -43.75
CA ARG D 581 -7.57 -1.23 -43.62
C ARG D 581 -7.11 -1.11 -42.17
N GLN D 582 -5.89 -1.60 -41.91
CA GLN D 582 -5.31 -1.45 -40.59
C GLN D 582 -5.03 0.02 -40.32
N LEU D 583 -5.86 0.61 -39.45
CA LEU D 583 -5.66 2.01 -39.10
C LEU D 583 -4.55 2.12 -38.06
N PRO D 584 -3.87 3.27 -37.98
CA PRO D 584 -2.64 3.33 -37.16
C PRO D 584 -2.85 3.08 -35.68
N TYR D 585 -3.72 3.86 -35.03
CA TYR D 585 -3.76 3.91 -33.57
C TYR D 585 -4.93 3.13 -32.98
N ILE D 586 -5.58 2.27 -33.74
CA ILE D 586 -6.71 1.51 -33.23
C ILE D 586 -6.47 0.02 -33.47
N THR D 587 -7.14 -0.80 -32.66
CA THR D 587 -7.15 -2.24 -32.82
C THR D 587 -8.57 -2.73 -32.89
N PHE D 588 -8.76 -3.87 -33.53
CA PHE D 588 -10.10 -4.43 -33.70
C PHE D 588 -10.22 -5.79 -33.02
#